data_9NRA
#
_entry.id   9NRA
#
_cell.length_a   1.00
_cell.length_b   1.00
_cell.length_c   1.00
_cell.angle_alpha   90.00
_cell.angle_beta   90.00
_cell.angle_gamma   90.00
#
_symmetry.space_group_name_H-M   'P 1'
#
loop_
_entity.id
_entity.type
_entity.pdbx_description
1 polymer 'Glutamate receptor 1'
2 polymer 'Isoform 2 of Glutamate receptor 4'
3 polymer "Auxiliary protein at A'/C'"
4 polymer 'Voltage-dependent calcium channel gamma-2 subunit'
5 non-polymer '{[7-morpholin-4-yl-2,3-dioxo-6-(trifluoromethyl)-3,4-dihydroquinoxalin-1(2H)-yl]methyl}phosphonic acid'
#
loop_
_entity_poly.entity_id
_entity_poly.type
_entity_poly.pdbx_seq_one_letter_code
_entity_poly.pdbx_strand_id
1 'polypeptide(L)'
;RTYIVTTILEDPYVMLKKNANQFEGNDRYEGYCVELAAEIAKHVGYSYRLEIVSDGKYGARDPDTKAWNGMVGELVYGRA
DVAVAPLTITLVREEVIDFSKPFMSLGISIMIKKPQKSKPGVFSFLDPLAYEIWMCIVFAYIGVSVVLFLVSRFSPYEWH
SEEFEEGRDQTTSDQSNEFGIFNSLWFSLGAFMQQGCDISPRSLSGRIVGGVWWFFTLIIISSYTANLAAFLTVERMVSP
IESAEDLAKQTEIAYGTLEAGSTKEFFRRSKIAVFEKMWTYMKSAEPSVFVRTTEEGMIRVRKSKGKYAYLLESTMNEYI
EQRKPCDTMKVGGNLDSKGYGIATPKGSALRNPVNLAVLKLNEQGLLDKLKNKWWYDKGECGSGGGDSKDKTSALSLSNV
AGVFYILIGGLGLAMLVALIEFCYKSR
;
A,C
2 'polypeptide(L)'
;VVVTTIMESPYVMYKKNHEMFEGNDKYEGYCVDLASEIAKHIGIKYKIAIVPDGKYGARDADTKIWNGMVGELVYGKAEI
AIAPLTITLVREEVIDFSKPFMSLGISIMIKKPQKSKPGVFSFLDPLAYEIWMCIVFAYIGVSVVLFLVSRFSPYEWHTE
EPEDGKEGPSDQPPNEFGIFNSLWFSLGAFMQQGCDISPRSLSGRIVGGVWWFFTLIIISSYTANLAAFLTVERMVSPIE
SAEDLAKQTEIAYGTLDSGSTKEFFRRSKIAVYEKMWTYMRSAEPSVFTRTTAEGVARVRKSKGKFAFLLESTMNEYTEQ
RKPCDTMKVGGNLDSKGYGVATPKGSSLRIPVNLAVLKLSEAGVLDKLKNKWWYDKGECGPKDSGSKDKTSALSLSNVAG
VFYILVGGLGLAMLVALIEFCYKS
;
B,D
3 'polypeptide(L)'
;(UNK)(UNK)(UNK)(UNK)(UNK)(UNK)(UNK)(UNK)(UNK)(UNK)(UNK)(UNK)(UNK)(UNK)(UNK)(UNK)
(UNK)(UNK)(UNK)(UNK)(UNK)(UNK)(UNK)(UNK)(UNK)(UNK)(UNK)(UNK)(UNK)(UNK)(UNK)(UNK)
(UNK)(UNK)(UNK)(UNK)(UNK)(UNK)(UNK)(UNK)(UNK)(UNK)(UNK)(UNK)(UNK)(UNK)(UNK)(UNK)
(UNK)(UNK)(UNK)(UNK)(UNK)(UNK)(UNK)(UNK)(UNK)(UNK)(UNK)(UNK)(UNK)(UNK)(UNK)(UNK)
(UNK)(UNK)(UNK)(UNK)(UNK)(UNK)(UNK)(UNK)(UNK)(UNK)(UNK)(UNK)(UNK)(UNK)(UNK)(UNK)
(UNK)(UNK)(UNK)(UNK)(UNK)(UNK)(UNK)(UNK)(UNK)(UNK)(UNK)(UNK)(UNK)(UNK)(UNK)(UNK)
(UNK)(UNK)(UNK)(UNK)(UNK)(UNK)(UNK)(UNK)(UNK)(UNK)(UNK)(UNK)(UNK)(UNK)(UNK)(UNK)
(UNK)(UNK)(UNK)(UNK)(UNK)
;
E,G
4 'polypeptide(L)'
;DRGVQMLLTTVGAFAAFSLMTIAVGTDYWLYSRGVCKTKSVSENETSKKNEEVMTHSGLWRTCCLEGNFKGLCKQIDHFP
EDADYEADTAEYFLRAVRASSIFPILSVILLFMGGLCIAASEFYKTRHNIILSAGIFFVSAGLSNIIGIIVYISANAGDP
SKSDSKKNSYSYGWSFYFGALSFIIAEMVGVLAVHMFIDRHKQL
;
F,H
#
loop_
_chem_comp.id
_chem_comp.type
_chem_comp.name
_chem_comp.formula
ZK1 non-polymer '{[7-morpholin-4-yl-2,3-dioxo-6-(trifluoromethyl)-3,4-dihydroquinoxalin-1(2H)-yl]methyl}phosphonic acid' 'C14 H15 F3 N3 O6 P'
#
# COMPACT_ATOMS: atom_id res chain seq x y z
N ARG A 1 -48.67 33.90 43.71
CA ARG A 1 -47.36 34.41 44.08
C ARG A 1 -46.40 34.37 42.89
N THR A 2 -45.33 35.16 42.95
CA THR A 2 -44.36 35.21 41.88
C THR A 2 -43.27 34.15 42.09
N TYR A 3 -42.56 33.86 41.00
CA TYR A 3 -41.50 32.86 41.01
C TYR A 3 -40.31 33.41 40.24
N ILE A 4 -39.12 32.91 40.57
CA ILE A 4 -37.88 33.37 39.96
C ILE A 4 -37.14 32.18 39.37
N VAL A 5 -36.23 32.49 38.44
CA VAL A 5 -35.38 31.49 37.80
C VAL A 5 -33.94 32.00 37.79
N THR A 6 -32.99 31.09 37.99
CA THR A 6 -31.58 31.40 37.95
C THR A 6 -30.93 30.75 36.74
N THR A 7 -30.04 31.50 36.07
CA THR A 7 -29.40 31.06 34.84
C THR A 7 -27.91 31.37 34.89
N ILE A 8 -27.14 30.62 34.12
CA ILE A 8 -25.70 30.81 33.97
C ILE A 8 -25.40 30.97 32.49
N LEU A 9 -24.62 31.98 32.15
CA LEU A 9 -24.31 32.32 30.75
C LEU A 9 -22.85 31.99 30.46
N GLU A 10 -22.62 30.99 29.62
CA GLU A 10 -21.36 30.90 28.88
C GLU A 10 -21.56 30.95 27.38
N ASP A 11 -22.25 29.96 26.79
CA ASP A 11 -22.53 29.78 25.37
C ASP A 11 -23.53 28.65 25.17
N PRO A 12 -24.58 28.83 24.35
CA PRO A 12 -25.11 30.06 23.78
C PRO A 12 -26.44 30.35 24.46
N TYR A 13 -26.48 30.15 25.77
CA TYR A 13 -27.73 30.02 26.50
C TYR A 13 -28.37 31.36 26.81
N VAL A 14 -27.65 32.25 27.48
CA VAL A 14 -28.26 33.45 28.04
C VAL A 14 -27.58 34.63 27.32
N MET A 15 -27.42 34.49 26.01
CA MET A 15 -26.86 35.57 25.19
C MET A 15 -27.68 36.85 25.35
N LEU A 16 -26.98 37.95 25.59
CA LEU A 16 -27.63 39.25 25.67
C LEU A 16 -28.14 39.67 24.29
N LYS A 17 -29.16 40.52 24.29
CA LYS A 17 -29.76 40.97 23.04
C LYS A 17 -28.80 41.85 22.26
N LYS A 18 -28.94 41.81 20.93
CA LYS A 18 -28.11 42.65 20.06
C LYS A 18 -28.44 44.13 20.20
N ASN A 19 -29.57 44.46 20.80
CA ASN A 19 -29.97 45.84 21.05
C ASN A 19 -29.43 46.39 22.37
N ALA A 20 -28.58 45.61 23.05
CA ALA A 20 -27.87 46.00 24.29
C ALA A 20 -28.90 46.23 25.38
N ASN A 21 -28.91 47.38 26.06
CA ASN A 21 -29.71 47.58 27.26
C ASN A 21 -30.96 48.40 27.02
N GLN A 22 -31.37 48.57 25.76
CA GLN A 22 -32.59 49.34 25.48
C GLN A 22 -33.87 48.57 25.79
N PHE A 23 -33.77 47.26 26.07
CA PHE A 23 -34.94 46.45 26.36
C PHE A 23 -35.25 46.51 27.86
N GLU A 24 -36.17 45.66 28.31
CA GLU A 24 -36.68 45.70 29.68
C GLU A 24 -35.96 44.76 30.63
N GLY A 25 -34.97 43.99 30.16
CA GLY A 25 -34.26 43.11 31.06
C GLY A 25 -34.31 41.64 30.66
N ASN A 26 -35.04 40.84 31.45
CA ASN A 26 -35.10 39.40 31.23
C ASN A 26 -35.71 39.02 29.88
N ASP A 27 -36.53 39.89 29.31
CA ASP A 27 -37.04 39.65 27.96
C ASP A 27 -35.97 39.80 26.89
N ARG A 28 -34.85 40.46 27.21
CA ARG A 28 -33.72 40.58 26.29
C ARG A 28 -32.78 39.40 26.51
N TYR A 29 -33.23 38.24 26.05
CA TYR A 29 -32.45 37.00 26.20
C TYR A 29 -32.80 36.08 25.05
N GLU A 30 -31.85 35.87 24.15
CA GLU A 30 -32.03 35.00 22.99
C GLU A 30 -31.14 33.78 23.15
N GLY A 31 -31.76 32.61 23.18
CA GLY A 31 -30.99 31.39 23.36
C GLY A 31 -31.90 30.19 23.51
N TYR A 32 -31.30 29.09 23.97
CA TYR A 32 -32.03 27.83 24.12
C TYR A 32 -32.75 27.77 25.46
N CYS A 33 -32.02 27.96 26.56
CA CYS A 33 -32.59 27.75 27.88
C CYS A 33 -33.63 28.82 28.21
N VAL A 34 -33.48 30.03 27.69
CA VAL A 34 -34.45 31.09 27.98
C VAL A 34 -35.78 30.80 27.30
N GLU A 35 -35.75 30.34 26.05
CA GLU A 35 -36.99 29.95 25.38
C GLU A 35 -37.60 28.72 26.04
N LEU A 36 -36.75 27.78 26.48
CA LEU A 36 -37.23 26.63 27.22
C LEU A 36 -37.91 27.04 28.53
N ALA A 37 -37.32 28.01 29.22
CA ALA A 37 -37.90 28.52 30.47
C ALA A 37 -39.23 29.21 30.21
N ALA A 38 -39.31 30.02 29.15
CA ALA A 38 -40.56 30.69 28.82
C ALA A 38 -41.66 29.67 28.48
N GLU A 39 -41.32 28.65 27.69
CA GLU A 39 -42.31 27.65 27.31
C GLU A 39 -42.73 26.82 28.52
N ILE A 40 -41.78 26.43 29.37
CA ILE A 40 -42.12 25.60 30.53
C ILE A 40 -42.82 26.42 31.61
N ALA A 41 -42.67 27.74 31.61
CA ALA A 41 -43.46 28.59 32.48
C ALA A 41 -44.87 28.77 31.93
N LYS A 42 -45.02 28.84 30.61
CA LYS A 42 -46.37 28.88 30.03
C LYS A 42 -47.09 27.54 30.20
N HIS A 43 -46.33 26.44 30.31
CA HIS A 43 -46.94 25.12 30.41
C HIS A 43 -47.67 24.95 31.74
N VAL A 44 -47.02 25.27 32.86
CA VAL A 44 -47.59 25.04 34.17
C VAL A 44 -48.05 26.33 34.85
N GLY A 45 -47.38 27.44 34.61
CA GLY A 45 -47.79 28.72 35.17
C GLY A 45 -46.97 29.19 36.35
N TYR A 46 -46.00 30.06 36.08
CA TYR A 46 -45.20 30.76 37.09
C TYR A 46 -44.38 31.82 36.36
N SER A 47 -43.89 32.79 37.14
CA SER A 47 -43.12 33.88 36.58
C SER A 47 -41.70 33.42 36.26
N TYR A 48 -41.18 33.87 35.12
CA TYR A 48 -39.84 33.51 34.65
C TYR A 48 -38.85 34.65 34.83
N ARG A 49 -38.95 35.39 35.93
CA ARG A 49 -38.05 36.52 36.17
C ARG A 49 -36.63 36.02 36.39
N LEU A 50 -35.70 36.47 35.55
CA LEU A 50 -34.33 36.01 35.61
C LEU A 50 -33.63 36.54 36.85
N GLU A 51 -32.74 35.72 37.41
CA GLU A 51 -31.93 36.09 38.56
C GLU A 51 -30.46 36.09 38.16
N ILE A 52 -29.74 37.12 38.62
CA ILE A 52 -28.33 37.27 38.28
C ILE A 52 -27.51 36.29 39.11
N VAL A 53 -26.66 35.52 38.43
CA VAL A 53 -25.79 34.57 39.12
C VAL A 53 -24.75 35.35 39.94
N SER A 54 -24.46 34.83 41.13
CA SER A 54 -23.59 35.56 42.06
C SER A 54 -22.15 35.60 41.57
N ASP A 55 -21.62 34.46 41.13
CA ASP A 55 -20.21 34.36 40.74
C ASP A 55 -19.99 34.04 39.27
N GLY A 56 -21.01 33.51 38.58
CA GLY A 56 -20.86 33.15 37.18
C GLY A 56 -20.36 31.74 36.93
N LYS A 57 -20.01 31.00 37.98
CA LYS A 57 -19.55 29.64 37.85
C LYS A 57 -20.69 28.67 38.12
N TYR A 58 -20.59 27.47 37.53
CA TYR A 58 -21.61 26.45 37.73
C TYR A 58 -21.61 25.91 39.15
N GLY A 59 -20.45 25.88 39.80
CA GLY A 59 -20.34 25.41 41.16
C GLY A 59 -19.92 23.96 41.24
N ALA A 60 -19.33 23.61 42.38
CA ALA A 60 -18.87 22.25 42.65
C ALA A 60 -19.13 21.93 44.12
N ARG A 61 -18.75 20.71 44.51
CA ARG A 61 -19.00 20.27 45.89
C ARG A 61 -18.21 21.07 46.90
N ASP A 62 -17.01 21.55 46.52
CA ASP A 62 -16.11 22.33 47.36
C ASP A 62 -15.82 21.59 48.67
N PRO A 63 -15.00 20.53 48.64
CA PRO A 63 -14.72 19.79 49.88
C PRO A 63 -14.03 20.63 50.95
N ASP A 64 -13.33 21.69 50.57
CA ASP A 64 -12.74 22.60 51.54
C ASP A 64 -13.84 23.48 52.14
N THR A 65 -13.99 23.41 53.46
CA THR A 65 -14.99 24.16 54.23
C THR A 65 -16.42 23.91 53.77
N LYS A 66 -16.67 22.75 53.14
CA LYS A 66 -17.99 22.32 52.70
C LYS A 66 -18.70 23.35 51.83
N ALA A 67 -19.99 23.57 52.09
CA ALA A 67 -20.83 24.55 51.42
C ALA A 67 -20.96 24.30 49.93
N TRP A 68 -21.58 25.23 49.20
CA TRP A 68 -21.84 25.07 47.78
C TRP A 68 -21.81 26.45 47.13
N ASN A 69 -21.88 26.45 45.80
CA ASN A 69 -21.93 27.69 45.03
C ASN A 69 -22.61 27.40 43.70
N GLY A 70 -22.72 28.44 42.87
CA GLY A 70 -23.39 28.31 41.59
C GLY A 70 -24.90 28.29 41.74
N MET A 71 -25.56 27.74 40.72
CA MET A 71 -27.02 27.61 40.78
C MET A 71 -27.45 26.66 41.88
N VAL A 72 -26.74 25.53 42.03
CA VAL A 72 -27.05 24.59 43.10
C VAL A 72 -26.77 25.21 44.46
N GLY A 73 -25.72 26.03 44.56
CA GLY A 73 -25.42 26.72 45.81
C GLY A 73 -26.48 27.74 46.17
N GLU A 74 -27.01 28.45 45.16
CA GLU A 74 -28.10 29.37 45.41
C GLU A 74 -29.38 28.61 45.77
N LEU A 75 -29.59 27.45 45.17
CA LEU A 75 -30.80 26.68 45.44
C LEU A 75 -30.81 26.13 46.86
N VAL A 76 -29.67 25.61 47.31
CA VAL A 76 -29.63 25.05 48.66
C VAL A 76 -29.70 26.16 49.71
N TYR A 77 -29.04 27.29 49.45
CA TYR A 77 -28.97 28.38 50.43
C TYR A 77 -30.05 29.44 50.19
N GLY A 78 -31.30 29.00 50.04
CA GLY A 78 -32.45 29.89 49.98
C GLY A 78 -32.54 30.83 48.78
N ARG A 79 -33.73 31.42 48.61
CA ARG A 79 -33.99 32.43 47.58
C ARG A 79 -33.73 31.92 46.16
N ALA A 80 -33.98 30.63 45.92
CA ALA A 80 -33.86 30.05 44.59
C ALA A 80 -34.66 28.76 44.56
N ASP A 81 -35.49 28.59 43.54
CA ASP A 81 -36.35 27.42 43.46
C ASP A 81 -36.28 26.70 42.12
N VAL A 82 -36.08 27.43 41.03
CA VAL A 82 -36.06 26.84 39.68
C VAL A 82 -34.75 27.23 39.01
N ALA A 83 -34.03 26.22 38.51
CA ALA A 83 -32.80 26.42 37.74
C ALA A 83 -33.02 25.81 36.36
N VAL A 84 -33.11 26.66 35.35
CA VAL A 84 -33.38 26.20 33.99
C VAL A 84 -32.09 25.99 33.20
N ALA A 85 -31.04 26.73 33.52
CA ALA A 85 -29.79 26.64 32.78
C ALA A 85 -29.19 25.24 32.89
N PRO A 86 -28.71 24.67 31.78
CA PRO A 86 -28.27 23.27 31.81
C PRO A 86 -27.03 23.07 32.67
N LEU A 87 -26.95 21.91 33.30
CA LEU A 87 -25.83 21.53 34.13
C LEU A 87 -25.74 20.01 34.18
N THR A 88 -24.51 19.50 34.26
CA THR A 88 -24.29 18.06 34.17
C THR A 88 -24.77 17.36 35.45
N ILE A 89 -24.83 16.03 35.37
CA ILE A 89 -25.29 15.18 36.46
C ILE A 89 -24.08 14.48 37.06
N THR A 90 -23.92 14.59 38.39
CA THR A 90 -22.83 13.92 39.09
C THR A 90 -23.32 13.54 40.48
N LEU A 91 -22.46 12.85 41.23
CA LEU A 91 -22.86 12.29 42.52
C LEU A 91 -23.14 13.37 43.55
N VAL A 92 -22.30 14.40 43.61
CA VAL A 92 -22.43 15.40 44.67
C VAL A 92 -23.68 16.26 44.49
N ARG A 93 -24.11 16.46 43.25
CA ARG A 93 -25.35 17.20 43.03
C ARG A 93 -26.57 16.38 43.45
N GLU A 94 -26.56 15.07 43.18
CA GLU A 94 -27.67 14.22 43.60
C GLU A 94 -27.67 14.02 45.11
N GLU A 95 -26.49 14.07 45.75
CA GLU A 95 -26.43 13.90 47.19
C GLU A 95 -27.13 15.02 47.93
N VAL A 96 -27.19 16.22 47.34
CA VAL A 96 -27.82 17.36 47.99
C VAL A 96 -29.22 17.57 47.42
N ILE A 97 -29.31 17.81 46.12
CA ILE A 97 -30.59 18.11 45.48
C ILE A 97 -30.97 16.98 44.52
N ASP A 98 -32.12 17.12 43.87
CA ASP A 98 -32.58 16.14 42.90
C ASP A 98 -32.99 16.83 41.61
N PHE A 99 -32.86 16.11 40.50
CA PHE A 99 -33.19 16.61 39.18
C PHE A 99 -34.50 16.01 38.72
N SER A 100 -35.05 16.56 37.62
CA SER A 100 -36.28 16.02 37.08
C SER A 100 -36.01 14.98 35.99
N LYS A 101 -35.43 15.43 34.87
CA LYS A 101 -35.16 14.59 33.71
C LYS A 101 -34.10 15.28 32.86
N PRO A 102 -33.29 14.51 32.13
CA PRO A 102 -32.40 15.14 31.13
C PRO A 102 -33.15 15.42 29.84
N PHE A 103 -32.89 16.61 29.29
CA PHE A 103 -33.55 17.05 28.05
C PHE A 103 -32.64 16.98 26.83
N MET A 104 -31.43 16.44 26.97
CA MET A 104 -30.74 15.79 25.86
C MET A 104 -29.75 14.78 26.43
N SER A 105 -29.29 13.88 25.57
CA SER A 105 -28.27 12.90 25.91
C SER A 105 -26.99 13.26 25.16
N LEU A 106 -25.98 13.70 25.91
CA LEU A 106 -24.71 14.14 25.33
C LEU A 106 -23.58 13.28 25.88
N GLY A 107 -22.36 13.68 25.53
CA GLY A 107 -21.16 13.02 26.03
C GLY A 107 -19.95 13.80 25.60
N ILE A 108 -18.78 13.35 26.07
CA ILE A 108 -17.53 13.95 25.64
C ILE A 108 -17.28 13.62 24.18
N SER A 109 -16.74 14.59 23.45
CA SER A 109 -16.58 14.47 22.01
C SER A 109 -15.14 14.74 21.62
N ILE A 110 -14.78 14.34 20.42
CA ILE A 110 -13.46 14.55 19.85
C ILE A 110 -13.59 15.42 18.60
N MET A 111 -12.73 16.42 18.51
CA MET A 111 -12.72 17.33 17.37
C MET A 111 -11.32 17.39 16.76
N ILE A 112 -11.27 17.67 15.46
CA ILE A 112 -10.03 17.77 14.72
C ILE A 112 -10.12 18.99 13.80
N LYS A 113 -8.96 19.47 13.35
CA LYS A 113 -8.94 20.55 12.39
C LYS A 113 -9.53 20.10 11.07
N LYS A 114 -10.31 20.98 10.44
CA LYS A 114 -10.96 20.64 9.19
C LYS A 114 -9.92 20.51 8.08
N PRO A 115 -9.87 19.39 7.37
CA PRO A 115 -8.86 19.22 6.32
C PRO A 115 -9.12 20.08 5.11
N GLN A 116 -8.33 21.13 4.94
CA GLN A 116 -8.44 22.06 3.82
C GLN A 116 -7.19 21.94 2.97
N LYS A 117 -7.37 21.61 1.69
CA LYS A 117 -6.25 21.49 0.77
C LYS A 117 -6.72 21.87 -0.62
N SER A 118 -5.82 22.45 -1.41
CA SER A 118 -6.11 22.85 -2.78
C SER A 118 -5.09 22.21 -3.70
N LYS A 119 -5.58 21.44 -4.67
CA LYS A 119 -4.69 20.84 -5.65
C LYS A 119 -4.17 21.90 -6.62
N PRO A 120 -2.89 21.86 -6.98
CA PRO A 120 -2.35 22.91 -7.85
C PRO A 120 -2.61 22.65 -9.32
N GLY A 121 -2.07 23.50 -10.18
CA GLY A 121 -2.24 23.36 -11.62
C GLY A 121 -1.02 22.74 -12.29
N VAL A 122 -0.17 23.58 -12.87
CA VAL A 122 1.05 23.09 -13.49
C VAL A 122 2.03 22.54 -12.47
N PHE A 123 1.88 22.91 -11.19
CA PHE A 123 2.76 22.38 -10.15
C PHE A 123 2.48 20.91 -9.88
N SER A 124 1.21 20.49 -9.94
CA SER A 124 0.89 19.07 -9.80
C SER A 124 1.38 18.25 -10.98
N PHE A 125 1.60 18.89 -12.13
CA PHE A 125 2.16 18.20 -13.29
C PHE A 125 3.61 17.77 -13.00
N LEU A 126 4.44 18.70 -12.51
CA LEU A 126 5.82 18.38 -12.16
C LEU A 126 5.96 17.92 -10.71
N ASP A 127 4.86 17.51 -10.09
CA ASP A 127 4.91 17.05 -8.69
C ASP A 127 5.74 15.78 -8.50
N PRO A 128 5.46 14.64 -9.15
CA PRO A 128 6.11 13.40 -8.73
C PRO A 128 7.55 13.24 -9.21
N LEU A 129 8.04 14.10 -10.09
CA LEU A 129 9.39 13.96 -10.62
C LEU A 129 10.10 15.31 -10.59
N ALA A 130 10.10 15.93 -9.40
CA ALA A 130 10.96 17.07 -9.06
C ALA A 130 10.86 18.26 -10.00
N TYR A 131 11.89 19.10 -10.02
CA TYR A 131 11.98 20.22 -10.94
C TYR A 131 13.29 20.27 -11.71
N GLU A 132 14.42 19.93 -11.06
CA GLU A 132 15.71 20.03 -11.72
C GLU A 132 15.91 18.94 -12.76
N ILE A 133 15.32 17.76 -12.53
CA ILE A 133 15.48 16.65 -13.47
C ILE A 133 14.79 16.96 -14.79
N TRP A 134 13.67 17.69 -14.77
CA TRP A 134 13.02 18.10 -16.01
C TRP A 134 13.90 19.05 -16.81
N MET A 135 14.51 20.03 -16.14
CA MET A 135 15.37 20.99 -16.83
C MET A 135 16.59 20.29 -17.44
N CYS A 136 17.23 19.41 -16.67
CA CYS A 136 18.41 18.76 -17.22
C CYS A 136 18.07 17.65 -18.22
N ILE A 137 16.86 17.09 -18.20
CA ILE A 137 16.52 16.14 -19.26
C ILE A 137 16.13 16.89 -20.54
N VAL A 138 15.60 18.12 -20.42
CA VAL A 138 15.43 18.95 -21.61
C VAL A 138 16.78 19.32 -22.19
N PHE A 139 17.75 19.64 -21.30
CA PHE A 139 19.11 19.90 -21.74
C PHE A 139 19.71 18.68 -22.44
N ALA A 140 19.49 17.49 -21.87
CA ALA A 140 19.98 16.26 -22.49
C ALA A 140 19.32 16.01 -23.84
N TYR A 141 18.02 16.29 -23.94
CA TYR A 141 17.30 16.07 -25.19
C TYR A 141 17.85 16.99 -26.30
N ILE A 142 18.04 18.27 -25.99
CA ILE A 142 18.52 19.17 -27.02
C ILE A 142 19.98 18.88 -27.36
N GLY A 143 20.77 18.43 -26.38
CA GLY A 143 22.14 18.02 -26.68
C GLY A 143 22.21 16.78 -27.55
N VAL A 144 21.37 15.79 -27.26
CA VAL A 144 21.31 14.59 -28.12
C VAL A 144 20.83 14.95 -29.51
N SER A 145 19.91 15.92 -29.62
CA SER A 145 19.44 16.36 -30.93
C SER A 145 20.57 16.96 -31.75
N VAL A 146 21.33 17.88 -31.15
CA VAL A 146 22.39 18.54 -31.93
C VAL A 146 23.52 17.56 -32.25
N VAL A 147 23.86 16.68 -31.31
CA VAL A 147 24.96 15.77 -31.61
C VAL A 147 24.50 14.68 -32.58
N LEU A 148 23.20 14.37 -32.60
CA LEU A 148 22.67 13.47 -33.60
C LEU A 148 22.71 14.09 -34.98
N PHE A 149 22.43 15.40 -35.07
CA PHE A 149 22.64 16.12 -36.32
C PHE A 149 24.09 16.02 -36.77
N LEU A 150 25.02 16.20 -35.82
CA LEU A 150 26.45 16.13 -36.16
C LEU A 150 26.84 14.75 -36.67
N VAL A 151 26.40 13.69 -35.98
CA VAL A 151 26.83 12.35 -36.36
C VAL A 151 26.12 11.91 -37.65
N SER A 152 24.90 12.40 -37.90
CA SER A 152 24.19 12.02 -39.10
C SER A 152 24.74 12.73 -40.33
N ARG A 153 25.15 13.99 -40.18
CA ARG A 153 25.67 14.77 -41.30
C ARG A 153 27.19 14.86 -41.29
N PHE A 154 27.87 14.04 -40.48
CA PHE A 154 29.33 14.03 -40.40
C PHE A 154 29.96 12.86 -41.13
N SER A 155 29.33 11.69 -41.11
CA SER A 155 29.89 10.51 -41.77
C SER A 155 29.75 10.62 -43.29
N GLU A 178 20.31 14.06 -46.57
CA GLU A 178 19.22 14.28 -45.64
C GLU A 178 19.75 14.55 -44.23
N PHE A 179 18.87 14.34 -43.25
CA PHE A 179 19.20 14.45 -41.82
C PHE A 179 19.71 15.85 -41.46
N GLY A 180 18.85 16.84 -41.69
CA GLY A 180 19.15 18.20 -41.31
C GLY A 180 18.94 18.42 -39.83
N ILE A 181 19.18 19.66 -39.39
CA ILE A 181 18.98 20.02 -37.99
C ILE A 181 17.50 19.92 -37.63
N PHE A 182 16.61 20.30 -38.54
CA PHE A 182 15.18 20.11 -38.33
C PHE A 182 14.82 18.62 -38.31
N ASN A 183 15.41 17.84 -39.23
CA ASN A 183 15.15 16.41 -39.26
C ASN A 183 15.69 15.72 -38.02
N SER A 184 16.89 16.12 -37.57
CA SER A 184 17.45 15.56 -36.34
C SER A 184 16.61 15.93 -35.12
N LEU A 185 16.12 17.18 -35.08
CA LEU A 185 15.25 17.58 -33.99
C LEU A 185 13.95 16.79 -33.99
N TRP A 186 13.37 16.55 -35.17
CA TRP A 186 12.18 15.73 -35.28
C TRP A 186 12.42 14.29 -34.81
N PHE A 187 13.54 13.68 -35.23
CA PHE A 187 13.80 12.31 -34.84
C PHE A 187 14.07 12.20 -33.35
N SER A 188 14.81 13.17 -32.78
CA SER A 188 15.06 13.16 -31.34
C SER A 188 13.77 13.42 -30.55
N LEU A 189 12.88 14.25 -31.08
CA LEU A 189 11.61 14.50 -30.40
C LEU A 189 10.74 13.26 -30.42
N GLY A 190 10.72 12.53 -31.54
CA GLY A 190 9.99 11.28 -31.58
C GLY A 190 10.65 10.15 -30.82
N ALA A 191 11.96 10.24 -30.59
CA ALA A 191 12.70 9.23 -29.84
C ALA A 191 12.65 9.46 -28.34
N PHE A 192 12.48 10.71 -27.91
CA PHE A 192 12.51 11.04 -26.48
C PHE A 192 11.34 10.46 -25.72
N MET A 193 10.24 10.10 -26.42
CA MET A 193 9.06 9.66 -25.70
C MET A 193 8.25 8.56 -26.42
N GLN A 194 8.88 7.78 -27.31
CA GLN A 194 8.31 6.57 -27.89
C GLN A 194 6.99 6.82 -28.65
N GLN A 195 7.11 7.52 -29.77
CA GLN A 195 6.03 7.55 -30.75
C GLN A 195 6.38 6.92 -32.10
N GLY A 196 7.64 6.99 -32.51
CA GLY A 196 8.04 6.42 -33.79
C GLY A 196 7.97 7.42 -34.93
N CYS A 197 8.75 7.14 -35.97
CA CYS A 197 8.88 8.04 -37.11
C CYS A 197 9.39 7.24 -38.30
N ASP A 198 9.28 7.85 -39.48
CA ASP A 198 9.82 7.25 -40.70
C ASP A 198 11.30 7.53 -40.90
N ILE A 199 11.91 8.31 -40.02
CA ILE A 199 13.33 8.63 -40.08
C ILE A 199 14.11 7.53 -39.37
N SER A 200 15.22 7.10 -39.99
CA SER A 200 16.03 6.06 -39.41
C SER A 200 17.49 6.26 -39.80
N PRO A 201 18.42 6.21 -38.83
CA PRO A 201 19.83 6.42 -39.15
C PRO A 201 20.42 5.25 -39.94
N ARG A 202 21.51 5.55 -40.65
CA ARG A 202 22.22 4.56 -41.46
C ARG A 202 23.58 4.20 -40.89
N SER A 203 24.37 5.20 -40.49
CA SER A 203 25.67 4.93 -39.91
C SER A 203 25.52 4.27 -38.53
N LEU A 204 26.47 3.36 -38.23
CA LEU A 204 26.37 2.55 -37.01
C LEU A 204 26.44 3.40 -35.76
N SER A 205 27.20 4.50 -35.79
CA SER A 205 27.24 5.40 -34.64
C SER A 205 25.89 6.05 -34.38
N GLY A 206 25.17 6.41 -35.45
CA GLY A 206 23.83 6.95 -35.29
C GLY A 206 22.87 5.95 -34.68
N ARG A 207 22.95 4.69 -35.13
CA ARG A 207 22.12 3.64 -34.54
C ARG A 207 22.46 3.44 -33.07
N ILE A 208 23.75 3.48 -32.73
CA ILE A 208 24.16 3.28 -31.34
C ILE A 208 23.65 4.40 -30.46
N VAL A 209 23.81 5.66 -30.89
CA VAL A 209 23.36 6.78 -30.07
C VAL A 209 21.84 6.81 -29.97
N GLY A 210 21.14 6.44 -31.05
CA GLY A 210 19.70 6.33 -30.98
C GLY A 210 19.25 5.27 -29.99
N GLY A 211 19.93 4.13 -29.99
CA GLY A 211 19.58 3.07 -29.05
C GLY A 211 19.83 3.45 -27.60
N VAL A 212 20.96 4.12 -27.33
CA VAL A 212 21.24 4.58 -25.98
C VAL A 212 20.18 5.58 -25.53
N TRP A 213 19.80 6.51 -26.42
CA TRP A 213 18.76 7.47 -26.10
C TRP A 213 17.43 6.78 -25.82
N TRP A 214 17.08 5.78 -26.64
CA TRP A 214 15.84 5.03 -26.47
C TRP A 214 15.81 4.33 -25.11
N PHE A 215 16.91 3.66 -24.74
CA PHE A 215 16.99 2.99 -23.45
C PHE A 215 16.83 3.98 -22.31
N PHE A 216 17.54 5.11 -22.39
CA PHE A 216 17.49 6.11 -21.33
C PHE A 216 16.08 6.64 -21.13
N THR A 217 15.43 7.04 -22.23
CA THR A 217 14.11 7.65 -22.07
C THR A 217 13.05 6.61 -21.74
N LEU A 218 13.23 5.35 -22.15
CA LEU A 218 12.33 4.30 -21.70
C LEU A 218 12.40 4.13 -20.19
N ILE A 219 13.61 4.12 -19.64
CA ILE A 219 13.74 3.99 -18.19
C ILE A 219 13.18 5.22 -17.49
N ILE A 220 13.33 6.40 -18.09
CA ILE A 220 12.79 7.62 -17.50
C ILE A 220 11.26 7.58 -17.44
N ILE A 221 10.61 7.17 -18.54
CA ILE A 221 9.15 7.08 -18.55
C ILE A 221 8.65 6.02 -17.58
N SER A 222 9.35 4.88 -17.51
CA SER A 222 8.97 3.85 -16.54
C SER A 222 9.12 4.35 -15.11
N SER A 223 10.19 5.10 -14.84
CA SER A 223 10.40 5.66 -13.50
C SER A 223 9.32 6.68 -13.15
N TYR A 224 8.92 7.52 -14.10
CA TYR A 224 7.86 8.47 -13.85
C TYR A 224 6.55 7.77 -13.55
N THR A 225 6.21 6.74 -14.34
CA THR A 225 4.97 6.00 -14.11
C THR A 225 4.96 5.33 -12.74
N ALA A 226 6.08 4.69 -12.38
CA ALA A 226 6.18 4.05 -11.08
C ALA A 226 6.06 5.05 -9.94
N ASN A 227 6.73 6.20 -10.06
CA ASN A 227 6.68 7.21 -9.00
C ASN A 227 5.29 7.80 -8.87
N LEU A 228 4.61 8.04 -9.99
CA LEU A 228 3.26 8.59 -9.93
C LEU A 228 2.29 7.60 -9.30
N ALA A 229 2.39 6.33 -9.67
CA ALA A 229 1.52 5.32 -9.07
C ALA A 229 1.78 5.20 -7.57
N ALA A 230 3.05 5.23 -7.17
CA ALA A 230 3.39 5.20 -5.75
C ALA A 230 2.85 6.42 -5.02
N PHE A 231 2.92 7.59 -5.66
CA PHE A 231 2.49 8.81 -5.00
C PHE A 231 0.97 8.81 -4.76
N LEU A 232 0.18 8.42 -5.76
CA LEU A 232 -1.26 8.29 -5.52
C LEU A 232 -1.57 7.22 -4.49
N THR A 233 -0.85 6.10 -4.53
CA THR A 233 -1.10 5.02 -3.57
C THR A 233 -0.86 5.48 -2.14
N VAL A 234 0.26 6.17 -1.89
CA VAL A 234 0.55 6.62 -0.53
C VAL A 234 -0.30 7.82 -0.15
N GLU A 235 -0.76 8.61 -1.13
CA GLU A 235 -1.56 9.78 -0.81
C GLU A 235 -2.98 9.39 -0.41
N ARG A 236 -3.56 8.42 -1.09
CA ARG A 236 -4.92 7.99 -0.79
C ARG A 236 -4.96 6.82 0.20
N MET A 237 -3.80 6.22 0.51
CA MET A 237 -3.76 5.15 1.50
C MET A 237 -4.11 5.65 2.90
N VAL A 238 -3.73 6.89 3.23
CA VAL A 238 -4.01 7.44 4.55
C VAL A 238 -5.52 7.62 4.73
N SER A 239 -5.97 7.51 5.97
CA SER A 239 -7.38 7.57 6.31
C SER A 239 -7.62 8.61 7.38
N PRO A 240 -8.79 9.24 7.40
CA PRO A 240 -9.09 10.21 8.46
C PRO A 240 -9.20 9.55 9.82
N ILE A 241 -8.86 10.31 10.85
CA ILE A 241 -8.90 9.80 12.22
C ILE A 241 -10.34 9.75 12.69
N GLU A 242 -10.67 8.70 13.45
CA GLU A 242 -12.03 8.53 13.95
C GLU A 242 -11.99 7.63 15.19
N SER A 243 -13.09 7.65 15.93
CA SER A 243 -13.29 6.82 17.13
C SER A 243 -12.22 7.06 18.19
N ALA A 244 -12.08 6.12 19.12
CA ALA A 244 -11.12 6.23 20.21
C ALA A 244 -9.91 5.32 20.06
N GLU A 245 -10.09 4.11 19.55
CA GLU A 245 -8.96 3.19 19.42
C GLU A 245 -7.97 3.65 18.36
N ASP A 246 -8.46 4.21 17.25
CA ASP A 246 -7.56 4.74 16.23
C ASP A 246 -6.84 5.99 16.73
N LEU A 247 -7.51 6.81 17.54
CA LEU A 247 -6.85 7.95 18.16
C LEU A 247 -5.78 7.50 19.14
N ALA A 248 -6.05 6.42 19.89
CA ALA A 248 -5.05 5.89 20.81
C ALA A 248 -3.85 5.33 20.06
N LYS A 249 -4.08 4.62 18.96
CA LYS A 249 -2.97 4.09 18.18
C LYS A 249 -2.22 5.16 17.40
N GLN A 250 -2.83 6.32 17.18
CA GLN A 250 -2.17 7.40 16.47
C GLN A 250 -1.38 8.27 17.45
N THR A 251 -0.09 8.45 17.18
CA THR A 251 0.79 9.22 18.05
C THR A 251 1.23 10.54 17.44
N GLU A 252 1.01 10.75 16.15
CA GLU A 252 1.41 11.98 15.47
C GLU A 252 0.27 12.98 15.33
N ILE A 253 -0.88 12.70 15.93
CA ILE A 253 -2.03 13.59 15.83
C ILE A 253 -2.28 14.36 17.13
N ALA A 254 -1.86 13.83 18.28
CA ALA A 254 -1.88 14.48 19.60
C ALA A 254 -3.28 14.77 20.13
N TYR A 255 -3.41 14.82 21.46
CA TYR A 255 -4.68 15.10 22.12
C TYR A 255 -4.40 15.43 23.58
N GLY A 256 -5.43 15.93 24.25
CA GLY A 256 -5.29 16.32 25.64
C GLY A 256 -6.60 16.84 26.18
N THR A 257 -6.52 17.46 27.35
CA THR A 257 -7.70 18.01 28.01
C THR A 257 -7.26 19.10 28.97
N LEU A 258 -8.25 19.77 29.56
CA LEU A 258 -8.00 20.84 30.52
C LEU A 258 -7.91 20.27 31.94
N GLU A 259 -7.10 20.92 32.77
CA GLU A 259 -6.91 20.44 34.14
C GLU A 259 -8.14 20.73 35.00
N ALA A 260 -8.69 21.93 34.89
CA ALA A 260 -9.82 22.33 35.73
C ALA A 260 -11.13 22.02 35.00
N GLY A 261 -11.50 20.75 35.03
CA GLY A 261 -12.72 20.31 34.39
C GLY A 261 -13.06 18.89 34.79
N SER A 262 -14.30 18.51 34.48
CA SER A 262 -14.77 17.17 34.79
C SER A 262 -14.19 16.12 33.84
N THR A 263 -13.68 16.54 32.67
CA THR A 263 -13.10 15.59 31.73
C THR A 263 -11.86 14.92 32.29
N LYS A 264 -11.00 15.69 32.98
CA LYS A 264 -9.80 15.12 33.59
C LYS A 264 -10.17 14.13 34.70
N GLU A 265 -11.17 14.47 35.51
CA GLU A 265 -11.62 13.56 36.56
C GLU A 265 -12.21 12.29 35.97
N PHE A 266 -12.98 12.40 34.89
CA PHE A 266 -13.53 11.22 34.23
C PHE A 266 -12.44 10.35 33.63
N PHE A 267 -11.40 10.98 33.06
CA PHE A 267 -10.29 10.23 32.49
C PHE A 267 -9.50 9.51 33.58
N ARG A 268 -9.31 10.17 34.74
CA ARG A 268 -8.53 9.57 35.81
C ARG A 268 -9.30 8.45 36.51
N ARG A 269 -10.61 8.63 36.69
CA ARG A 269 -11.41 7.67 37.43
C ARG A 269 -11.83 6.46 36.60
N SER A 270 -11.62 6.48 35.29
CA SER A 270 -12.02 5.38 34.44
C SER A 270 -11.08 4.18 34.61
N LYS A 271 -11.65 2.98 34.48
CA LYS A 271 -10.89 1.74 34.62
C LYS A 271 -10.90 0.88 33.37
N ILE A 272 -11.61 1.30 32.32
CA ILE A 272 -11.62 0.54 31.08
C ILE A 272 -10.27 0.66 30.39
N ALA A 273 -9.88 -0.40 29.67
CA ALA A 273 -8.50 -0.55 29.19
C ALA A 273 -8.10 0.55 28.22
N VAL A 274 -8.98 0.91 27.29
CA VAL A 274 -8.62 1.94 26.32
C VAL A 274 -8.52 3.31 26.98
N PHE A 275 -9.48 3.62 27.85
CA PHE A 275 -9.47 4.91 28.53
C PHE A 275 -8.24 5.05 29.42
N GLU A 276 -7.90 4.00 30.17
CA GLU A 276 -6.66 3.99 30.94
C GLU A 276 -5.44 4.07 30.03
N LYS A 277 -5.54 3.50 28.81
CA LYS A 277 -4.42 3.53 27.89
C LYS A 277 -4.09 4.96 27.45
N MET A 278 -5.08 5.70 26.95
CA MET A 278 -4.66 7.05 26.57
C MET A 278 -4.53 7.96 27.78
N TRP A 279 -5.13 7.62 28.94
CA TRP A 279 -4.84 8.36 30.16
C TRP A 279 -3.38 8.25 30.54
N THR A 280 -2.81 7.03 30.45
CA THR A 280 -1.38 6.87 30.60
C THR A 280 -0.61 7.58 29.50
N TYR A 281 -1.20 7.69 28.31
CA TYR A 281 -0.53 8.40 27.22
C TYR A 281 -0.33 9.88 27.54
N MET A 282 -1.39 10.60 27.91
CA MET A 282 -1.17 12.02 28.16
C MET A 282 -0.79 12.29 29.61
N LYS A 283 -0.67 11.25 30.44
CA LYS A 283 -0.08 11.44 31.76
C LYS A 283 1.37 11.89 31.65
N SER A 284 2.11 11.31 30.71
CA SER A 284 3.48 11.75 30.42
C SER A 284 3.48 12.70 29.24
N ALA A 285 2.88 13.87 29.48
CA ALA A 285 2.76 14.92 28.47
C ALA A 285 3.93 15.88 28.64
N GLU A 286 4.95 15.71 27.80
CA GLU A 286 6.14 16.57 27.84
C GLU A 286 5.87 17.96 27.26
N PRO A 287 5.21 18.12 26.11
CA PRO A 287 4.88 19.48 25.65
C PRO A 287 3.77 20.10 26.49
N SER A 288 3.55 21.40 26.26
CA SER A 288 2.52 22.15 26.98
C SER A 288 1.15 21.80 26.41
N VAL A 289 0.70 20.60 26.75
CA VAL A 289 -0.56 20.09 26.22
C VAL A 289 -1.73 20.80 26.89
N PHE A 290 -1.71 20.91 28.21
CA PHE A 290 -2.85 21.43 28.94
C PHE A 290 -2.99 22.94 28.75
N VAL A 291 -4.23 23.38 28.57
CA VAL A 291 -4.56 24.79 28.39
C VAL A 291 -5.46 25.24 29.53
N ARG A 292 -5.76 26.54 29.56
CA ARG A 292 -6.55 27.12 30.64
C ARG A 292 -8.04 27.17 30.29
N THR A 293 -8.38 27.87 29.21
CA THR A 293 -9.77 28.08 28.83
C THR A 293 -10.08 27.35 27.53
N THR A 294 -11.39 27.22 27.26
CA THR A 294 -11.84 26.60 26.02
C THR A 294 -11.43 27.42 24.80
N GLU A 295 -11.55 28.75 24.90
CA GLU A 295 -11.16 29.63 23.80
C GLU A 295 -9.66 29.55 23.53
N GLU A 296 -8.85 29.46 24.58
CA GLU A 296 -7.40 29.35 24.39
C GLU A 296 -7.04 28.05 23.68
N GLY A 297 -7.65 26.94 24.08
CA GLY A 297 -7.40 25.68 23.38
C GLY A 297 -7.90 25.70 21.95
N MET A 298 -9.04 26.35 21.71
CA MET A 298 -9.59 26.44 20.36
C MET A 298 -8.69 27.25 19.44
N ILE A 299 -8.18 28.40 19.93
CA ILE A 299 -7.29 29.19 19.09
C ILE A 299 -5.93 28.52 18.96
N ARG A 300 -5.52 27.71 19.95
CA ARG A 300 -4.30 26.93 19.79
C ARG A 300 -4.48 25.86 18.71
N VAL A 301 -5.67 25.24 18.65
CA VAL A 301 -5.98 24.31 17.57
C VAL A 301 -5.91 25.02 16.22
N ARG A 302 -6.48 26.22 16.14
CA ARG A 302 -6.48 26.96 14.88
C ARG A 302 -5.06 27.36 14.47
N LYS A 303 -4.23 27.76 15.43
CA LYS A 303 -2.85 28.11 15.13
C LYS A 303 -2.05 26.90 14.68
N SER A 304 -2.24 25.76 15.34
CA SER A 304 -1.53 24.55 14.95
C SER A 304 -2.12 23.95 13.69
N LYS A 305 -3.40 23.55 13.74
CA LYS A 305 -4.19 23.06 12.61
C LYS A 305 -3.67 21.77 12.00
N GLY A 306 -2.61 21.19 12.57
CA GLY A 306 -2.10 19.94 12.05
C GLY A 306 -2.16 18.77 13.02
N LYS A 307 -1.95 19.04 14.31
CA LYS A 307 -1.98 17.97 15.31
C LYS A 307 -2.24 18.58 16.69
N TYR A 308 -3.50 18.50 17.14
CA TYR A 308 -3.89 18.80 18.52
C TYR A 308 -5.36 18.44 18.68
N ALA A 309 -5.76 18.23 19.94
CA ALA A 309 -7.15 17.99 20.28
C ALA A 309 -7.40 18.44 21.71
N TYR A 310 -8.68 18.69 22.03
CA TYR A 310 -9.06 19.20 23.34
C TYR A 310 -9.97 18.25 24.11
N LEU A 311 -10.68 17.34 23.44
CA LEU A 311 -11.62 16.39 24.07
C LEU A 311 -12.70 17.14 24.85
N LEU A 312 -13.42 17.99 24.14
CA LEU A 312 -14.45 18.85 24.71
C LEU A 312 -15.84 18.25 24.45
N GLU A 313 -16.87 18.91 24.99
CA GLU A 313 -18.21 18.34 25.04
C GLU A 313 -18.85 18.31 23.65
N SER A 314 -19.96 17.56 23.55
CA SER A 314 -20.63 17.40 22.26
C SER A 314 -21.35 18.68 21.85
N THR A 315 -22.08 19.30 22.78
CA THR A 315 -22.82 20.52 22.46
C THR A 315 -21.87 21.66 22.12
N MET A 316 -20.79 21.80 22.90
CA MET A 316 -19.80 22.83 22.59
C MET A 316 -19.11 22.57 21.27
N ASN A 317 -18.89 21.30 20.92
CA ASN A 317 -18.31 20.97 19.61
C ASN A 317 -19.24 21.35 18.48
N GLU A 318 -20.53 21.08 18.62
CA GLU A 318 -21.48 21.47 17.58
C GLU A 318 -21.62 22.98 17.50
N TYR A 319 -21.46 23.68 18.63
CA TYR A 319 -21.52 25.14 18.60
C TYR A 319 -20.31 25.74 17.89
N ILE A 320 -19.11 25.22 18.20
CA ILE A 320 -17.89 25.71 17.56
C ILE A 320 -17.87 25.33 16.08
N GLU A 321 -18.50 24.21 15.72
CA GLU A 321 -18.55 23.79 14.32
C GLU A 321 -19.30 24.80 13.45
N GLN A 322 -20.26 25.52 14.02
CA GLN A 322 -21.09 26.46 13.28
C GLN A 322 -20.62 27.90 13.43
N ARG A 323 -19.30 28.13 13.46
CA ARG A 323 -18.74 29.46 13.65
C ARG A 323 -18.10 29.99 12.38
N LYS A 324 -18.03 31.33 12.32
CA LYS A 324 -17.63 32.03 11.09
C LYS A 324 -16.27 31.63 10.52
N PRO A 325 -15.20 31.41 11.30
CA PRO A 325 -13.95 30.96 10.66
C PRO A 325 -14.07 29.60 9.98
N CYS A 326 -15.06 28.79 10.37
CA CYS A 326 -15.50 27.59 9.64
C CYS A 326 -14.33 26.60 9.47
N ASP A 327 -13.83 26.11 10.61
CA ASP A 327 -12.68 25.21 10.55
C ASP A 327 -12.71 24.09 11.58
N THR A 328 -13.83 23.84 12.25
CA THR A 328 -13.94 22.76 13.20
C THR A 328 -15.10 21.85 12.83
N MET A 329 -14.91 20.54 13.01
CA MET A 329 -15.91 19.56 12.62
C MET A 329 -15.94 18.44 13.65
N LYS A 330 -17.09 17.78 13.73
CA LYS A 330 -17.30 16.68 14.65
C LYS A 330 -16.97 15.35 13.99
N VAL A 331 -16.26 14.50 14.73
CA VAL A 331 -15.90 13.16 14.26
C VAL A 331 -16.14 12.18 15.41
N GLY A 332 -16.42 10.93 15.06
CA GLY A 332 -16.63 9.91 16.06
C GLY A 332 -17.99 10.05 16.75
N GLY A 333 -18.06 9.48 17.95
CA GLY A 333 -19.29 9.50 18.72
C GLY A 333 -19.10 9.87 20.17
N ASN A 334 -20.12 9.66 21.00
CA ASN A 334 -20.05 9.98 22.41
C ASN A 334 -19.38 8.84 23.17
N LEU A 335 -18.30 9.16 23.87
CA LEU A 335 -17.58 8.15 24.64
C LEU A 335 -18.30 7.79 25.93
N ASP A 336 -19.05 8.72 26.51
CA ASP A 336 -19.82 8.45 27.72
C ASP A 336 -21.28 8.84 27.52
N SER A 337 -22.07 8.81 28.59
CA SER A 337 -23.51 9.01 28.53
C SER A 337 -23.96 10.04 29.55
N LYS A 338 -23.29 11.19 29.58
CA LYS A 338 -23.68 12.28 30.47
C LYS A 338 -25.01 12.88 30.03
N GLY A 339 -25.67 13.56 30.98
CA GLY A 339 -26.95 14.16 30.70
C GLY A 339 -27.13 15.47 31.44
N TYR A 340 -28.04 16.29 30.91
CA TYR A 340 -28.38 17.57 31.51
C TYR A 340 -29.53 17.39 32.50
N GLY A 341 -30.12 18.50 32.93
CA GLY A 341 -31.26 18.45 33.83
C GLY A 341 -31.56 19.83 34.37
N ILE A 342 -32.71 19.92 35.03
CA ILE A 342 -33.16 21.15 35.68
C ILE A 342 -33.33 20.88 37.16
N ALA A 343 -32.90 21.84 37.98
CA ALA A 343 -32.78 21.64 39.42
C ALA A 343 -34.04 22.14 40.14
N THR A 344 -34.54 21.31 41.05
CA THR A 344 -35.68 21.62 41.91
C THR A 344 -35.37 21.21 43.34
N PRO A 345 -35.92 21.91 44.33
CA PRO A 345 -35.65 21.55 45.73
C PRO A 345 -36.55 20.42 46.19
N LYS A 346 -36.30 19.98 47.42
CA LYS A 346 -37.03 18.87 48.01
C LYS A 346 -38.32 19.38 48.66
N GLY A 347 -39.41 18.65 48.45
CA GLY A 347 -40.67 18.98 49.06
C GLY A 347 -41.40 20.15 48.43
N SER A 348 -40.88 20.71 47.34
CA SER A 348 -41.55 21.80 46.67
C SER A 348 -42.75 21.30 45.89
N ALA A 349 -43.69 22.20 45.63
CA ALA A 349 -44.87 21.88 44.85
C ALA A 349 -44.61 21.92 43.35
N LEU A 350 -43.40 22.28 42.92
CA LEU A 350 -43.07 22.37 41.51
C LEU A 350 -41.96 21.40 41.14
N ARG A 351 -42.07 20.15 41.60
CA ARG A 351 -41.12 19.11 41.26
C ARG A 351 -41.74 18.06 40.33
N ASN A 352 -42.87 17.46 40.72
CA ASN A 352 -43.57 16.54 39.83
C ASN A 352 -44.14 17.24 38.60
N PRO A 353 -44.85 18.40 38.71
CA PRO A 353 -45.37 19.03 37.48
C PRO A 353 -44.30 19.43 36.48
N VAL A 354 -43.13 19.88 36.94
CA VAL A 354 -42.08 20.24 36.01
C VAL A 354 -41.49 18.99 35.37
N ASN A 355 -41.49 17.85 36.09
CA ASN A 355 -41.05 16.60 35.50
C ASN A 355 -42.00 16.15 34.39
N LEU A 356 -43.31 16.24 34.64
CA LEU A 356 -44.28 15.92 33.59
C LEU A 356 -44.16 16.89 32.42
N ALA A 357 -43.89 18.16 32.70
CA ALA A 357 -43.74 19.15 31.63
C ALA A 357 -42.52 18.85 30.76
N VAL A 358 -41.38 18.54 31.38
CA VAL A 358 -40.18 18.29 30.59
C VAL A 358 -40.31 16.96 29.84
N LEU A 359 -40.99 15.97 30.42
CA LEU A 359 -41.23 14.73 29.70
C LEU A 359 -42.16 14.94 28.51
N LYS A 360 -43.20 15.77 28.69
CA LYS A 360 -44.10 16.09 27.59
C LYS A 360 -43.37 16.83 26.47
N LEU A 361 -42.48 17.76 26.84
CA LEU A 361 -41.69 18.46 25.83
C LEU A 361 -40.71 17.53 25.13
N ASN A 362 -40.15 16.56 25.85
CA ASN A 362 -39.25 15.59 25.23
C ASN A 362 -39.99 14.70 24.24
N GLU A 363 -41.19 14.24 24.59
CA GLU A 363 -41.92 13.35 23.69
C GLU A 363 -42.65 14.11 22.57
N GLN A 364 -42.89 15.40 22.75
CA GLN A 364 -43.62 16.16 21.74
C GLN A 364 -42.76 16.48 20.53
N GLY A 365 -41.45 16.58 20.72
CA GLY A 365 -40.55 16.97 19.66
C GLY A 365 -40.28 18.45 19.56
N LEU A 366 -40.92 19.27 20.39
CA LEU A 366 -40.65 20.71 20.38
C LEU A 366 -39.25 21.02 20.87
N LEU A 367 -38.69 20.15 21.73
CA LEU A 367 -37.29 20.31 22.14
C LEU A 367 -36.35 20.13 20.94
N ASP A 368 -36.65 19.15 20.09
CA ASP A 368 -35.86 18.96 18.88
C ASP A 368 -36.02 20.14 17.92
N LYS A 369 -37.23 20.69 17.83
CA LYS A 369 -37.47 21.87 17.01
C LYS A 369 -36.64 23.05 17.52
N LEU A 370 -36.61 23.25 18.83
CA LEU A 370 -35.84 24.35 19.41
C LEU A 370 -34.34 24.13 19.22
N LYS A 371 -33.88 22.89 19.35
CA LYS A 371 -32.47 22.57 19.12
C LYS A 371 -32.08 22.84 17.67
N ASN A 372 -32.92 22.43 16.71
CA ASN A 372 -32.63 22.67 15.31
C ASN A 372 -32.68 24.16 14.98
N LYS A 373 -33.57 24.90 15.63
CA LYS A 373 -33.69 26.33 15.36
C LYS A 373 -32.50 27.10 15.91
N TRP A 374 -32.09 26.80 17.14
CA TRP A 374 -31.06 27.56 17.82
C TRP A 374 -29.67 26.94 17.70
N TRP A 375 -29.52 25.89 16.91
CA TRP A 375 -28.22 25.28 16.70
C TRP A 375 -27.86 25.10 15.23
N TYR A 376 -28.83 25.08 14.32
CA TYR A 376 -28.57 24.90 12.89
C TYR A 376 -29.07 26.05 12.04
N ASP A 377 -30.26 26.58 12.35
CA ASP A 377 -30.85 27.61 11.49
C ASP A 377 -30.14 28.95 11.65
N LYS A 378 -29.85 29.35 12.88
CA LYS A 378 -29.28 30.66 13.15
C LYS A 378 -27.76 30.69 13.02
N GLY A 379 -27.13 29.54 12.76
CA GLY A 379 -25.70 29.50 12.56
C GLY A 379 -25.22 30.25 11.32
N GLU A 380 -24.25 31.15 11.50
CA GLU A 380 -23.71 31.90 10.37
C GLU A 380 -22.81 31.06 9.47
N CYS A 381 -22.43 29.86 9.90
CA CYS A 381 -21.62 28.95 9.11
C CYS A 381 -22.33 27.62 9.01
N GLY A 382 -22.04 26.89 7.94
CA GLY A 382 -22.59 25.54 7.77
C GLY A 382 -24.09 25.48 7.61
N SER A 383 -24.68 26.44 6.90
CA SER A 383 -26.11 26.35 6.60
C SER A 383 -26.41 25.15 5.72
N GLY A 384 -25.55 24.89 4.73
CA GLY A 384 -25.57 23.64 3.97
C GLY A 384 -24.40 22.81 4.49
N GLY A 385 -24.68 21.97 5.48
CA GLY A 385 -23.64 21.15 6.09
C GLY A 385 -23.08 20.14 5.09
N GLY A 386 -23.94 19.56 4.24
CA GLY A 386 -23.52 18.61 3.23
C GLY A 386 -23.02 19.40 2.01
N ASP A 387 -21.83 19.98 2.16
CA ASP A 387 -21.23 20.76 1.10
C ASP A 387 -20.18 20.00 0.32
N SER A 388 -19.55 19.02 0.98
CA SER A 388 -18.54 18.18 0.35
C SER A 388 -18.75 16.75 0.86
N LYS A 389 -19.54 15.98 0.12
CA LYS A 389 -19.82 14.60 0.50
C LYS A 389 -19.74 13.62 -0.66
N ASP A 390 -19.39 14.07 -1.87
CA ASP A 390 -19.26 13.15 -3.00
C ASP A 390 -18.11 12.19 -2.80
N LYS A 391 -16.98 12.69 -2.28
CA LYS A 391 -15.76 11.90 -2.05
C LYS A 391 -15.30 11.20 -3.33
N THR A 392 -15.15 11.98 -4.39
CA THR A 392 -14.73 11.46 -5.70
C THR A 392 -13.26 11.10 -5.63
N SER A 393 -12.95 9.82 -5.46
CA SER A 393 -11.57 9.34 -5.37
C SER A 393 -11.04 9.01 -6.76
N ALA A 394 -10.99 10.05 -7.60
CA ALA A 394 -10.50 9.92 -8.96
C ALA A 394 -9.85 11.23 -9.36
N LEU A 395 -8.98 11.15 -10.37
CA LEU A 395 -8.24 12.31 -10.83
C LEU A 395 -9.17 13.23 -11.60
N SER A 396 -9.54 14.35 -10.99
CA SER A 396 -10.47 15.30 -11.58
C SER A 396 -9.70 16.36 -12.38
N LEU A 397 -10.39 17.44 -12.74
CA LEU A 397 -9.83 18.50 -13.57
C LEU A 397 -9.06 19.49 -12.70
N SER A 398 -8.62 19.05 -11.53
CA SER A 398 -7.84 19.88 -10.62
C SER A 398 -6.40 19.40 -10.45
N ASN A 399 -6.00 18.32 -11.13
CA ASN A 399 -4.66 17.77 -10.97
C ASN A 399 -3.84 17.84 -12.25
N VAL A 400 -4.36 17.30 -13.36
CA VAL A 400 -3.62 17.21 -14.61
C VAL A 400 -4.07 18.25 -15.63
N ALA A 401 -5.11 19.03 -15.30
CA ALA A 401 -5.65 20.01 -16.23
C ALA A 401 -4.65 21.11 -16.57
N GLY A 402 -3.64 21.33 -15.72
CA GLY A 402 -2.57 22.24 -16.08
C GLY A 402 -1.84 21.82 -17.33
N VAL A 403 -1.71 20.51 -17.55
CA VAL A 403 -1.23 20.00 -18.82
C VAL A 403 -2.09 20.51 -19.96
N PHE A 404 -3.42 20.42 -19.78
CA PHE A 404 -4.36 20.94 -20.77
C PHE A 404 -4.16 22.43 -21.00
N TYR A 405 -3.61 23.14 -20.03
CA TYR A 405 -3.15 24.51 -20.28
C TYR A 405 -1.96 24.51 -21.23
N ILE A 406 -0.84 23.91 -20.81
CA ILE A 406 0.41 24.07 -21.55
C ILE A 406 0.29 23.45 -22.93
N LEU A 407 -0.42 22.32 -23.03
CA LEU A 407 -0.76 21.72 -24.32
C LEU A 407 -1.38 22.75 -25.25
N ILE A 408 -2.50 23.34 -24.83
CA ILE A 408 -3.12 24.34 -25.70
C ILE A 408 -2.22 25.56 -25.79
N GLY A 409 -1.45 25.84 -24.72
CA GLY A 409 -0.45 26.88 -24.80
C GLY A 409 0.60 26.57 -25.85
N GLY A 410 1.06 25.32 -25.87
CA GLY A 410 1.91 24.87 -26.97
C GLY A 410 1.22 25.04 -28.29
N LEU A 411 -0.06 24.66 -28.35
CA LEU A 411 -0.87 24.91 -29.54
C LEU A 411 -0.87 26.39 -29.86
N GLY A 412 -1.08 27.23 -28.84
CA GLY A 412 -0.99 28.66 -29.04
C GLY A 412 0.38 29.06 -29.57
N LEU A 413 1.43 28.52 -28.95
CA LEU A 413 2.79 28.76 -29.45
C LEU A 413 2.90 28.26 -30.88
N ALA A 414 2.34 27.07 -31.15
CA ALA A 414 2.31 26.56 -32.51
C ALA A 414 1.64 27.55 -33.44
N MET A 415 0.49 28.08 -33.03
CA MET A 415 -0.20 29.08 -33.83
C MET A 415 0.71 30.28 -34.07
N LEU A 416 1.36 30.76 -32.99
CA LEU A 416 2.34 31.84 -33.16
C LEU A 416 3.43 31.46 -34.15
N VAL A 417 4.05 30.28 -33.97
CA VAL A 417 5.14 29.98 -34.90
C VAL A 417 4.55 29.77 -36.29
N ALA A 418 3.31 29.28 -36.36
CA ALA A 418 2.63 29.16 -37.64
C ALA A 418 2.61 30.50 -38.35
N LEU A 419 2.13 31.54 -37.65
CA LEU A 419 2.02 32.84 -38.32
C LEU A 419 3.38 33.36 -38.71
N ILE A 420 4.41 33.14 -37.88
CA ILE A 420 5.71 33.67 -38.26
C ILE A 420 6.28 32.87 -39.41
N GLU A 421 6.04 31.55 -39.44
CA GLU A 421 6.48 30.83 -40.62
C GLU A 421 5.55 31.10 -41.79
N PHE A 422 4.31 31.53 -41.51
CA PHE A 422 3.50 32.09 -42.57
C PHE A 422 4.17 33.34 -43.13
N CYS A 423 4.75 34.16 -42.25
CA CYS A 423 5.58 35.26 -42.70
C CYS A 423 6.75 34.74 -43.54
N TYR A 424 7.33 33.62 -43.12
CA TYR A 424 8.44 33.02 -43.87
C TYR A 424 8.00 32.56 -45.24
N LYS A 425 6.70 32.36 -45.46
CA LYS A 425 6.19 32.03 -46.78
C LYS A 425 5.31 33.14 -47.35
N SER A 426 5.25 34.30 -46.70
CA SER A 426 4.48 35.41 -47.24
C SER A 426 5.13 36.77 -47.08
N ARG A 427 6.35 36.85 -46.53
CA ARG A 427 7.03 38.13 -46.35
C ARG A 427 8.54 37.93 -46.26
N VAL B 1 17.92 0.87 59.03
CA VAL B 1 18.32 -0.04 57.96
C VAL B 1 18.92 0.76 56.81
N VAL B 2 20.15 0.42 56.45
CA VAL B 2 20.90 1.13 55.42
C VAL B 2 20.94 0.28 54.15
N VAL B 3 20.58 0.89 53.02
CA VAL B 3 20.67 0.24 51.72
C VAL B 3 21.44 1.18 50.80
N THR B 4 22.06 0.62 49.77
CA THR B 4 22.95 1.37 48.90
C THR B 4 22.61 1.12 47.43
N THR B 5 22.98 2.11 46.61
CA THR B 5 22.83 2.04 45.17
C THR B 5 23.92 2.90 44.55
N ILE B 6 23.93 2.99 43.22
CA ILE B 6 24.92 3.77 42.49
C ILE B 6 24.19 4.79 41.62
N MET B 7 24.62 6.04 41.69
CA MET B 7 23.99 7.10 40.90
C MET B 7 24.37 7.05 39.44
N GLU B 8 25.45 6.34 39.08
CA GLU B 8 25.92 6.27 37.70
C GLU B 8 25.30 5.08 36.96
N SER B 9 23.97 5.03 36.95
CA SER B 9 23.24 3.94 36.32
C SER B 9 21.83 4.42 36.01
N PRO B 10 21.14 3.81 35.01
CA PRO B 10 19.74 4.15 34.72
C PRO B 10 18.75 3.49 35.69
N TYR B 11 19.03 3.59 36.98
CA TYR B 11 18.16 3.06 38.02
C TYR B 11 17.78 4.07 39.09
N VAL B 12 18.49 5.18 39.21
CA VAL B 12 18.13 6.27 40.10
C VAL B 12 18.29 7.58 39.34
N MET B 13 17.58 8.60 39.81
CA MET B 13 17.64 9.92 39.19
C MET B 13 17.42 10.98 40.27
N TYR B 14 18.17 12.07 40.17
CA TYR B 14 18.02 13.16 41.12
C TYR B 14 16.69 13.88 40.88
N LYS B 15 15.93 14.09 41.95
CA LYS B 15 14.65 14.78 41.84
C LYS B 15 14.89 16.28 41.81
N LYS B 16 14.50 16.91 40.70
CA LYS B 16 14.71 18.34 40.42
C LYS B 16 16.21 18.62 40.49
N ASN B 17 16.63 19.75 41.03
CA ASN B 17 18.06 20.06 41.18
C ASN B 17 18.55 19.81 42.61
N HIS B 18 17.93 20.46 43.58
CA HIS B 18 18.35 20.33 44.98
C HIS B 18 17.20 20.73 45.87
N GLU B 19 17.19 20.18 47.10
CA GLU B 19 16.21 20.48 48.13
C GLU B 19 14.78 20.16 47.66
N MET B 20 14.64 19.06 46.92
CA MET B 20 13.34 18.58 46.47
C MET B 20 13.05 17.26 47.17
N PHE B 21 11.90 17.20 47.85
CA PHE B 21 11.49 16.04 48.65
C PHE B 21 12.55 15.67 49.69
N GLU B 22 12.79 16.61 50.60
CA GLU B 22 13.82 16.45 51.62
C GLU B 22 13.45 15.32 52.59
N GLY B 23 14.47 14.66 53.12
CA GLY B 23 14.26 13.56 54.04
C GLY B 23 15.05 12.32 53.66
N ASN B 24 14.36 11.21 53.42
CA ASN B 24 14.98 9.98 52.99
C ASN B 24 14.71 9.64 51.53
N ASP B 25 13.45 9.70 51.11
CA ASP B 25 13.06 9.30 49.76
C ASP B 25 13.34 10.46 48.81
N LYS B 26 14.42 10.38 48.04
CA LYS B 26 14.77 11.43 47.08
C LYS B 26 14.77 10.96 45.63
N TYR B 27 15.31 9.79 45.34
CA TYR B 27 15.56 9.35 43.97
C TYR B 27 14.46 8.40 43.50
N GLU B 28 14.12 8.50 42.21
CA GLU B 28 13.11 7.66 41.58
C GLU B 28 13.74 6.85 40.47
N GLY B 29 13.24 5.64 40.28
CA GLY B 29 13.80 4.75 39.29
C GLY B 29 13.35 3.32 39.53
N TYR B 30 13.94 2.42 38.73
CA TYR B 30 13.55 1.00 38.78
C TYR B 30 13.97 0.34 40.08
N CYS B 31 15.23 0.53 40.47
CA CYS B 31 15.76 -0.19 41.63
C CYS B 31 15.13 0.29 42.93
N VAL B 32 14.89 1.60 43.06
CA VAL B 32 14.30 2.11 44.30
C VAL B 32 12.83 1.69 44.40
N ASP B 33 12.13 1.60 43.28
CA ASP B 33 10.76 1.09 43.32
C ASP B 33 10.73 -0.40 43.65
N LEU B 34 11.71 -1.15 43.15
CA LEU B 34 11.83 -2.56 43.53
C LEU B 34 12.10 -2.70 45.02
N ALA B 35 12.97 -1.84 45.57
CA ALA B 35 13.24 -1.85 47.01
C ALA B 35 12.00 -1.46 47.80
N SER B 36 11.22 -0.49 47.31
CA SER B 36 9.99 -0.11 47.98
C SER B 36 8.98 -1.25 47.98
N GLU B 37 8.89 -1.98 46.86
CA GLU B 37 7.96 -3.11 46.79
C GLU B 37 8.38 -4.24 47.73
N ILE B 38 9.68 -4.57 47.77
CA ILE B 38 10.09 -5.64 48.68
C ILE B 38 9.99 -5.18 50.15
N ALA B 39 10.16 -3.89 50.41
CA ALA B 39 9.96 -3.37 51.75
C ALA B 39 8.50 -3.42 52.16
N LYS B 40 7.59 -3.16 51.22
CA LYS B 40 6.18 -3.34 51.51
C LYS B 40 5.83 -4.81 51.68
N HIS B 41 6.63 -5.69 51.06
CA HIS B 41 6.38 -7.13 51.21
C HIS B 41 6.79 -7.62 52.60
N ILE B 42 8.05 -7.38 53.00
CA ILE B 42 8.54 -7.97 54.24
C ILE B 42 8.43 -7.01 55.42
N GLY B 43 8.64 -5.72 55.17
CA GLY B 43 8.63 -4.74 56.25
C GLY B 43 10.01 -4.35 56.71
N ILE B 44 10.50 -3.19 56.25
CA ILE B 44 11.84 -2.73 56.58
C ILE B 44 11.89 -1.22 56.39
N LYS B 45 12.88 -0.58 57.01
CA LYS B 45 13.13 0.83 56.84
C LYS B 45 13.98 1.07 55.60
N TYR B 46 13.85 2.27 55.04
CA TYR B 46 14.51 2.61 53.79
C TYR B 46 15.72 3.49 54.04
N LYS B 47 16.59 3.57 53.02
CA LYS B 47 17.76 4.43 53.09
C LYS B 47 18.13 4.86 51.68
N ILE B 48 18.93 5.92 51.59
CA ILE B 48 19.33 6.49 50.31
C ILE B 48 20.84 6.67 50.29
N ALA B 49 21.53 6.08 51.27
CA ALA B 49 22.97 6.24 51.39
C ALA B 49 23.68 5.60 50.21
N ILE B 50 24.67 6.31 49.68
CA ILE B 50 25.44 5.87 48.51
C ILE B 50 26.91 5.81 48.89
N VAL B 51 27.55 4.69 48.58
CA VAL B 51 28.99 4.57 48.83
C VAL B 51 29.75 5.52 47.92
N PRO B 52 30.71 6.29 48.43
CA PRO B 52 31.45 7.24 47.58
C PRO B 52 32.54 6.61 46.74
N ASP B 53 32.63 5.28 46.67
CA ASP B 53 33.68 4.64 45.87
C ASP B 53 33.47 4.88 44.38
N GLY B 54 32.22 4.89 43.92
CA GLY B 54 31.93 5.10 42.51
C GLY B 54 31.95 3.82 41.70
N LYS B 55 33.06 3.09 41.77
CA LYS B 55 33.16 1.80 41.08
C LYS B 55 32.19 0.80 41.69
N TYR B 56 31.64 -0.07 40.85
CA TYR B 56 30.59 -0.98 41.29
C TYR B 56 31.15 -2.05 42.22
N GLY B 57 32.37 -2.51 41.96
CA GLY B 57 32.98 -3.54 42.79
C GLY B 57 33.94 -4.42 42.03
N ALA B 58 35.08 -4.72 42.63
CA ALA B 58 36.10 -5.54 41.99
C ALA B 58 36.87 -6.31 43.06
N ARG B 59 37.53 -7.38 42.62
CA ARG B 59 38.30 -8.25 43.51
C ARG B 59 39.76 -7.81 43.48
N ASP B 60 40.10 -6.81 44.29
CA ASP B 60 41.47 -6.34 44.41
C ASP B 60 42.23 -7.31 45.32
N ALA B 61 42.86 -8.31 44.70
CA ALA B 61 43.55 -9.34 45.47
C ALA B 61 44.82 -8.83 46.12
N ASP B 62 45.48 -7.85 45.49
CA ASP B 62 46.72 -7.31 46.04
C ASP B 62 46.48 -6.57 47.35
N THR B 63 45.40 -5.78 47.41
CA THR B 63 45.07 -5.00 48.60
C THR B 63 44.09 -5.70 49.53
N LYS B 64 43.45 -6.78 49.07
CA LYS B 64 42.51 -7.58 49.87
C LYS B 64 41.33 -6.76 50.38
N ILE B 65 40.95 -5.72 49.65
CA ILE B 65 39.81 -4.89 49.98
C ILE B 65 38.87 -4.86 48.78
N TRP B 66 37.57 -5.04 49.03
CA TRP B 66 36.56 -4.89 47.99
C TRP B 66 36.07 -3.46 47.96
N ASN B 67 35.86 -2.95 46.75
CA ASN B 67 35.46 -1.57 46.55
C ASN B 67 33.95 -1.46 46.37
N GLY B 68 33.39 -0.36 46.86
CA GLY B 68 31.98 -0.08 46.65
C GLY B 68 31.03 -0.82 47.58
N MET B 69 29.88 -1.22 47.03
CA MET B 69 28.82 -1.83 47.83
C MET B 69 29.25 -3.18 48.39
N VAL B 70 29.99 -3.97 47.61
CA VAL B 70 30.38 -5.30 48.07
C VAL B 70 31.34 -5.21 49.27
N GLY B 71 32.29 -4.27 49.22
CA GLY B 71 33.16 -4.07 50.37
C GLY B 71 32.44 -3.46 51.55
N GLU B 72 31.53 -2.52 51.27
CA GLU B 72 30.73 -1.89 52.31
C GLU B 72 29.83 -2.92 53.01
N LEU B 73 29.49 -4.01 52.32
CA LEU B 73 28.75 -5.09 52.96
C LEU B 73 29.67 -6.05 53.71
N VAL B 74 30.73 -6.52 53.05
CA VAL B 74 31.52 -7.61 53.61
C VAL B 74 32.32 -7.14 54.82
N TYR B 75 32.79 -5.89 54.81
CA TYR B 75 33.47 -5.36 55.99
C TYR B 75 32.53 -4.70 56.98
N GLY B 76 31.31 -4.38 56.54
CA GLY B 76 30.23 -4.06 57.46
C GLY B 76 29.93 -2.60 57.65
N LYS B 77 28.95 -2.09 56.89
CA LYS B 77 28.31 -0.82 57.20
C LYS B 77 26.82 -0.82 56.92
N ALA B 78 26.26 -1.95 56.50
CA ALA B 78 24.83 -2.08 56.20
C ALA B 78 24.48 -3.56 56.18
N GLU B 79 23.23 -3.86 55.80
CA GLU B 79 22.75 -5.23 55.74
C GLU B 79 22.00 -5.57 54.46
N ILE B 80 21.51 -4.59 53.71
CA ILE B 80 20.76 -4.81 52.48
C ILE B 80 21.39 -3.95 51.39
N ALA B 81 21.54 -4.52 50.19
CA ALA B 81 22.07 -3.77 49.05
C ALA B 81 21.30 -4.18 47.81
N ILE B 82 20.57 -3.24 47.23
CA ILE B 82 19.86 -3.45 45.97
C ILE B 82 20.47 -2.51 44.93
N ALA B 83 21.00 -3.10 43.86
CA ALA B 83 21.79 -2.37 42.88
C ALA B 83 22.03 -3.30 41.69
N PRO B 84 22.41 -2.75 40.52
CA PRO B 84 22.85 -3.61 39.42
C PRO B 84 24.18 -4.27 39.73
N LEU B 85 24.16 -5.57 40.01
CA LEU B 85 25.36 -6.31 40.42
C LEU B 85 25.38 -7.63 39.69
N THR B 86 26.34 -7.81 38.79
CA THR B 86 26.51 -9.10 38.13
C THR B 86 27.04 -10.14 39.11
N ILE B 87 26.71 -11.39 38.84
CA ILE B 87 27.03 -12.51 39.74
C ILE B 87 28.14 -13.33 39.11
N THR B 88 29.26 -13.45 39.83
CA THR B 88 30.36 -14.31 39.42
C THR B 88 30.91 -15.01 40.67
N LEU B 89 31.93 -15.84 40.46
CA LEU B 89 32.42 -16.71 41.52
C LEU B 89 33.05 -15.92 42.67
N VAL B 90 33.84 -14.89 42.35
CA VAL B 90 34.62 -14.22 43.38
C VAL B 90 33.72 -13.39 44.30
N ARG B 91 32.59 -12.90 43.79
CA ARG B 91 31.64 -12.20 44.65
C ARG B 91 30.67 -13.15 45.34
N GLU B 92 30.57 -14.40 44.88
CA GLU B 92 29.64 -15.35 45.47
C GLU B 92 30.21 -16.00 46.73
N GLU B 93 31.52 -16.29 46.73
CA GLU B 93 32.14 -17.00 47.83
C GLU B 93 32.25 -16.19 49.11
N VAL B 94 31.98 -14.88 49.05
CA VAL B 94 31.94 -14.04 50.25
C VAL B 94 30.52 -13.58 50.56
N ILE B 95 29.72 -13.27 49.54
CA ILE B 95 28.35 -12.80 49.71
C ILE B 95 27.44 -13.68 48.85
N ASP B 96 26.40 -14.23 49.46
CA ASP B 96 25.45 -15.04 48.70
C ASP B 96 24.57 -14.15 47.82
N PHE B 97 23.99 -14.77 46.80
CA PHE B 97 23.15 -14.08 45.84
C PHE B 97 21.81 -14.79 45.71
N SER B 98 20.74 -14.01 45.62
CA SER B 98 19.39 -14.55 45.47
C SER B 98 19.10 -14.79 43.99
N LYS B 99 17.86 -15.14 43.69
CA LYS B 99 17.46 -15.35 42.30
C LYS B 99 17.44 -14.02 41.55
N PRO B 100 17.97 -13.98 40.32
CA PRO B 100 17.94 -12.73 39.55
C PRO B 100 16.53 -12.33 39.19
N PHE B 101 16.28 -11.02 39.21
CA PHE B 101 14.97 -10.47 38.92
C PHE B 101 14.76 -10.11 37.46
N MET B 102 15.81 -10.17 36.63
CA MET B 102 15.68 -9.84 35.22
C MET B 102 16.85 -10.46 34.47
N SER B 103 16.54 -11.08 33.33
CA SER B 103 17.57 -11.73 32.52
C SER B 103 18.55 -10.72 31.96
N LEU B 104 19.79 -11.18 31.74
CA LEU B 104 20.87 -10.35 31.25
C LEU B 104 21.55 -11.05 30.09
N GLY B 105 22.10 -10.26 29.18
CA GLY B 105 22.86 -10.78 28.07
C GLY B 105 23.72 -9.70 27.46
N ILE B 106 24.66 -10.15 26.62
CA ILE B 106 25.56 -9.25 25.89
C ILE B 106 25.20 -9.36 24.41
N SER B 107 25.00 -8.21 23.78
CA SER B 107 24.56 -8.17 22.39
C SER B 107 25.33 -7.10 21.63
N ILE B 108 25.34 -7.26 20.31
CA ILE B 108 25.98 -6.30 19.40
C ILE B 108 25.02 -5.12 19.18
N MET B 109 25.53 -4.05 18.59
CA MET B 109 24.73 -2.85 18.35
C MET B 109 25.29 -2.15 17.12
N ILE B 110 24.39 -1.80 16.20
CA ILE B 110 24.73 -1.11 14.97
C ILE B 110 23.91 0.16 14.88
N LYS B 111 24.46 1.17 14.21
CA LYS B 111 23.78 2.44 14.08
C LYS B 111 22.61 2.34 13.10
N LYS B 112 21.67 3.25 13.24
CA LYS B 112 20.46 3.24 12.41
C LYS B 112 20.79 3.72 11.00
N PRO B 113 20.54 2.91 9.96
CA PRO B 113 20.73 3.40 8.59
C PRO B 113 19.67 4.41 8.21
N GLN B 114 20.05 5.33 7.33
CA GLN B 114 19.18 6.43 6.91
C GLN B 114 18.60 6.22 5.50
N LYS B 115 19.46 5.96 4.51
CA LYS B 115 19.01 5.70 3.15
C LYS B 115 20.13 5.02 2.39
N SER B 116 19.78 4.48 1.22
CA SER B 116 20.75 3.91 0.30
C SER B 116 20.65 4.67 -1.02
N LYS B 117 21.76 5.30 -1.42
CA LYS B 117 21.81 6.13 -2.62
C LYS B 117 22.97 5.68 -3.49
N PRO B 118 22.78 4.61 -4.27
CA PRO B 118 23.86 4.14 -5.14
C PRO B 118 23.83 4.81 -6.50
N GLY B 119 24.75 4.40 -7.38
CA GLY B 119 24.81 4.95 -8.73
C GLY B 119 24.18 4.03 -9.75
N VAL B 120 25.01 3.27 -10.46
CA VAL B 120 24.50 2.26 -11.39
C VAL B 120 23.70 1.20 -10.66
N PHE B 121 24.06 0.93 -9.40
CA PHE B 121 23.33 -0.06 -8.60
C PHE B 121 21.91 0.40 -8.30
N SER B 122 21.67 1.72 -8.27
CA SER B 122 20.31 2.22 -8.08
C SER B 122 19.43 1.85 -9.27
N PHE B 123 19.96 1.96 -10.49
CA PHE B 123 19.28 1.43 -11.65
C PHE B 123 19.21 -0.10 -11.58
N LEU B 124 20.26 -0.72 -11.07
CA LEU B 124 20.38 -2.17 -10.93
C LEU B 124 19.59 -2.71 -9.74
N ASP B 125 19.01 -1.84 -8.91
CA ASP B 125 18.34 -2.31 -7.70
C ASP B 125 17.09 -3.14 -7.97
N PRO B 126 16.10 -2.69 -8.76
CA PRO B 126 14.90 -3.51 -8.93
C PRO B 126 15.15 -4.67 -9.86
N LEU B 127 14.29 -5.69 -9.74
CA LEU B 127 14.20 -6.82 -10.68
C LEU B 127 15.51 -7.63 -10.72
N ALA B 128 15.69 -8.41 -9.64
CA ALA B 128 16.70 -9.47 -9.54
C ALA B 128 18.13 -8.96 -9.73
N TYR B 129 19.07 -9.88 -9.98
CA TYR B 129 20.42 -9.52 -10.38
C TYR B 129 20.81 -10.19 -11.70
N GLU B 130 20.55 -11.48 -11.84
CA GLU B 130 20.97 -12.23 -13.03
C GLU B 130 20.19 -11.85 -14.29
N ILE B 131 19.14 -11.04 -14.15
CA ILE B 131 18.27 -10.81 -15.30
C ILE B 131 18.99 -10.01 -16.37
N TRP B 132 19.86 -9.06 -16.00
CA TRP B 132 20.51 -8.23 -17.04
C TRP B 132 21.44 -9.03 -17.96
N MET B 133 22.33 -9.85 -17.41
CA MET B 133 23.13 -10.63 -18.35
C MET B 133 22.34 -11.77 -18.98
N CYS B 134 21.27 -12.24 -18.32
CA CYS B 134 20.31 -13.09 -19.04
C CYS B 134 19.68 -12.35 -20.22
N ILE B 135 19.35 -11.07 -20.03
CA ILE B 135 18.71 -10.27 -21.07
C ILE B 135 19.65 -10.08 -22.24
N VAL B 136 20.91 -9.73 -21.96
CA VAL B 136 21.83 -9.50 -23.07
C VAL B 136 22.17 -10.81 -23.77
N PHE B 137 22.23 -11.93 -23.04
CA PHE B 137 22.43 -13.22 -23.67
C PHE B 137 21.26 -13.55 -24.59
N ALA B 138 20.03 -13.31 -24.10
CA ALA B 138 18.84 -13.56 -24.91
C ALA B 138 18.80 -12.65 -26.14
N TYR B 139 19.20 -11.39 -25.97
CA TYR B 139 19.26 -10.45 -27.08
C TYR B 139 20.26 -10.90 -28.14
N ILE B 140 21.46 -11.30 -27.73
CA ILE B 140 22.45 -11.75 -28.69
C ILE B 140 21.97 -13.00 -29.41
N GLY B 141 21.36 -13.93 -28.66
CA GLY B 141 20.83 -15.13 -29.28
C GLY B 141 19.72 -14.87 -30.27
N VAL B 142 18.74 -14.02 -29.89
CA VAL B 142 17.64 -13.76 -30.79
C VAL B 142 18.12 -12.99 -32.01
N SER B 143 19.09 -12.09 -31.83
CA SER B 143 19.60 -11.32 -32.96
C SER B 143 20.33 -12.22 -33.95
N VAL B 144 21.18 -13.12 -33.45
CA VAL B 144 21.90 -13.99 -34.36
C VAL B 144 20.95 -14.99 -35.03
N VAL B 145 19.92 -15.47 -34.31
CA VAL B 145 18.98 -16.41 -34.94
C VAL B 145 18.11 -15.71 -35.98
N LEU B 146 17.64 -14.49 -35.70
CA LEU B 146 16.83 -13.79 -36.69
C LEU B 146 17.67 -13.35 -37.88
N PHE B 147 18.95 -13.05 -37.66
CA PHE B 147 19.85 -12.79 -38.79
C PHE B 147 20.02 -14.04 -39.64
N LEU B 148 20.11 -15.21 -38.99
CA LEU B 148 20.17 -16.47 -39.73
C LEU B 148 18.89 -16.71 -40.51
N VAL B 149 17.74 -16.34 -39.93
CA VAL B 149 16.46 -16.48 -40.63
C VAL B 149 16.43 -15.57 -41.86
N SER B 150 16.87 -14.32 -41.70
CA SER B 150 16.81 -13.37 -42.81
C SER B 150 17.83 -13.70 -43.90
N ARG B 151 18.97 -14.29 -43.53
CA ARG B 151 20.01 -14.59 -44.51
C ARG B 151 19.81 -15.94 -45.18
N PHE B 152 19.31 -16.94 -44.44
CA PHE B 152 19.12 -18.27 -45.02
C PHE B 152 17.99 -18.27 -46.04
N SER B 153 16.98 -17.44 -45.85
CA SER B 153 15.90 -17.33 -46.82
C SER B 153 16.37 -16.47 -47.99
N PRO B 154 16.40 -16.99 -49.22
CA PRO B 154 16.87 -16.24 -50.38
C PRO B 154 15.74 -15.47 -51.07
N ASN B 175 16.35 -10.66 -45.76
CA ASN B 175 17.33 -10.58 -46.84
C ASN B 175 18.06 -9.24 -46.81
N GLU B 176 17.30 -8.15 -46.66
CA GLU B 176 17.87 -6.81 -46.61
C GLU B 176 18.16 -6.41 -45.17
N PHE B 177 18.97 -7.23 -44.50
CA PHE B 177 19.32 -6.99 -43.10
C PHE B 177 20.66 -7.65 -42.81
N GLY B 178 21.68 -6.84 -42.56
CA GLY B 178 22.97 -7.34 -42.11
C GLY B 178 22.96 -7.57 -40.62
N ILE B 179 24.15 -7.83 -40.07
CA ILE B 179 24.27 -8.05 -38.64
C ILE B 179 23.96 -6.77 -37.87
N PHE B 180 24.45 -5.63 -38.35
CA PHE B 180 24.16 -4.36 -37.69
C PHE B 180 22.70 -3.97 -37.88
N ASN B 181 22.15 -4.21 -39.08
CA ASN B 181 20.75 -3.90 -39.32
C ASN B 181 19.84 -4.78 -38.46
N SER B 182 20.18 -6.07 -38.35
CA SER B 182 19.40 -6.96 -37.49
C SER B 182 19.51 -6.55 -36.03
N LEU B 183 20.71 -6.16 -35.60
CA LEU B 183 20.90 -5.72 -34.21
C LEU B 183 20.08 -4.48 -33.90
N TRP B 184 20.08 -3.50 -34.82
CA TRP B 184 19.31 -2.28 -34.60
C TRP B 184 17.81 -2.55 -34.66
N PHE B 185 17.37 -3.42 -35.56
CA PHE B 185 15.95 -3.77 -35.62
C PHE B 185 15.52 -4.47 -34.34
N SER B 186 16.34 -5.37 -33.83
CA SER B 186 16.03 -6.07 -32.58
C SER B 186 16.00 -5.11 -31.41
N LEU B 187 16.90 -4.12 -31.39
CA LEU B 187 16.87 -3.14 -30.30
C LEU B 187 15.66 -2.24 -30.40
N GLY B 188 15.32 -1.78 -31.62
CA GLY B 188 14.16 -0.93 -31.79
C GLY B 188 12.86 -1.65 -31.45
N ALA B 189 12.81 -2.94 -31.74
CA ALA B 189 11.72 -3.77 -31.23
C ALA B 189 11.76 -3.86 -29.71
N PHE B 190 12.96 -3.99 -29.13
CA PHE B 190 13.11 -4.11 -27.68
C PHE B 190 12.75 -2.83 -26.95
N MET B 191 12.91 -1.68 -27.60
CA MET B 191 12.71 -0.39 -26.96
C MET B 191 11.29 0.14 -27.16
N GLN B 192 10.45 -0.59 -27.89
CA GLN B 192 9.00 -0.32 -27.97
C GLN B 192 8.74 1.07 -28.57
N GLN B 193 9.32 1.29 -29.75
CA GLN B 193 9.04 2.48 -30.56
C GLN B 193 8.80 2.18 -32.04
N GLY B 194 9.40 1.14 -32.61
CA GLY B 194 9.21 0.80 -34.00
C GLY B 194 10.53 0.60 -34.71
N CYS B 195 10.48 0.57 -36.04
CA CYS B 195 11.67 0.36 -36.87
C CYS B 195 11.40 0.99 -38.24
N ASP B 196 12.27 0.68 -39.22
CA ASP B 196 12.13 1.23 -40.56
C ASP B 196 11.59 0.20 -41.56
N ILE B 197 12.20 -0.99 -41.63
CA ILE B 197 11.82 -2.01 -42.59
C ILE B 197 11.48 -3.28 -41.81
N SER B 198 10.23 -3.72 -41.94
CA SER B 198 9.86 -5.02 -41.41
C SER B 198 10.51 -6.13 -42.22
N PRO B 199 10.84 -7.25 -41.59
CA PRO B 199 11.39 -8.38 -42.37
C PRO B 199 10.45 -8.89 -43.45
N ARG B 200 9.13 -8.82 -43.21
CA ARG B 200 8.11 -9.14 -44.22
C ARG B 200 8.25 -10.56 -44.76
N SER B 201 8.64 -11.48 -43.89
CA SER B 201 8.81 -12.88 -44.25
C SER B 201 7.85 -13.73 -43.41
N LEU B 202 7.30 -14.78 -44.02
CA LEU B 202 6.38 -15.65 -43.30
C LEU B 202 7.07 -16.38 -42.16
N SER B 203 8.38 -16.62 -42.29
CA SER B 203 9.13 -17.18 -41.17
C SER B 203 9.33 -16.15 -40.07
N GLY B 204 9.63 -14.91 -40.44
CA GLY B 204 9.99 -13.89 -39.46
C GLY B 204 8.84 -13.36 -38.63
N ARG B 205 7.59 -13.66 -39.01
CA ARG B 205 6.44 -13.17 -38.25
C ARG B 205 6.43 -13.72 -36.83
N ILE B 206 6.69 -15.03 -36.68
CA ILE B 206 6.65 -15.66 -35.37
C ILE B 206 7.74 -15.08 -34.47
N VAL B 207 8.97 -14.98 -34.99
CA VAL B 207 10.07 -14.51 -34.17
C VAL B 207 9.90 -13.02 -33.82
N GLY B 208 9.41 -12.22 -34.76
CA GLY B 208 9.19 -10.81 -34.47
C GLY B 208 8.12 -10.61 -33.42
N GLY B 209 6.98 -11.30 -33.56
CA GLY B 209 5.92 -11.18 -32.59
C GLY B 209 6.31 -11.71 -31.21
N VAL B 210 7.08 -12.79 -31.18
CA VAL B 210 7.51 -13.36 -29.91
C VAL B 210 8.49 -12.42 -29.20
N TRP B 211 9.45 -11.84 -29.93
CA TRP B 211 10.35 -10.90 -29.29
C TRP B 211 9.63 -9.62 -28.87
N TRP B 212 8.63 -9.19 -29.65
CA TRP B 212 7.81 -8.06 -29.23
C TRP B 212 7.06 -8.38 -27.93
N PHE B 213 6.56 -9.61 -27.83
CA PHE B 213 5.83 -10.04 -26.65
C PHE B 213 6.76 -10.08 -25.44
N PHE B 214 8.00 -10.52 -25.67
CA PHE B 214 9.01 -10.55 -24.63
C PHE B 214 9.32 -9.14 -24.12
N THR B 215 9.54 -8.19 -25.03
CA THR B 215 9.92 -6.86 -24.57
C THR B 215 8.75 -6.13 -23.93
N LEU B 216 7.52 -6.36 -24.38
CA LEU B 216 6.39 -5.71 -23.72
C LEU B 216 6.16 -6.28 -22.32
N ILE B 217 6.26 -7.61 -22.17
CA ILE B 217 6.07 -8.17 -20.84
C ILE B 217 7.21 -7.75 -19.92
N ILE B 218 8.43 -7.59 -20.44
CA ILE B 218 9.52 -7.20 -19.55
C ILE B 218 9.43 -5.72 -19.17
N ILE B 219 8.96 -4.83 -20.06
CA ILE B 219 8.81 -3.43 -19.66
C ILE B 219 7.67 -3.29 -18.66
N SER B 220 6.57 -4.06 -18.85
CA SER B 220 5.49 -4.03 -17.87
C SER B 220 5.96 -4.53 -16.51
N SER B 221 6.71 -5.64 -16.50
CA SER B 221 7.23 -6.17 -15.25
C SER B 221 8.18 -5.20 -14.56
N TYR B 222 9.05 -4.53 -15.34
CA TYR B 222 9.99 -3.59 -14.77
C TYR B 222 9.27 -2.39 -14.16
N THR B 223 8.28 -1.84 -14.87
CA THR B 223 7.54 -0.69 -14.35
C THR B 223 6.78 -1.07 -13.08
N ALA B 224 6.12 -2.22 -13.08
CA ALA B 224 5.35 -2.63 -11.91
C ALA B 224 6.26 -2.94 -10.73
N ASN B 225 7.42 -3.57 -10.98
CA ASN B 225 8.36 -3.88 -9.91
C ASN B 225 8.94 -2.61 -9.31
N LEU B 226 9.26 -1.61 -10.15
CA LEU B 226 9.75 -0.35 -9.61
C LEU B 226 8.68 0.37 -8.81
N ALA B 227 7.42 0.30 -9.26
CA ALA B 227 6.32 0.89 -8.49
C ALA B 227 6.17 0.21 -7.14
N ALA B 228 6.27 -1.12 -7.11
CA ALA B 228 6.16 -1.84 -5.85
C ALA B 228 7.33 -1.54 -4.92
N PHE B 229 8.54 -1.41 -5.47
CA PHE B 229 9.70 -1.09 -4.66
C PHE B 229 9.66 0.34 -4.14
N LEU B 230 9.01 1.25 -4.88
CA LEU B 230 8.99 2.65 -4.48
C LEU B 230 7.82 2.99 -3.56
N THR B 231 6.71 2.25 -3.65
CA THR B 231 5.52 2.63 -2.88
C THR B 231 5.71 2.42 -1.39
N VAL B 232 6.54 1.47 -0.99
CA VAL B 232 6.82 1.20 0.42
C VAL B 232 8.31 0.92 0.58
N GLU B 233 8.78 1.01 1.82
CA GLU B 233 10.16 0.68 2.15
C GLU B 233 10.17 -0.21 3.39
N ARG B 234 11.08 -1.18 3.40
CA ARG B 234 11.23 -2.10 4.52
C ARG B 234 12.61 -2.03 5.17
N MET B 235 13.66 -1.77 4.39
CA MET B 235 15.00 -1.44 4.90
C MET B 235 15.58 -2.58 5.75
N VAL B 236 15.89 -3.68 5.05
CA VAL B 236 16.52 -4.84 5.68
C VAL B 236 17.83 -4.42 6.35
N SER B 237 17.99 -4.82 7.60
CA SER B 237 19.16 -4.44 8.37
C SER B 237 20.42 -5.09 7.79
N PRO B 238 21.57 -4.41 7.85
CA PRO B 238 22.81 -5.01 7.32
C PRO B 238 23.24 -6.28 8.03
N ILE B 239 22.95 -6.42 9.32
CA ILE B 239 23.35 -7.60 10.08
C ILE B 239 22.14 -8.10 10.87
N GLU B 240 22.14 -9.40 11.14
CA GLU B 240 21.05 -10.01 11.91
C GLU B 240 21.51 -11.04 12.94
N SER B 241 22.81 -11.35 13.01
CA SER B 241 23.29 -12.35 13.96
C SER B 241 24.78 -12.13 14.19
N ALA B 242 25.27 -12.71 15.29
CA ALA B 242 26.69 -12.56 15.64
C ALA B 242 27.56 -13.42 14.74
N GLU B 243 27.08 -14.60 14.34
CA GLU B 243 27.83 -15.45 13.43
C GLU B 243 28.01 -14.77 12.08
N ASP B 244 26.94 -14.17 11.55
CA ASP B 244 27.06 -13.40 10.32
C ASP B 244 27.93 -12.18 10.53
N LEU B 245 27.91 -11.60 11.73
CA LEU B 245 28.79 -10.47 12.04
C LEU B 245 30.26 -10.86 11.96
N ALA B 246 30.59 -12.05 12.46
CA ALA B 246 31.95 -12.55 12.34
C ALA B 246 32.28 -12.90 10.90
N LYS B 247 31.30 -13.39 10.14
CA LYS B 247 31.55 -13.86 8.79
C LYS B 247 31.76 -12.70 7.81
N GLN B 248 31.03 -11.60 8.00
CA GLN B 248 31.02 -10.54 6.99
C GLN B 248 32.36 -9.83 6.89
N THR B 249 32.94 -9.44 8.03
CA THR B 249 34.24 -8.77 8.12
C THR B 249 34.28 -7.52 7.23
N GLU B 250 33.31 -6.65 7.45
CA GLU B 250 33.29 -5.36 6.76
C GLU B 250 32.93 -4.18 7.67
N ILE B 251 32.44 -4.42 8.89
CA ILE B 251 32.12 -3.38 9.84
C ILE B 251 33.00 -3.59 11.07
N ALA B 252 33.69 -2.53 11.49
CA ALA B 252 34.61 -2.64 12.62
C ALA B 252 33.85 -2.93 13.92
N TYR B 253 34.44 -3.77 14.76
CA TYR B 253 33.83 -4.18 16.01
C TYR B 253 34.81 -3.91 17.16
N GLY B 254 34.29 -3.34 18.24
CA GLY B 254 35.08 -3.07 19.41
C GLY B 254 34.27 -3.15 20.68
N THR B 255 34.76 -3.92 21.66
CA THR B 255 33.97 -4.14 22.88
C THR B 255 34.17 -2.99 23.86
N LEU B 256 35.37 -2.88 24.42
CA LEU B 256 35.76 -1.90 25.44
C LEU B 256 37.23 -2.20 25.73
N ASP B 257 37.89 -1.29 26.44
CA ASP B 257 39.30 -1.50 26.75
C ASP B 257 39.48 -2.65 27.74
N SER B 258 38.64 -2.72 28.78
CA SER B 258 38.69 -3.80 29.75
C SER B 258 37.35 -3.87 30.46
N GLY B 259 37.09 -5.02 31.08
CA GLY B 259 35.85 -5.22 31.78
C GLY B 259 35.37 -6.65 31.61
N SER B 260 34.08 -6.84 31.89
CA SER B 260 33.49 -8.17 31.80
C SER B 260 33.49 -8.70 30.37
N THR B 261 33.17 -7.85 29.40
CA THR B 261 33.13 -8.29 28.01
C THR B 261 34.53 -8.66 27.52
N LYS B 262 35.54 -7.86 27.85
CA LYS B 262 36.90 -8.16 27.45
C LYS B 262 37.41 -9.43 28.11
N GLU B 263 37.08 -9.62 29.40
CA GLU B 263 37.50 -10.84 30.10
C GLU B 263 36.82 -12.07 29.52
N PHE B 264 35.54 -11.94 29.14
CA PHE B 264 34.84 -13.06 28.52
C PHE B 264 35.40 -13.38 27.15
N PHE B 265 35.75 -12.35 26.38
CA PHE B 265 36.32 -12.57 25.04
C PHE B 265 37.72 -13.16 25.11
N ARG B 266 38.50 -12.79 26.14
CA ARG B 266 39.86 -13.29 26.26
C ARG B 266 39.92 -14.73 26.73
N ARG B 267 38.86 -15.26 27.34
CA ARG B 267 38.85 -16.60 27.91
C ARG B 267 37.59 -17.35 27.51
N SER B 268 37.24 -17.31 26.23
CA SER B 268 36.07 -18.01 25.74
C SER B 268 36.44 -19.39 25.21
N LYS B 269 35.42 -20.21 24.95
CA LYS B 269 35.61 -21.58 24.51
C LYS B 269 34.80 -21.97 23.28
N ILE B 270 33.70 -21.28 22.98
CA ILE B 270 32.89 -21.61 21.81
C ILE B 270 33.68 -21.24 20.55
N ALA B 271 33.53 -22.05 19.50
CA ALA B 271 34.50 -22.09 18.40
C ALA B 271 34.62 -20.74 17.67
N VAL B 272 33.49 -20.08 17.40
CA VAL B 272 33.55 -18.83 16.66
C VAL B 272 34.15 -17.70 17.50
N TYR B 273 34.17 -17.84 18.82
CA TYR B 273 34.69 -16.78 19.67
C TYR B 273 36.20 -16.70 19.64
N GLU B 274 36.90 -17.82 19.40
CA GLU B 274 38.34 -17.73 19.22
C GLU B 274 38.69 -16.98 17.94
N LYS B 275 37.93 -17.19 16.86
CA LYS B 275 38.16 -16.42 15.65
C LYS B 275 37.81 -14.96 15.86
N MET B 276 36.77 -14.68 16.65
CA MET B 276 36.48 -13.29 17.01
C MET B 276 37.64 -12.67 17.80
N TRP B 277 38.21 -13.44 18.74
CA TRP B 277 39.32 -12.92 19.54
C TRP B 277 40.55 -12.67 18.69
N THR B 278 40.80 -13.53 17.70
CA THR B 278 41.88 -13.25 16.75
C THR B 278 41.56 -12.03 15.88
N TYR B 279 40.27 -11.79 15.60
CA TYR B 279 39.89 -10.58 14.88
C TYR B 279 40.19 -9.33 15.69
N MET B 280 39.85 -9.33 16.98
CA MET B 280 40.23 -8.19 17.83
C MET B 280 41.72 -8.15 18.12
N ARG B 281 42.45 -9.25 17.89
CA ARG B 281 43.89 -9.24 18.07
C ARG B 281 44.58 -8.32 17.08
N SER B 282 44.15 -8.35 15.81
CA SER B 282 44.68 -7.45 14.80
C SER B 282 43.80 -6.21 14.71
N ALA B 283 43.89 -5.39 15.75
CA ALA B 283 43.04 -4.21 15.93
C ALA B 283 43.80 -2.98 15.46
N GLU B 284 43.52 -2.53 14.24
CA GLU B 284 44.16 -1.33 13.73
C GLU B 284 43.54 -0.06 14.29
N PRO B 285 42.21 0.22 14.09
CA PRO B 285 41.71 1.56 14.47
C PRO B 285 41.29 1.68 15.93
N SER B 286 42.08 1.12 16.85
CA SER B 286 41.91 1.27 18.30
C SER B 286 40.48 0.93 18.75
N VAL B 287 40.12 -0.34 18.57
CA VAL B 287 38.78 -0.79 18.93
C VAL B 287 38.58 -0.88 20.44
N PHE B 288 39.64 -0.83 21.22
CA PHE B 288 39.55 -0.87 22.68
C PHE B 288 39.20 0.52 23.17
N THR B 289 37.90 0.80 23.23
CA THR B 289 37.42 2.10 23.67
C THR B 289 37.60 2.24 25.18
N ARG B 290 38.00 3.45 25.62
CA ARG B 290 38.26 3.66 27.03
C ARG B 290 36.96 3.67 27.83
N THR B 291 35.94 4.38 27.35
CA THR B 291 34.70 4.54 28.08
C THR B 291 33.52 4.21 27.17
N THR B 292 32.41 3.79 27.78
CA THR B 292 31.21 3.45 27.02
C THR B 292 30.59 4.68 26.36
N ALA B 293 30.65 5.84 27.03
CA ALA B 293 30.11 7.06 26.46
C ALA B 293 30.86 7.46 25.19
N GLU B 294 32.19 7.35 25.20
CA GLU B 294 32.97 7.62 24.01
C GLU B 294 32.63 6.65 22.88
N GLY B 295 32.43 5.38 23.22
CA GLY B 295 32.07 4.40 22.21
C GLY B 295 30.71 4.66 21.58
N VAL B 296 29.71 4.97 22.40
CA VAL B 296 28.39 5.24 21.83
C VAL B 296 28.38 6.55 21.05
N ALA B 297 29.15 7.55 21.49
CA ALA B 297 29.28 8.78 20.71
C ALA B 297 29.95 8.52 19.37
N ARG B 298 30.99 7.68 19.36
CA ARG B 298 31.69 7.38 18.11
C ARG B 298 30.81 6.58 17.15
N VAL B 299 30.03 5.63 17.67
CA VAL B 299 29.16 4.85 16.79
C VAL B 299 27.95 5.67 16.35
N ARG B 300 27.55 6.69 17.12
CA ARG B 300 26.52 7.59 16.66
C ARG B 300 27.05 8.56 15.61
N LYS B 301 28.33 8.90 15.69
CA LYS B 301 28.92 9.82 14.71
C LYS B 301 29.07 9.15 13.35
N SER B 302 29.59 7.93 13.31
CA SER B 302 29.82 7.20 12.07
C SER B 302 29.06 5.88 12.11
N LYS B 303 28.28 5.62 11.06
CA LYS B 303 27.49 4.41 10.96
C LYS B 303 28.13 3.33 10.10
N GLY B 304 29.19 3.66 9.37
CA GLY B 304 29.82 2.69 8.49
C GLY B 304 30.65 1.64 9.18
N LYS B 305 31.11 1.92 10.40
CA LYS B 305 31.97 0.98 11.13
C LYS B 305 31.86 1.29 12.62
N PHE B 306 32.77 0.70 13.40
CA PHE B 306 32.86 0.90 14.85
C PHE B 306 31.57 0.54 15.57
N ALA B 307 30.90 -0.52 15.10
CA ALA B 307 29.71 -1.00 15.78
C ALA B 307 30.07 -1.56 17.14
N PHE B 308 29.17 -1.38 18.10
CA PHE B 308 29.48 -1.62 19.51
C PHE B 308 29.02 -3.00 19.95
N LEU B 309 29.44 -3.38 21.16
CA LEU B 309 29.04 -4.64 21.77
C LEU B 309 28.96 -4.42 23.27
N LEU B 310 27.78 -4.57 23.85
CA LEU B 310 27.57 -4.21 25.24
C LEU B 310 26.41 -5.01 25.81
N GLU B 311 26.13 -4.79 27.09
CA GLU B 311 25.08 -5.55 27.77
C GLU B 311 23.70 -5.15 27.26
N SER B 312 22.73 -6.05 27.49
CA SER B 312 21.39 -5.86 26.94
C SER B 312 20.65 -4.71 27.63
N THR B 313 20.86 -4.54 28.94
CA THR B 313 20.12 -3.52 29.68
C THR B 313 20.56 -2.11 29.26
N MET B 314 21.87 -1.88 29.16
CA MET B 314 22.34 -0.58 28.70
C MET B 314 21.96 -0.35 27.24
N ASN B 315 21.90 -1.41 26.44
CA ASN B 315 21.46 -1.28 25.06
C ASN B 315 20.01 -0.83 24.98
N GLU B 316 19.13 -1.47 25.76
CA GLU B 316 17.73 -1.07 25.78
C GLU B 316 17.53 0.30 26.41
N TYR B 317 18.43 0.71 27.30
CA TYR B 317 18.37 2.07 27.83
C TYR B 317 18.75 3.09 26.76
N THR B 318 19.82 2.82 26.00
CA THR B 318 20.21 3.72 24.92
C THR B 318 19.19 3.74 23.79
N GLU B 319 18.41 2.66 23.66
CA GLU B 319 17.31 2.63 22.70
C GLU B 319 16.25 3.68 23.02
N GLN B 320 16.16 4.13 24.28
CA GLN B 320 15.18 5.12 24.70
C GLN B 320 15.83 6.45 25.09
N ARG B 321 16.97 6.77 24.49
CA ARG B 321 17.66 8.03 24.73
C ARG B 321 17.50 8.95 23.53
N LYS B 322 17.74 10.24 23.78
CA LYS B 322 17.32 11.32 22.86
C LYS B 322 17.73 11.17 21.39
N PRO B 323 18.94 10.69 21.02
CA PRO B 323 19.25 10.59 19.58
C PRO B 323 18.30 9.69 18.78
N CYS B 324 17.73 8.64 19.39
CA CYS B 324 16.77 7.72 18.77
C CYS B 324 17.34 6.94 17.59
N ASP B 325 18.66 6.79 17.46
CA ASP B 325 19.24 6.01 16.37
C ASP B 325 20.14 4.93 16.96
N THR B 326 19.54 3.81 17.35
CA THR B 326 20.24 2.61 17.79
C THR B 326 19.23 1.47 17.88
N MET B 327 19.64 0.28 17.43
CA MET B 327 18.81 -0.91 17.52
C MET B 327 19.66 -2.08 18.00
N LYS B 328 18.96 -3.16 18.35
CA LYS B 328 19.57 -4.45 18.61
C LYS B 328 19.01 -5.47 17.62
N VAL B 329 19.79 -6.51 17.34
CA VAL B 329 19.41 -7.51 16.34
C VAL B 329 18.87 -8.79 16.95
N GLY B 330 18.89 -8.93 18.27
CA GLY B 330 18.44 -10.14 18.92
C GLY B 330 19.55 -11.16 19.07
N GLY B 331 19.30 -12.14 19.94
CA GLY B 331 20.29 -13.14 20.24
C GLY B 331 21.22 -12.70 21.35
N ASN B 332 21.34 -13.52 22.39
CA ASN B 332 22.16 -13.19 23.55
C ASN B 332 23.44 -14.00 23.51
N LEU B 333 24.58 -13.32 23.60
CA LEU B 333 25.86 -14.01 23.54
C LEU B 333 26.15 -14.73 24.85
N ASP B 334 25.80 -14.12 25.98
CA ASP B 334 26.08 -14.67 27.30
C ASP B 334 24.83 -14.59 28.16
N SER B 335 24.89 -15.21 29.34
CA SER B 335 23.76 -15.26 30.25
C SER B 335 24.25 -14.97 31.66
N LYS B 336 23.79 -13.86 32.23
CA LYS B 336 24.10 -13.49 33.62
C LYS B 336 22.83 -12.89 34.21
N GLY B 337 22.97 -12.20 35.34
CA GLY B 337 21.83 -11.53 35.94
C GLY B 337 22.25 -10.66 37.10
N TYR B 338 21.34 -9.76 37.48
CA TYR B 338 21.50 -8.91 38.65
C TYR B 338 20.72 -9.51 39.82
N GLY B 339 21.37 -9.60 40.97
CA GLY B 339 20.73 -10.11 42.16
C GLY B 339 21.06 -9.26 43.37
N VAL B 340 20.22 -9.38 44.39
CA VAL B 340 20.41 -8.64 45.64
C VAL B 340 21.47 -9.34 46.47
N ALA B 341 22.07 -8.59 47.39
CA ALA B 341 23.16 -9.09 48.22
C ALA B 341 22.85 -8.85 49.69
N THR B 342 23.41 -9.71 50.55
CA THR B 342 23.21 -9.65 51.98
C THR B 342 24.42 -10.26 52.66
N PRO B 343 25.05 -9.56 53.61
CA PRO B 343 26.23 -10.12 54.29
C PRO B 343 25.88 -11.26 55.22
N LYS B 344 26.24 -12.48 54.83
CA LYS B 344 26.08 -13.71 55.61
C LYS B 344 24.61 -14.05 55.86
N GLY B 345 24.36 -15.23 56.43
CA GLY B 345 23.00 -15.65 56.69
C GLY B 345 22.44 -15.02 57.95
N SER B 346 21.21 -14.57 57.86
CA SER B 346 20.51 -13.96 58.99
C SER B 346 19.01 -14.11 58.74
N SER B 347 18.21 -13.40 59.56
CA SER B 347 16.76 -13.44 59.36
C SER B 347 16.36 -12.71 58.09
N LEU B 348 17.14 -11.71 57.66
CA LEU B 348 16.81 -10.94 56.47
C LEU B 348 17.08 -11.70 55.18
N ARG B 349 17.99 -12.68 55.21
CA ARG B 349 18.44 -13.32 53.97
C ARG B 349 17.33 -14.12 53.30
N ILE B 350 16.77 -15.09 54.03
CA ILE B 350 15.68 -15.89 53.47
C ILE B 350 14.45 -15.03 53.20
N PRO B 351 14.24 -13.99 54.02
CA PRO B 351 13.11 -13.10 53.82
C PRO B 351 13.21 -12.34 52.50
N VAL B 352 14.38 -11.77 52.21
CA VAL B 352 14.52 -11.03 50.96
C VAL B 352 14.55 -12.00 49.78
N ASN B 353 15.05 -13.22 49.97
CA ASN B 353 15.02 -14.21 48.90
C ASN B 353 13.57 -14.57 48.53
N LEU B 354 12.75 -14.86 49.55
CA LEU B 354 11.36 -15.21 49.27
C LEU B 354 10.58 -14.01 48.73
N ALA B 355 10.89 -12.80 49.20
CA ALA B 355 10.23 -11.61 48.66
C ALA B 355 10.58 -11.39 47.20
N VAL B 356 11.86 -11.55 46.85
CA VAL B 356 12.29 -11.39 45.46
C VAL B 356 11.62 -12.44 44.58
N LEU B 357 11.55 -13.68 45.04
CA LEU B 357 10.91 -14.72 44.25
C LEU B 357 9.41 -14.49 44.13
N LYS B 358 8.77 -14.03 45.20
CA LYS B 358 7.33 -13.75 45.17
C LYS B 358 7.01 -12.63 44.20
N LEU B 359 7.87 -11.61 44.14
CA LEU B 359 7.66 -10.55 43.17
C LEU B 359 8.02 -10.99 41.76
N SER B 360 8.96 -11.94 41.62
CA SER B 360 9.35 -12.41 40.30
C SER B 360 8.26 -13.25 39.66
N GLU B 361 7.68 -14.18 40.42
CA GLU B 361 6.62 -15.02 39.88
C GLU B 361 5.37 -14.20 39.59
N ALA B 362 5.04 -13.26 40.48
CA ALA B 362 3.92 -12.36 40.24
C ALA B 362 4.26 -11.38 39.12
N GLY B 363 3.21 -10.86 38.49
CA GLY B 363 3.36 -9.96 37.37
C GLY B 363 3.65 -8.52 37.69
N VAL B 364 3.93 -8.20 38.96
CA VAL B 364 4.20 -6.82 39.33
C VAL B 364 5.60 -6.38 38.91
N LEU B 365 6.59 -7.28 39.02
CA LEU B 365 7.98 -6.90 38.78
C LEU B 365 8.21 -6.55 37.32
N ASP B 366 7.78 -7.42 36.40
CA ASP B 366 7.96 -7.11 34.98
C ASP B 366 7.05 -5.99 34.51
N LYS B 367 5.89 -5.82 35.14
CA LYS B 367 5.07 -4.63 34.89
C LYS B 367 5.84 -3.36 35.22
N LEU B 368 6.43 -3.30 36.42
CA LEU B 368 7.17 -2.11 36.82
C LEU B 368 8.38 -1.90 35.92
N LYS B 369 9.09 -2.98 35.58
CA LYS B 369 10.28 -2.90 34.75
C LYS B 369 9.93 -2.34 33.36
N ASN B 370 8.98 -2.97 32.66
CA ASN B 370 8.74 -2.53 31.29
C ASN B 370 7.99 -1.21 31.25
N LYS B 371 7.14 -0.93 32.25
CA LYS B 371 6.46 0.35 32.34
C LYS B 371 7.48 1.48 32.47
N TRP B 372 8.37 1.38 33.47
CA TRP B 372 9.34 2.45 33.68
C TRP B 372 10.42 2.48 32.61
N TRP B 373 10.62 1.37 31.88
CA TRP B 373 11.58 1.38 30.79
C TRP B 373 11.00 1.93 29.50
N TYR B 374 9.68 1.88 29.33
CA TYR B 374 9.05 2.30 28.09
C TYR B 374 8.28 3.61 28.20
N ASP B 375 8.09 4.17 29.40
CA ASP B 375 7.46 5.49 29.46
C ASP B 375 8.46 6.63 29.33
N LYS B 376 9.66 6.46 29.88
CA LYS B 376 10.64 7.54 29.91
C LYS B 376 11.27 7.82 28.54
N GLY B 377 11.08 6.93 27.58
CA GLY B 377 11.65 7.13 26.26
C GLY B 377 10.61 7.48 25.23
N GLU B 378 10.75 8.64 24.61
CA GLU B 378 9.88 9.07 23.54
C GLU B 378 10.25 8.46 22.20
N CYS B 379 11.42 7.83 22.10
CA CYS B 379 11.88 7.28 20.83
C CYS B 379 11.06 6.05 20.44
N GLY B 380 10.82 5.16 21.40
CA GLY B 380 10.07 3.95 21.17
C GLY B 380 8.56 4.09 21.20
N PRO B 381 8.06 5.29 21.50
CA PRO B 381 6.61 5.51 21.48
C PRO B 381 6.05 5.33 20.07
N LYS B 382 6.80 5.78 19.07
CA LYS B 382 6.45 5.54 17.67
C LYS B 382 6.97 4.16 17.29
N ASP B 383 6.18 3.14 17.63
CA ASP B 383 6.55 1.77 17.35
C ASP B 383 6.47 1.49 15.84
N SER B 384 7.13 0.40 15.44
CA SER B 384 7.22 -0.03 14.04
C SER B 384 7.86 1.05 13.18
N GLY B 385 7.08 1.64 12.27
CA GLY B 385 7.57 2.69 11.42
C GLY B 385 6.49 3.69 11.09
N SER B 386 6.91 4.78 10.44
CA SER B 386 6.02 5.86 10.03
C SER B 386 5.95 5.89 8.52
N LYS B 387 4.73 5.87 7.98
CA LYS B 387 4.50 5.89 6.54
C LYS B 387 4.15 7.28 6.03
N ASP B 388 4.28 8.31 6.86
CA ASP B 388 3.94 9.68 6.45
C ASP B 388 5.15 10.39 5.84
N LYS B 389 5.68 9.77 4.78
CA LYS B 389 6.83 10.33 4.07
C LYS B 389 6.79 9.78 2.64
N THR B 390 6.35 10.62 1.70
CA THR B 390 6.32 10.24 0.29
C THR B 390 7.52 10.73 -0.50
N SER B 391 8.01 11.92 -0.22
CA SER B 391 9.19 12.54 -0.86
C SER B 391 9.00 12.54 -2.38
N ALA B 392 10.11 12.55 -3.11
CA ALA B 392 10.10 12.41 -4.56
C ALA B 392 11.45 11.85 -4.98
N LEU B 393 11.49 11.27 -6.18
CA LEU B 393 12.74 10.73 -6.70
C LEU B 393 13.69 11.88 -7.05
N SER B 394 14.77 11.99 -6.28
CA SER B 394 15.83 12.94 -6.58
C SER B 394 16.73 12.33 -7.65
N LEU B 395 17.91 12.93 -7.86
CA LEU B 395 18.82 12.38 -8.85
C LEU B 395 19.43 11.05 -8.41
N SER B 396 19.53 10.83 -7.10
CA SER B 396 20.24 9.66 -6.58
C SER B 396 19.58 8.35 -7.03
N ASN B 397 18.26 8.35 -7.19
CA ASN B 397 17.58 7.18 -7.75
C ASN B 397 17.61 7.16 -9.27
N VAL B 398 18.09 8.22 -9.90
CA VAL B 398 18.08 8.32 -11.35
C VAL B 398 19.49 8.48 -11.93
N ALA B 399 20.46 8.98 -11.17
CA ALA B 399 21.78 9.32 -11.70
C ALA B 399 22.51 8.14 -12.31
N GLY B 400 22.16 6.91 -11.95
CA GLY B 400 22.70 5.76 -12.68
C GLY B 400 22.24 5.75 -14.13
N VAL B 401 20.97 6.08 -14.36
CA VAL B 401 20.44 6.11 -15.72
C VAL B 401 21.02 7.29 -16.49
N PHE B 402 21.17 8.44 -15.82
CA PHE B 402 21.82 9.59 -16.46
C PHE B 402 23.26 9.27 -16.81
N TYR B 403 23.95 8.55 -15.92
CA TYR B 403 25.35 8.23 -16.14
C TYR B 403 25.51 7.22 -17.27
N ILE B 404 24.62 6.22 -17.36
CA ILE B 404 24.72 5.29 -18.48
C ILE B 404 24.33 5.98 -19.78
N LEU B 405 23.42 6.96 -19.74
CA LEU B 405 23.12 7.76 -20.93
C LEU B 405 24.34 8.55 -21.39
N VAL B 406 24.99 9.26 -20.47
CA VAL B 406 26.12 10.09 -20.87
C VAL B 406 27.32 9.21 -21.25
N GLY B 407 27.47 8.04 -20.64
CA GLY B 407 28.50 7.12 -21.05
C GLY B 407 28.25 6.55 -22.44
N GLY B 408 26.99 6.21 -22.73
CA GLY B 408 26.67 5.73 -24.07
C GLY B 408 26.85 6.80 -25.12
N LEU B 409 26.53 8.06 -24.79
CA LEU B 409 26.73 9.14 -25.75
C LEU B 409 28.22 9.43 -25.97
N GLY B 410 29.01 9.42 -24.89
CA GLY B 410 30.45 9.56 -25.04
C GLY B 410 31.07 8.42 -25.82
N LEU B 411 30.57 7.20 -25.60
CA LEU B 411 31.06 6.05 -26.35
C LEU B 411 30.62 6.12 -27.82
N ALA B 412 29.44 6.68 -28.09
CA ALA B 412 29.00 6.88 -29.47
C ALA B 412 29.91 7.86 -30.18
N MET B 413 30.28 8.96 -29.51
CA MET B 413 31.26 9.87 -30.11
C MET B 413 32.64 9.24 -30.23
N LEU B 414 33.02 8.39 -29.29
CA LEU B 414 34.31 7.71 -29.39
C LEU B 414 34.34 6.77 -30.59
N VAL B 415 33.27 5.99 -30.79
CA VAL B 415 33.26 5.07 -31.93
C VAL B 415 33.09 5.85 -33.23
N ALA B 416 32.39 6.99 -33.21
CA ALA B 416 32.34 7.83 -34.40
C ALA B 416 33.72 8.39 -34.76
N LEU B 417 34.48 8.81 -33.74
CA LEU B 417 35.82 9.32 -33.99
C LEU B 417 36.75 8.22 -34.52
N ILE B 418 36.67 7.01 -33.95
CA ILE B 418 37.55 5.96 -34.43
C ILE B 418 37.07 5.45 -35.79
N GLU B 419 35.77 5.59 -36.10
CA GLU B 419 35.30 5.25 -37.45
C GLU B 419 35.79 6.26 -38.47
N PHE B 420 35.84 7.54 -38.08
CA PHE B 420 36.44 8.56 -38.93
C PHE B 420 37.93 8.27 -39.16
N CYS B 421 38.62 7.84 -38.10
CA CYS B 421 40.03 7.49 -38.23
C CYS B 421 40.24 6.28 -39.14
N TYR B 422 39.37 5.27 -39.01
CA TYR B 422 39.53 4.05 -39.79
C TYR B 422 39.17 4.27 -41.26
N LYS B 423 38.08 4.98 -41.53
CA LYS B 423 37.60 5.13 -42.89
C LYS B 423 38.19 6.33 -43.62
N SER B 424 38.62 7.36 -42.89
CA SER B 424 39.18 8.55 -43.51
C SER B 424 40.29 9.16 -42.65
N ARG C 1 31.12 -42.47 50.82
CA ARG C 1 29.80 -43.05 50.64
C ARG C 1 29.25 -42.74 49.24
N THR C 2 28.20 -43.43 48.85
CA THR C 2 27.58 -43.24 47.55
C THR C 2 26.43 -42.25 47.64
N TYR C 3 26.06 -41.70 46.49
CA TYR C 3 24.95 -40.75 46.40
C TYR C 3 24.06 -41.11 45.23
N ILE C 4 22.77 -40.82 45.39
CA ILE C 4 21.77 -41.09 44.36
C ILE C 4 21.29 -39.76 43.78
N VAL C 5 21.18 -39.71 42.46
CA VAL C 5 20.64 -38.57 41.74
C VAL C 5 19.44 -39.04 40.94
N THR C 6 18.36 -38.27 41.01
CA THR C 6 17.10 -38.62 40.38
C THR C 6 16.88 -37.78 39.12
N THR C 7 16.42 -38.45 38.06
CA THR C 7 16.31 -37.84 36.75
C THR C 7 14.93 -38.13 36.16
N ILE C 8 14.27 -37.11 35.62
CA ILE C 8 12.94 -37.24 35.06
C ILE C 8 13.06 -37.59 33.58
N LEU C 9 12.22 -38.52 33.11
CA LEU C 9 12.20 -38.91 31.70
C LEU C 9 11.50 -37.81 30.92
N GLU C 10 12.29 -36.88 30.40
CA GLU C 10 11.79 -35.75 29.63
C GLU C 10 12.38 -35.79 28.22
N ASP C 11 11.54 -35.47 27.24
CA ASP C 11 11.92 -35.66 25.83
C ASP C 11 13.13 -34.82 25.40
N PRO C 12 13.22 -33.51 25.64
CA PRO C 12 14.37 -32.76 25.10
C PRO C 12 15.67 -32.98 25.86
N TYR C 13 15.62 -33.39 27.13
CA TYR C 13 16.78 -33.32 28.01
C TYR C 13 17.45 -34.66 28.29
N VAL C 14 16.79 -35.79 28.01
CA VAL C 14 17.39 -37.08 28.28
C VAL C 14 16.89 -38.09 27.24
N MET C 15 17.80 -38.95 26.80
CA MET C 15 17.50 -40.03 25.86
C MET C 15 17.50 -41.36 26.59
N LEU C 16 16.56 -42.23 26.22
CA LEU C 16 16.69 -43.64 26.59
C LEU C 16 17.79 -44.28 25.75
N LYS C 17 18.45 -45.27 26.33
CA LYS C 17 19.58 -45.91 25.67
C LYS C 17 19.11 -46.69 24.44
N LYS C 18 19.57 -46.26 23.26
CA LYS C 18 19.23 -46.97 22.03
C LYS C 18 19.83 -48.37 22.02
N ASN C 19 21.08 -48.50 22.50
CA ASN C 19 21.69 -49.82 22.64
C ASN C 19 21.04 -50.60 23.78
N ALA C 20 20.54 -49.90 24.80
CA ALA C 20 19.75 -50.48 25.89
C ALA C 20 20.48 -51.55 26.68
N ASN C 21 20.26 -52.82 26.32
CA ASN C 21 20.57 -53.93 27.22
C ASN C 21 22.07 -54.13 27.39
N GLN C 22 22.83 -54.12 26.29
CA GLN C 22 24.24 -54.52 26.36
C GLN C 22 25.13 -53.51 27.07
N PHE C 23 24.67 -52.27 27.27
CA PHE C 23 25.40 -51.28 28.06
C PHE C 23 24.40 -50.66 29.04
N GLU C 24 24.25 -51.28 30.20
CA GLU C 24 23.32 -50.84 31.23
C GLU C 24 24.09 -50.40 32.47
N GLY C 25 23.34 -49.85 33.43
CA GLY C 25 23.93 -49.35 34.65
C GLY C 25 23.95 -47.84 34.71
N ASN C 26 25.13 -47.26 34.88
CA ASN C 26 25.25 -45.79 34.89
C ASN C 26 25.04 -45.22 33.50
N ASP C 27 25.44 -45.93 32.46
CA ASP C 27 25.32 -45.45 31.08
C ASP C 27 24.01 -45.89 30.43
N ARG C 28 22.89 -45.64 31.11
CA ARG C 28 21.57 -45.90 30.56
C ARG C 28 20.93 -44.67 29.95
N TYR C 29 21.45 -43.48 30.24
CA TYR C 29 20.85 -42.24 29.79
C TYR C 29 21.92 -41.33 29.19
N GLU C 30 21.58 -40.73 28.05
CA GLU C 30 22.44 -39.76 27.38
C GLU C 30 21.64 -38.49 27.17
N GLY C 31 22.22 -37.35 27.50
CA GLY C 31 21.50 -36.10 27.37
C GLY C 31 22.24 -34.98 28.07
N TYR C 32 21.61 -33.80 27.99
CA TYR C 32 22.18 -32.60 28.62
C TYR C 32 22.21 -32.74 30.13
N CYS C 33 21.13 -33.26 30.72
CA CYS C 33 21.01 -33.33 32.18
C CYS C 33 22.00 -34.32 32.77
N VAL C 34 22.13 -35.51 32.17
CA VAL C 34 23.05 -36.50 32.72
C VAL C 34 24.50 -36.08 32.50
N GLU C 35 24.79 -35.39 31.40
CA GLU C 35 26.14 -34.87 31.18
C GLU C 35 26.47 -33.79 32.20
N LEU C 36 25.53 -32.91 32.49
CA LEU C 36 25.74 -31.90 33.53
C LEU C 36 25.92 -32.55 34.89
N ALA C 37 25.15 -33.61 35.17
CA ALA C 37 25.30 -34.33 36.43
C ALA C 37 26.67 -34.97 36.55
N ALA C 38 27.16 -35.60 35.48
CA ALA C 38 28.49 -36.19 35.50
C ALA C 38 29.56 -35.13 35.68
N GLU C 39 29.41 -33.99 35.01
CA GLU C 39 30.39 -32.91 35.14
C GLU C 39 30.43 -32.35 36.57
N ILE C 40 29.26 -32.10 37.17
CA ILE C 40 29.26 -31.54 38.52
C ILE C 40 29.70 -32.59 39.53
N ALA C 41 29.48 -33.87 39.24
CA ALA C 41 29.99 -34.93 40.12
C ALA C 41 31.51 -35.03 40.03
N LYS C 42 32.06 -34.81 38.84
CA LYS C 42 33.51 -34.76 38.70
C LYS C 42 34.10 -33.52 39.36
N HIS C 43 33.35 -32.40 39.36
CA HIS C 43 33.85 -31.17 39.95
C HIS C 43 33.81 -31.23 41.47
N VAL C 44 32.61 -31.40 42.04
CA VAL C 44 32.48 -31.43 43.50
C VAL C 44 33.14 -32.68 44.07
N GLY C 45 32.87 -33.84 43.50
CA GLY C 45 33.46 -35.08 43.93
C GLY C 45 32.54 -35.96 44.74
N TYR C 46 31.91 -36.92 44.08
CA TYR C 46 31.04 -37.93 44.68
C TYR C 46 30.69 -38.94 43.58
N SER C 47 29.92 -39.96 43.96
CA SER C 47 29.45 -40.98 43.02
C SER C 47 27.96 -40.83 42.82
N TYR C 48 27.51 -40.99 41.57
CA TYR C 48 26.12 -40.80 41.20
C TYR C 48 25.48 -42.13 40.83
N ARG C 49 24.31 -42.40 41.39
CA ARG C 49 23.50 -43.55 41.00
C ARG C 49 22.17 -43.02 40.48
N LEU C 50 21.83 -43.39 39.25
CA LEU C 50 20.65 -42.84 38.60
C LEU C 50 19.37 -43.45 39.17
N GLU C 51 18.36 -42.61 39.38
CA GLU C 51 17.06 -43.05 39.86
C GLU C 51 15.96 -42.38 39.05
N ILE C 52 14.81 -43.05 39.01
CA ILE C 52 13.65 -42.59 38.25
C ILE C 52 12.49 -42.41 39.23
N VAL C 53 11.80 -41.27 39.14
CA VAL C 53 10.66 -41.00 40.00
C VAL C 53 9.52 -41.96 39.64
N SER C 54 8.69 -42.27 40.64
CA SER C 54 7.68 -43.30 40.48
C SER C 54 6.56 -42.87 39.53
N ASP C 55 6.02 -41.67 39.74
CA ASP C 55 4.87 -41.22 38.95
C ASP C 55 5.23 -40.70 37.58
N GLY C 56 6.51 -40.40 37.32
CA GLY C 56 6.91 -39.90 36.03
C GLY C 56 6.45 -38.49 35.73
N LYS C 57 6.18 -37.70 36.77
CA LYS C 57 5.70 -36.33 36.60
C LYS C 57 6.56 -35.38 37.44
N TYR C 58 6.56 -34.11 37.03
CA TYR C 58 7.30 -33.09 37.76
C TYR C 58 6.74 -32.88 39.16
N GLY C 59 5.42 -32.88 39.28
CA GLY C 59 4.77 -32.69 40.57
C GLY C 59 4.68 -31.24 40.98
N ALA C 60 3.98 -31.00 42.09
CA ALA C 60 3.79 -29.66 42.61
C ALA C 60 3.51 -29.77 44.10
N ARG C 61 3.44 -28.61 44.76
CA ARG C 61 3.16 -28.50 46.19
C ARG C 61 1.79 -27.89 46.44
N ASP C 62 0.80 -28.28 45.64
CA ASP C 62 -0.55 -27.77 45.81
C ASP C 62 -1.14 -28.25 47.14
N PRO C 63 -1.86 -27.39 47.87
CA PRO C 63 -2.43 -27.82 49.16
C PRO C 63 -3.66 -28.70 48.99
N ASP C 64 -3.46 -29.91 48.45
CA ASP C 64 -4.56 -30.85 48.27
C ASP C 64 -4.66 -31.74 49.51
N THR C 65 -5.46 -32.81 49.41
CA THR C 65 -5.64 -33.75 50.52
C THR C 65 -4.49 -34.75 50.53
N LYS C 66 -3.33 -34.26 50.97
CA LYS C 66 -2.07 -35.02 51.09
C LYS C 66 -1.70 -35.56 49.70
N ALA C 67 -1.07 -36.74 49.68
CA ALA C 67 -0.65 -37.42 48.44
C ALA C 67 0.28 -36.54 47.61
N TRP C 68 1.32 -36.03 48.26
CA TRP C 68 2.31 -35.20 47.56
C TRP C 68 3.22 -36.07 46.71
N ASN C 69 3.49 -35.62 45.49
CA ASN C 69 4.31 -36.38 44.55
C ASN C 69 5.34 -35.50 43.84
N GLY C 70 6.00 -36.04 42.83
CA GLY C 70 6.92 -35.27 42.03
C GLY C 70 8.34 -35.31 42.54
N MET C 71 9.17 -34.48 41.90
CA MET C 71 10.59 -34.44 42.25
C MET C 71 10.82 -33.78 43.60
N VAL C 72 10.12 -32.67 43.86
CA VAL C 72 10.19 -32.03 45.16
C VAL C 72 9.64 -32.95 46.24
N GLY C 73 8.61 -33.74 45.90
CA GLY C 73 8.11 -34.73 46.84
C GLY C 73 9.12 -35.83 47.13
N GLU C 74 9.84 -36.27 46.09
CA GLU C 74 10.89 -37.28 46.30
C GLU C 74 12.01 -36.72 47.16
N LEU C 75 12.34 -35.44 46.99
CA LEU C 75 13.39 -34.85 47.81
C LEU C 75 12.94 -34.69 49.27
N VAL C 76 11.71 -34.22 49.50
CA VAL C 76 11.29 -33.93 50.87
C VAL C 76 10.98 -35.20 51.64
N TYR C 77 10.61 -36.30 50.97
CA TYR C 77 10.31 -37.55 51.64
C TYR C 77 11.55 -38.24 52.22
N GLY C 78 12.75 -37.78 51.87
CA GLY C 78 13.97 -38.27 52.45
C GLY C 78 14.74 -39.27 51.60
N ARG C 79 14.09 -39.85 50.59
CA ARG C 79 14.76 -40.84 49.74
C ARG C 79 15.41 -40.18 48.52
N ALA C 80 16.22 -39.15 48.77
CA ALA C 80 16.93 -38.45 47.70
C ALA C 80 18.12 -37.72 48.31
N ASP C 81 19.10 -37.42 47.46
CA ASP C 81 20.28 -36.66 47.85
C ASP C 81 20.36 -35.31 47.15
N VAL C 82 20.31 -35.30 45.82
CA VAL C 82 20.24 -34.08 45.03
C VAL C 82 19.46 -34.40 43.76
N ALA C 83 18.58 -33.48 43.37
CA ALA C 83 17.70 -33.68 42.22
C ALA C 83 18.24 -32.86 41.05
N VAL C 84 19.17 -33.45 40.31
CA VAL C 84 19.68 -32.84 39.09
C VAL C 84 18.70 -33.09 37.95
N ALA C 85 17.89 -32.07 37.66
CA ALA C 85 16.75 -32.23 36.76
C ALA C 85 16.27 -30.83 36.38
N PRO C 86 15.52 -30.71 35.27
CA PRO C 86 14.81 -29.45 35.01
C PRO C 86 13.82 -29.15 36.11
N LEU C 87 13.77 -27.88 36.51
CA LEU C 87 12.91 -27.50 37.63
C LEU C 87 12.65 -26.00 37.54
N THR C 88 11.41 -25.63 37.23
CA THR C 88 11.05 -24.22 37.16
C THR C 88 11.00 -23.62 38.56
N ILE C 89 11.55 -22.42 38.71
CA ILE C 89 11.62 -21.77 40.02
C ILE C 89 10.26 -21.17 40.32
N THR C 90 9.66 -21.56 41.45
CA THR C 90 8.34 -21.09 41.82
C THR C 90 8.22 -21.08 43.35
N LEU C 91 7.13 -20.45 43.81
CA LEU C 91 6.97 -20.20 45.25
C LEU C 91 6.57 -21.46 46.01
N VAL C 92 5.74 -22.31 45.40
CA VAL C 92 5.20 -23.47 46.11
C VAL C 92 6.30 -24.47 46.45
N ARG C 93 7.33 -24.55 45.62
CA ARG C 93 8.47 -25.43 45.86
C ARG C 93 9.64 -24.71 46.53
N GLU C 94 9.51 -23.41 46.79
CA GLU C 94 10.54 -22.68 47.52
C GLU C 94 10.36 -22.76 49.03
N GLU C 95 9.12 -22.93 49.49
CA GLU C 95 8.83 -22.94 50.92
C GLU C 95 9.34 -24.19 51.63
N VAL C 96 9.74 -25.23 50.91
CA VAL C 96 10.18 -26.46 51.55
C VAL C 96 11.63 -26.77 51.21
N ILE C 97 12.09 -26.35 50.02
CA ILE C 97 13.46 -26.55 49.59
C ILE C 97 13.93 -25.31 48.83
N ASP C 98 15.25 -25.20 48.68
CA ASP C 98 15.86 -24.09 47.97
C ASP C 98 16.51 -24.59 46.68
N PHE C 99 16.47 -23.73 45.67
CA PHE C 99 17.07 -24.04 44.37
C PHE C 99 18.42 -23.35 44.28
N SER C 100 19.34 -23.97 43.52
CA SER C 100 20.74 -23.55 43.60
C SER C 100 21.00 -22.25 42.84
N LYS C 101 20.87 -22.29 41.51
CA LYS C 101 21.22 -21.19 40.62
C LYS C 101 20.51 -21.41 39.30
N PRO C 102 20.14 -20.35 38.59
CA PRO C 102 19.60 -20.52 37.22
C PRO C 102 20.71 -20.62 36.20
N PHE C 103 20.83 -21.78 35.55
CA PHE C 103 21.83 -21.99 34.52
C PHE C 103 21.31 -21.72 33.12
N MET C 104 20.00 -21.79 32.91
CA MET C 104 19.38 -21.39 31.65
C MET C 104 18.15 -20.57 31.93
N SER C 105 17.75 -19.76 30.95
CA SER C 105 16.62 -18.85 31.07
C SER C 105 15.45 -19.38 30.28
N LEU C 106 14.28 -19.41 30.89
CA LEU C 106 13.05 -19.87 30.25
C LEU C 106 12.16 -18.66 29.94
N GLY C 107 11.53 -18.71 28.78
CA GLY C 107 10.53 -17.74 28.40
C GLY C 107 9.51 -18.35 27.46
N ILE C 108 8.22 -18.13 27.72
CA ILE C 108 7.19 -18.67 26.84
C ILE C 108 7.26 -17.94 25.51
N SER C 109 7.42 -18.69 24.43
CA SER C 109 7.60 -18.12 23.10
C SER C 109 6.62 -18.76 22.13
N ILE C 110 6.22 -17.99 21.14
CA ILE C 110 5.32 -18.47 20.10
C ILE C 110 6.13 -19.23 19.06
N MET C 111 5.52 -20.26 18.48
CA MET C 111 6.09 -20.89 17.29
C MET C 111 5.16 -20.67 16.11
N ILE C 112 5.71 -20.79 14.90
CA ILE C 112 4.88 -20.63 13.71
C ILE C 112 5.44 -21.52 12.60
N LYS C 113 4.54 -22.04 11.78
CA LYS C 113 4.95 -22.86 10.64
C LYS C 113 5.76 -22.03 9.66
N LYS C 114 6.81 -22.64 9.12
CA LYS C 114 7.69 -21.93 8.20
C LYS C 114 6.97 -21.65 6.89
N PRO C 115 6.87 -20.39 6.47
CA PRO C 115 6.17 -20.07 5.21
C PRO C 115 7.06 -20.35 4.01
N GLN C 116 6.72 -21.41 3.27
CA GLN C 116 7.47 -21.83 2.10
C GLN C 116 6.53 -21.83 0.90
N LYS C 117 6.68 -20.86 0.02
CA LYS C 117 5.88 -20.76 -1.20
C LYS C 117 6.81 -20.91 -2.39
N SER C 118 6.50 -21.86 -3.26
CA SER C 118 7.31 -22.11 -4.45
C SER C 118 6.77 -21.29 -5.61
N LYS C 119 7.61 -20.42 -6.15
CA LYS C 119 7.20 -19.60 -7.30
C LYS C 119 7.16 -20.47 -8.55
N PRO C 120 6.03 -20.59 -9.22
CA PRO C 120 5.94 -21.44 -10.40
C PRO C 120 6.57 -20.75 -11.61
N GLY C 121 6.46 -21.42 -12.75
CA GLY C 121 7.04 -20.94 -13.99
C GLY C 121 6.01 -20.29 -14.90
N VAL C 122 5.52 -21.04 -15.89
CA VAL C 122 4.49 -20.53 -16.78
C VAL C 122 3.19 -20.25 -16.04
N PHE C 123 2.95 -20.93 -14.91
CA PHE C 123 1.76 -20.66 -14.11
C PHE C 123 1.79 -19.25 -13.53
N SER C 124 2.96 -18.79 -13.09
CA SER C 124 3.10 -17.44 -12.57
C SER C 124 3.14 -16.39 -13.68
N PHE C 125 3.26 -16.80 -14.94
CA PHE C 125 3.30 -15.84 -16.04
C PHE C 125 1.94 -15.16 -16.20
N LEU C 126 0.90 -15.95 -16.50
CA LEU C 126 -0.44 -15.41 -16.66
C LEU C 126 -1.19 -15.30 -15.33
N ASP C 127 -0.47 -15.35 -14.22
CA ASP C 127 -1.08 -15.24 -12.89
C ASP C 127 -1.83 -13.94 -12.66
N PRO C 128 -1.28 -12.73 -12.94
CA PRO C 128 -2.06 -11.51 -12.64
C PRO C 128 -3.05 -11.15 -13.72
N LEU C 129 -3.75 -12.15 -14.23
CA LEU C 129 -4.90 -12.00 -15.13
C LEU C 129 -5.78 -13.23 -14.92
N ALA C 130 -6.68 -13.47 -15.88
CA ALA C 130 -7.48 -14.68 -15.88
C ALA C 130 -7.19 -15.48 -17.13
N TYR C 131 -7.36 -16.80 -17.03
CA TYR C 131 -7.32 -17.65 -18.21
C TYR C 131 -8.42 -17.25 -19.19
N GLU C 132 -9.60 -16.91 -18.64
CA GLU C 132 -10.66 -16.29 -19.42
C GLU C 132 -10.14 -15.08 -20.17
N ILE C 133 -9.44 -14.18 -19.47
CA ILE C 133 -8.98 -12.94 -20.07
C ILE C 133 -8.03 -13.24 -21.23
N TRP C 134 -7.09 -14.16 -21.02
CA TRP C 134 -6.10 -14.46 -22.05
C TRP C 134 -6.74 -15.11 -23.27
N MET C 135 -7.72 -16.01 -23.06
CA MET C 135 -8.36 -16.63 -24.21
C MET C 135 -9.20 -15.63 -25.00
N CYS C 136 -9.88 -14.70 -24.32
CA CYS C 136 -10.55 -13.64 -25.06
C CYS C 136 -9.57 -12.72 -25.77
N ILE C 137 -8.41 -12.42 -25.19
CA ILE C 137 -7.42 -11.61 -25.89
C ILE C 137 -6.95 -12.30 -27.16
N VAL C 138 -6.67 -13.61 -27.08
CA VAL C 138 -6.21 -14.36 -28.25
C VAL C 138 -7.29 -14.41 -29.33
N PHE C 139 -8.54 -14.67 -28.93
CA PHE C 139 -9.61 -14.76 -29.90
C PHE C 139 -9.95 -13.40 -30.50
N ALA C 140 -9.91 -12.33 -29.70
CA ALA C 140 -10.10 -10.99 -30.24
C ALA C 140 -8.99 -10.64 -31.22
N TYR C 141 -7.76 -11.04 -30.91
CA TYR C 141 -6.65 -10.88 -31.85
C TYR C 141 -6.93 -11.54 -33.18
N ILE C 142 -7.31 -12.81 -33.18
CA ILE C 142 -7.43 -13.52 -34.45
C ILE C 142 -8.67 -13.04 -35.21
N GLY C 143 -9.74 -12.69 -34.49
CA GLY C 143 -10.92 -12.15 -35.15
C GLY C 143 -10.68 -10.78 -35.77
N VAL C 144 -9.99 -9.90 -35.04
CA VAL C 144 -9.68 -8.58 -35.59
C VAL C 144 -8.68 -8.69 -36.73
N SER C 145 -7.75 -9.64 -36.65
CA SER C 145 -6.83 -9.87 -37.77
C SER C 145 -7.59 -10.27 -39.03
N VAL C 146 -8.52 -11.23 -38.90
CA VAL C 146 -9.22 -11.70 -40.09
C VAL C 146 -10.18 -10.63 -40.62
N VAL C 147 -10.80 -9.84 -39.74
CA VAL C 147 -11.72 -8.84 -40.26
C VAL C 147 -10.95 -7.64 -40.82
N LEU C 148 -9.75 -7.37 -40.31
CA LEU C 148 -8.89 -6.36 -40.91
C LEU C 148 -8.44 -6.79 -42.29
N PHE C 149 -8.11 -8.06 -42.47
CA PHE C 149 -7.83 -8.58 -43.80
C PHE C 149 -9.03 -8.44 -44.71
N LEU C 150 -10.24 -8.73 -44.19
CA LEU C 150 -11.45 -8.62 -44.99
C LEU C 150 -11.70 -7.19 -45.44
N VAL C 151 -11.56 -6.22 -44.52
CA VAL C 151 -11.87 -4.84 -44.87
C VAL C 151 -10.76 -4.25 -45.73
N SER C 152 -9.53 -4.76 -45.61
CA SER C 152 -8.45 -4.28 -46.46
C SER C 152 -8.59 -4.81 -47.89
N ARG C 153 -9.00 -6.08 -48.03
CA ARG C 153 -9.26 -6.64 -49.35
C ARG C 153 -10.62 -6.23 -49.90
N PHE C 154 -11.45 -5.57 -49.09
CA PHE C 154 -12.78 -5.14 -49.50
C PHE C 154 -12.81 -3.68 -49.92
N SER C 155 -12.01 -2.83 -49.29
CA SER C 155 -11.97 -1.41 -49.62
C SER C 155 -10.66 -1.05 -50.31
N GLU C 178 -3.74 -5.23 -52.30
CA GLU C 178 -2.77 -4.37 -51.61
C GLU C 178 -2.45 -4.92 -50.23
N PHE C 179 -3.26 -5.86 -49.76
CA PHE C 179 -3.08 -6.49 -48.47
C PHE C 179 -3.21 -8.01 -48.61
N GLY C 180 -2.30 -8.74 -47.98
CA GLY C 180 -2.39 -10.17 -47.85
C GLY C 180 -2.74 -10.55 -46.42
N ILE C 181 -3.08 -11.83 -46.25
CA ILE C 181 -3.37 -12.33 -44.91
C ILE C 181 -2.10 -12.30 -44.04
N PHE C 182 -0.94 -12.58 -44.64
CA PHE C 182 0.31 -12.44 -43.89
C PHE C 182 0.57 -10.98 -43.52
N ASN C 183 0.35 -10.06 -44.46
CA ASN C 183 0.55 -8.65 -44.18
C ASN C 183 -0.45 -8.14 -43.14
N SER C 184 -1.70 -8.59 -43.23
CA SER C 184 -2.69 -8.21 -42.24
C SER C 184 -2.33 -8.76 -40.86
N LEU C 185 -1.79 -9.98 -40.81
CA LEU C 185 -1.32 -10.54 -39.55
C LEU C 185 -0.17 -9.72 -38.99
N TRP C 186 0.78 -9.32 -39.85
CA TRP C 186 1.86 -8.43 -39.43
C TRP C 186 1.33 -7.14 -38.80
N PHE C 187 0.42 -6.46 -39.50
CA PHE C 187 -0.03 -5.17 -38.99
C PHE C 187 -0.91 -5.34 -37.75
N SER C 188 -1.73 -6.39 -37.70
CA SER C 188 -2.55 -6.61 -36.52
C SER C 188 -1.69 -6.93 -35.31
N LEU C 189 -0.62 -7.70 -35.51
CA LEU C 189 0.35 -7.97 -34.45
C LEU C 189 0.99 -6.67 -33.96
N GLY C 190 1.44 -5.83 -34.90
CA GLY C 190 2.07 -4.58 -34.50
C GLY C 190 1.11 -3.62 -33.84
N ALA C 191 -0.14 -3.60 -34.29
CA ALA C 191 -1.13 -2.66 -33.75
C ALA C 191 -1.61 -3.09 -32.37
N PHE C 192 -1.85 -4.38 -32.18
CA PHE C 192 -2.13 -4.91 -30.85
C PHE C 192 -0.93 -4.79 -29.94
N MET C 193 0.27 -4.74 -30.52
CA MET C 193 1.47 -5.03 -29.75
C MET C 193 2.20 -3.76 -29.33
N GLN C 194 1.67 -2.59 -29.68
CA GLN C 194 2.33 -1.29 -29.48
C GLN C 194 3.70 -1.24 -30.16
N GLN C 195 3.79 -1.84 -31.35
CA GLN C 195 5.02 -1.85 -32.12
C GLN C 195 4.76 -1.23 -33.49
N GLY C 196 5.67 -0.37 -33.92
CA GLY C 196 5.50 0.32 -35.19
C GLY C 196 5.70 -0.58 -36.39
N CYS C 197 5.18 -0.14 -37.52
CA CYS C 197 5.29 -0.87 -38.78
C CYS C 197 5.24 0.11 -39.93
N ASP C 198 5.55 -0.39 -41.13
CA ASP C 198 5.58 0.43 -42.34
C ASP C 198 4.35 0.23 -43.21
N ILE C 199 3.29 -0.35 -42.67
CA ILE C 199 2.07 -0.64 -43.41
C ILE C 199 0.92 0.09 -42.74
N SER C 200 0.08 0.74 -43.56
CA SER C 200 -0.97 1.60 -43.03
C SER C 200 -2.35 1.16 -43.51
N PRO C 201 -3.38 1.30 -42.66
CA PRO C 201 -4.75 0.95 -43.07
C PRO C 201 -5.40 1.99 -43.96
N ARG C 202 -5.23 1.88 -45.28
CA ARG C 202 -5.93 2.76 -46.20
C ARG C 202 -7.45 2.62 -46.03
N SER C 203 -8.17 3.66 -46.45
CA SER C 203 -9.61 3.83 -46.36
C SER C 203 -10.09 4.00 -44.92
N LEU C 204 -11.22 4.71 -44.75
CA LEU C 204 -11.66 5.13 -43.42
C LEU C 204 -12.15 3.97 -42.58
N SER C 205 -12.70 2.93 -43.21
CA SER C 205 -13.14 1.76 -42.46
C SER C 205 -11.95 1.04 -41.83
N GLY C 206 -10.89 0.82 -42.60
CA GLY C 206 -9.68 0.25 -42.02
C GLY C 206 -9.05 1.17 -40.99
N ARG C 207 -9.14 2.48 -41.22
CA ARG C 207 -8.62 3.45 -40.26
C ARG C 207 -9.32 3.33 -38.91
N ILE C 208 -10.65 3.23 -38.92
CA ILE C 208 -11.37 3.18 -37.65
C ILE C 208 -11.24 1.80 -37.00
N VAL C 209 -11.10 0.73 -37.79
CA VAL C 209 -10.78 -0.58 -37.21
C VAL C 209 -9.44 -0.51 -36.49
N GLY C 210 -8.44 0.11 -37.13
CA GLY C 210 -7.15 0.27 -36.47
C GLY C 210 -7.24 1.13 -35.22
N GLY C 211 -8.06 2.18 -35.26
CA GLY C 211 -8.22 3.02 -34.08
C GLY C 211 -8.83 2.29 -32.90
N VAL C 212 -9.90 1.54 -33.15
CA VAL C 212 -10.52 0.72 -32.11
C VAL C 212 -9.53 -0.31 -31.60
N TRP C 213 -8.71 -0.88 -32.49
CA TRP C 213 -7.76 -1.90 -32.09
C TRP C 213 -6.66 -1.32 -31.19
N TRP C 214 -6.10 -0.16 -31.55
CA TRP C 214 -5.08 0.43 -30.68
C TRP C 214 -5.68 0.87 -29.35
N PHE C 215 -6.90 1.40 -29.34
CA PHE C 215 -7.52 1.76 -28.07
C PHE C 215 -7.71 0.54 -27.18
N PHE C 216 -8.18 -0.57 -27.77
CA PHE C 216 -8.39 -1.80 -27.01
C PHE C 216 -7.09 -2.32 -26.43
N THR C 217 -6.05 -2.42 -27.26
CA THR C 217 -4.81 -3.02 -26.77
C THR C 217 -4.11 -2.12 -25.77
N LEU C 218 -4.21 -0.80 -25.93
CA LEU C 218 -3.64 0.10 -24.95
C LEU C 218 -4.36 -0.02 -23.60
N ILE C 219 -5.68 -0.13 -23.62
CA ILE C 219 -6.40 -0.23 -22.37
C ILE C 219 -6.14 -1.59 -21.70
N ILE C 220 -5.97 -2.66 -22.48
CA ILE C 220 -5.63 -3.96 -21.88
C ILE C 220 -4.22 -3.95 -21.29
N ILE C 221 -3.26 -3.35 -21.99
CA ILE C 221 -1.90 -3.33 -21.46
C ILE C 221 -1.83 -2.48 -20.20
N SER C 222 -2.54 -1.35 -20.18
CA SER C 222 -2.61 -0.54 -18.97
C SER C 222 -3.25 -1.30 -17.82
N SER C 223 -4.34 -2.03 -18.10
CA SER C 223 -5.02 -2.79 -17.05
C SER C 223 -4.14 -3.90 -16.50
N TYR C 224 -3.41 -4.60 -17.39
CA TYR C 224 -2.54 -5.69 -16.94
C TYR C 224 -1.36 -5.16 -16.13
N THR C 225 -0.76 -4.05 -16.57
CA THR C 225 0.34 -3.46 -15.80
C THR C 225 -0.15 -3.01 -14.42
N ALA C 226 -1.34 -2.40 -14.38
CA ALA C 226 -1.92 -2.00 -13.10
C ALA C 226 -2.18 -3.20 -12.20
N ASN C 227 -2.70 -4.29 -12.76
CA ASN C 227 -3.00 -5.47 -11.96
C ASN C 227 -1.74 -6.12 -11.41
N LEU C 228 -0.70 -6.24 -12.23
CA LEU C 228 0.52 -6.88 -11.75
C LEU C 228 1.23 -5.99 -10.73
N ALA C 229 1.16 -4.67 -10.92
CA ALA C 229 1.68 -3.75 -9.92
C ALA C 229 0.92 -3.87 -8.60
N ALA C 230 -0.40 -4.01 -8.68
CA ALA C 230 -1.20 -4.21 -7.48
C ALA C 230 -0.83 -5.51 -6.77
N PHE C 231 -0.64 -6.58 -7.54
CA PHE C 231 -0.25 -7.86 -6.95
C PHE C 231 1.11 -7.77 -6.27
N LEU C 232 2.08 -7.12 -6.91
CA LEU C 232 3.40 -6.97 -6.31
C LEU C 232 3.34 -6.09 -5.06
N THR C 233 2.50 -5.05 -5.09
CA THR C 233 2.36 -4.17 -3.94
C THR C 233 1.74 -4.91 -2.75
N VAL C 234 0.69 -5.69 -2.98
CA VAL C 234 0.05 -6.38 -1.87
C VAL C 234 0.93 -7.54 -1.40
N GLU C 235 1.78 -8.09 -2.28
CA GLU C 235 2.72 -9.11 -1.85
C GLU C 235 3.82 -8.52 -0.98
N ARG C 236 4.33 -7.34 -1.35
CA ARG C 236 5.38 -6.71 -0.56
C ARG C 236 4.82 -6.14 0.75
N MET C 237 3.67 -5.48 0.69
CA MET C 237 3.08 -4.85 1.87
C MET C 237 2.38 -5.93 2.70
N VAL C 238 3.20 -6.71 3.40
CA VAL C 238 2.72 -7.77 4.28
C VAL C 238 3.42 -7.60 5.63
N SER C 239 2.76 -8.05 6.69
CA SER C 239 3.29 -7.91 8.03
C SER C 239 3.60 -9.28 8.63
N PRO C 240 4.86 -9.72 8.61
CA PRO C 240 5.21 -10.95 9.32
C PRO C 240 5.07 -10.77 10.82
N ILE C 241 4.76 -11.88 11.50
CA ILE C 241 4.49 -11.84 12.93
C ILE C 241 5.79 -11.73 13.69
N GLU C 242 5.87 -10.74 14.58
CA GLU C 242 6.98 -10.57 15.51
C GLU C 242 6.44 -10.26 16.89
N SER C 243 7.10 -10.82 17.91
CA SER C 243 6.75 -10.64 19.32
C SER C 243 5.30 -11.05 19.60
N ALA C 244 4.72 -10.51 20.66
CA ALA C 244 3.35 -10.84 21.03
C ALA C 244 2.33 -9.79 20.62
N GLU C 245 2.76 -8.53 20.45
CA GLU C 245 1.82 -7.48 20.08
C GLU C 245 1.23 -7.70 18.69
N ASP C 246 2.06 -8.11 17.73
CA ASP C 246 1.57 -8.36 16.38
C ASP C 246 0.59 -9.53 16.37
N LEU C 247 0.87 -10.57 17.15
CA LEU C 247 -0.07 -11.68 17.27
C LEU C 247 -1.36 -11.26 17.95
N ALA C 248 -1.27 -10.33 18.91
CA ALA C 248 -2.49 -9.84 19.57
C ALA C 248 -3.35 -9.04 18.60
N LYS C 249 -2.74 -8.21 17.76
CA LYS C 249 -3.52 -7.33 16.88
C LYS C 249 -3.78 -7.92 15.49
N GLN C 250 -3.27 -9.13 15.19
CA GLN C 250 -3.58 -9.69 13.86
C GLN C 250 -4.95 -10.36 13.84
N THR C 251 -5.29 -11.11 14.90
CA THR C 251 -6.61 -11.73 15.09
C THR C 251 -7.03 -12.59 13.89
N GLU C 252 -6.08 -13.35 13.35
CA GLU C 252 -6.38 -14.24 12.24
C GLU C 252 -5.90 -15.65 12.51
N ILE C 253 -4.79 -15.80 13.23
CA ILE C 253 -4.23 -17.10 13.57
C ILE C 253 -4.59 -17.41 15.00
N ALA C 254 -5.25 -18.55 15.22
CA ALA C 254 -5.65 -18.95 16.56
C ALA C 254 -4.44 -19.40 17.37
N TYR C 255 -4.46 -19.07 18.67
CA TYR C 255 -3.38 -19.43 19.58
C TYR C 255 -3.97 -20.00 20.87
N GLY C 256 -3.30 -21.00 21.43
CA GLY C 256 -3.75 -21.60 22.67
C GLY C 256 -2.65 -22.42 23.29
N THR C 257 -2.83 -22.74 24.57
CA THR C 257 -1.86 -23.54 25.30
C THR C 257 -2.54 -24.71 26.01
N LEU C 258 -1.79 -25.41 26.86
CA LEU C 258 -2.33 -26.54 27.59
C LEU C 258 -3.33 -26.08 28.65
N GLU C 259 -4.16 -27.02 29.10
CA GLU C 259 -5.15 -26.71 30.12
C GLU C 259 -4.49 -26.32 31.45
N ALA C 260 -3.43 -27.02 31.82
CA ALA C 260 -2.68 -26.72 33.04
C ALA C 260 -1.21 -26.54 32.69
N GLY C 261 -0.45 -26.06 33.66
CA GLY C 261 0.97 -25.84 33.52
C GLY C 261 1.35 -24.41 33.85
N SER C 262 2.62 -24.08 33.54
CA SER C 262 3.12 -22.75 33.83
C SER C 262 2.47 -21.70 32.93
N THR C 263 2.21 -22.05 31.66
CA THR C 263 1.60 -21.11 30.74
C THR C 263 0.18 -20.76 31.16
N LYS C 264 -0.62 -21.75 31.56
CA LYS C 264 -1.97 -21.49 32.01
C LYS C 264 -1.98 -20.67 33.29
N GLU C 265 -1.07 -20.98 34.23
CA GLU C 265 -1.00 -20.23 35.47
C GLU C 265 -0.58 -18.78 35.22
N PHE C 266 0.32 -18.57 34.26
CA PHE C 266 0.69 -17.20 33.90
C PHE C 266 -0.48 -16.47 33.24
N PHE C 267 -1.27 -17.20 32.44
CA PHE C 267 -2.42 -16.56 31.79
C PHE C 267 -3.49 -16.17 32.80
N ARG C 268 -3.74 -17.01 33.81
CA ARG C 268 -4.72 -16.65 34.84
C ARG C 268 -4.24 -15.46 35.67
N ARG C 269 -2.95 -15.42 35.99
CA ARG C 269 -2.38 -14.36 36.82
C ARG C 269 -1.74 -13.25 35.98
N SER C 270 -2.23 -13.05 34.76
CA SER C 270 -1.68 -12.01 33.90
C SER C 270 -2.05 -10.63 34.43
N LYS C 271 -1.09 -9.70 34.39
CA LYS C 271 -1.29 -8.34 34.85
C LYS C 271 -1.04 -7.28 33.79
N ILE C 272 -0.29 -7.60 32.73
CA ILE C 272 -0.05 -6.63 31.67
C ILE C 272 -1.32 -6.46 30.86
N ALA C 273 -1.55 -5.24 30.37
CA ALA C 273 -2.77 -4.94 29.63
C ALA C 273 -2.87 -5.75 28.34
N VAL C 274 -1.76 -5.86 27.60
CA VAL C 274 -1.77 -6.65 26.37
C VAL C 274 -1.90 -8.14 26.69
N PHE C 275 -1.27 -8.59 27.77
CA PHE C 275 -1.40 -9.99 28.16
C PHE C 275 -2.80 -10.31 28.65
N GLU C 276 -3.42 -9.37 29.37
CA GLU C 276 -4.83 -9.54 29.75
C GLU C 276 -5.72 -9.55 28.51
N LYS C 277 -5.38 -8.74 27.50
CA LYS C 277 -6.15 -8.73 26.27
C LYS C 277 -6.07 -10.07 25.55
N MET C 278 -4.86 -10.64 25.44
CA MET C 278 -4.75 -11.92 24.76
C MET C 278 -5.38 -13.04 25.59
N TRP C 279 -5.34 -12.92 26.93
CA TRP C 279 -5.99 -13.91 27.77
C TRP C 279 -7.51 -13.86 27.58
N THR C 280 -8.09 -12.66 27.48
CA THR C 280 -9.52 -12.55 27.21
C THR C 280 -9.86 -13.09 25.82
N TYR C 281 -9.00 -12.83 24.84
CA TYR C 281 -9.22 -13.37 23.49
C TYR C 281 -9.18 -14.88 23.49
N MET C 282 -8.26 -15.48 24.24
CA MET C 282 -8.21 -16.94 24.36
C MET C 282 -9.39 -17.48 25.15
N LYS C 283 -9.84 -16.75 26.16
CA LYS C 283 -10.97 -17.16 26.99
C LYS C 283 -12.31 -17.00 26.28
N SER C 284 -12.34 -16.27 25.16
CA SER C 284 -13.53 -16.30 24.31
C SER C 284 -13.79 -17.73 23.80
N ALA C 285 -12.71 -18.47 23.53
CA ALA C 285 -12.74 -19.92 23.30
C ALA C 285 -13.61 -20.31 22.10
N GLU C 286 -13.58 -19.48 21.06
CA GLU C 286 -14.22 -19.88 19.80
C GLU C 286 -13.57 -21.11 19.18
N PRO C 287 -12.24 -21.22 19.06
CA PRO C 287 -11.65 -22.52 18.69
C PRO C 287 -11.16 -23.37 19.85
N SER C 288 -11.29 -22.88 21.09
CA SER C 288 -10.82 -23.55 22.31
C SER C 288 -9.31 -23.81 22.29
N VAL C 289 -8.81 -24.53 23.30
CA VAL C 289 -7.38 -24.83 23.35
C VAL C 289 -6.99 -25.84 22.27
N PHE C 290 -7.86 -26.84 22.03
CA PHE C 290 -7.67 -27.85 20.99
C PHE C 290 -6.33 -28.57 21.11
N VAL C 291 -5.94 -28.90 22.33
CA VAL C 291 -4.65 -29.54 22.59
C VAL C 291 -4.77 -30.36 23.86
N ARG C 292 -4.14 -31.54 23.86
CA ARG C 292 -4.06 -32.41 25.03
C ARG C 292 -2.63 -32.66 25.46
N THR C 293 -1.75 -33.02 24.53
CA THR C 293 -0.34 -33.21 24.79
C THR C 293 0.47 -32.30 23.87
N THR C 294 1.77 -32.18 24.18
CA THR C 294 2.65 -31.33 23.39
C THR C 294 2.78 -31.84 21.96
N GLU C 295 2.94 -33.15 21.79
CA GLU C 295 3.07 -33.70 20.45
C GLU C 295 1.76 -33.63 19.68
N GLU C 296 0.62 -33.73 20.37
CA GLU C 296 -0.67 -33.58 19.70
C GLU C 296 -0.84 -32.16 19.15
N GLY C 297 -0.48 -31.16 19.95
CA GLY C 297 -0.52 -29.79 19.47
C GLY C 297 0.49 -29.52 18.37
N MET C 298 1.66 -30.15 18.45
CA MET C 298 2.66 -30.05 17.39
C MET C 298 2.13 -30.61 16.07
N ILE C 299 1.49 -31.78 16.13
CA ILE C 299 0.90 -32.37 14.93
C ILE C 299 -0.23 -31.50 14.40
N ARG C 300 -1.06 -30.96 15.30
CA ARG C 300 -2.17 -30.10 14.89
C ARG C 300 -1.67 -28.83 14.21
N VAL C 301 -0.63 -28.21 14.76
CA VAL C 301 -0.15 -26.96 14.18
C VAL C 301 0.64 -27.22 12.90
N ARG C 302 1.26 -28.40 12.75
CA ARG C 302 1.86 -28.72 11.46
C ARG C 302 0.80 -29.07 10.42
N LYS C 303 -0.34 -29.57 10.84
CA LYS C 303 -1.42 -29.91 9.93
C LYS C 303 -2.40 -28.76 9.72
N SER C 304 -2.20 -27.62 10.38
CA SER C 304 -3.10 -26.49 10.27
C SER C 304 -2.74 -25.54 9.12
N LYS C 305 -1.61 -25.79 8.45
CA LYS C 305 -1.13 -24.95 7.34
C LYS C 305 -0.99 -23.49 7.74
N GLY C 306 -0.46 -23.25 8.94
CA GLY C 306 -0.22 -21.90 9.42
C GLY C 306 -1.42 -21.20 10.00
N LYS C 307 -2.55 -21.88 10.16
CA LYS C 307 -3.76 -21.29 10.72
C LYS C 307 -3.83 -21.44 12.24
N TYR C 308 -2.83 -22.05 12.86
CA TYR C 308 -2.80 -22.23 14.31
C TYR C 308 -1.46 -21.78 14.85
N ALA C 309 -1.45 -21.43 16.14
CA ALA C 309 -0.23 -20.98 16.81
C ALA C 309 -0.18 -21.60 18.20
N TYR C 310 1.04 -21.80 18.71
CA TYR C 310 1.22 -22.41 20.01
C TYR C 310 2.34 -21.70 20.76
N LEU C 311 2.07 -21.38 22.03
CA LEU C 311 3.05 -20.79 22.93
C LEU C 311 3.62 -21.89 23.81
N LEU C 312 4.93 -22.03 23.80
CA LEU C 312 5.59 -23.12 24.51
C LEU C 312 6.97 -22.65 24.98
N GLU C 313 7.60 -23.48 25.82
CA GLU C 313 8.89 -23.12 26.40
C GLU C 313 9.98 -23.14 25.33
N SER C 314 10.86 -22.14 25.38
CA SER C 314 11.81 -21.89 24.29
C SER C 314 12.76 -23.07 24.07
N THR C 315 13.01 -23.88 25.10
CA THR C 315 13.87 -25.05 24.94
C THR C 315 13.22 -26.09 24.04
N MET C 316 11.93 -26.38 24.25
CA MET C 316 11.19 -27.22 23.31
C MET C 316 11.16 -26.61 21.92
N ASN C 317 11.11 -25.29 21.84
CA ASN C 317 11.04 -24.64 20.53
C ASN C 317 12.35 -24.83 19.76
N GLU C 318 13.49 -24.67 20.44
CA GLU C 318 14.77 -24.94 19.79
C GLU C 318 14.94 -26.42 19.49
N TYR C 319 14.39 -27.29 20.32
CA TYR C 319 14.44 -28.73 20.06
C TYR C 319 13.67 -29.08 18.79
N ILE C 320 12.46 -28.53 18.64
CA ILE C 320 11.63 -28.81 17.47
C ILE C 320 12.22 -28.14 16.23
N GLU C 321 12.90 -26.99 16.40
CA GLU C 321 13.49 -26.29 15.27
C GLU C 321 14.56 -27.12 14.56
N GLN C 322 15.21 -28.03 15.29
CA GLN C 322 16.29 -28.82 14.73
C GLN C 322 15.94 -30.30 14.57
N ARG C 323 15.54 -30.97 15.65
CA ARG C 323 15.36 -32.42 15.58
C ARG C 323 14.08 -32.82 14.86
N LYS C 324 13.02 -32.02 14.98
CA LYS C 324 11.83 -32.23 14.17
C LYS C 324 12.11 -31.77 12.74
N PRO C 325 11.28 -32.22 11.78
CA PRO C 325 11.44 -31.73 10.39
C PRO C 325 11.29 -30.22 10.31
N CYS C 326 12.03 -29.62 9.36
CA CYS C 326 12.20 -28.17 9.31
C CYS C 326 10.96 -27.55 8.67
N ASP C 327 9.88 -27.45 9.45
CA ASP C 327 8.71 -26.72 8.99
C ASP C 327 8.10 -25.81 10.06
N THR C 328 8.61 -25.83 11.29
CA THR C 328 8.17 -24.92 12.34
C THR C 328 9.38 -24.17 12.87
N MET C 329 9.19 -22.88 13.13
CA MET C 329 10.31 -22.01 13.49
C MET C 329 9.90 -21.06 14.60
N LYS C 330 10.93 -20.54 15.27
CA LYS C 330 10.80 -19.59 16.37
C LYS C 330 10.72 -18.17 15.85
N VAL C 331 9.99 -17.33 16.59
CA VAL C 331 9.96 -15.90 16.32
C VAL C 331 9.62 -15.18 17.62
N GLY C 332 10.19 -13.99 17.78
CA GLY C 332 9.95 -13.20 18.97
C GLY C 332 10.86 -13.60 20.12
N GLY C 333 10.96 -12.71 21.09
CA GLY C 333 11.76 -12.93 22.28
C GLY C 333 10.97 -13.61 23.38
N ASN C 334 11.62 -13.75 24.53
CA ASN C 334 11.00 -14.34 25.70
C ASN C 334 10.03 -13.35 26.33
N LEU C 335 8.79 -13.77 26.56
CA LEU C 335 7.80 -12.91 27.17
C LEU C 335 7.96 -12.79 28.68
N ASP C 336 8.71 -13.69 29.31
CA ASP C 336 8.95 -13.61 30.74
C ASP C 336 10.32 -14.21 31.04
N SER C 337 10.86 -13.87 32.20
CA SER C 337 12.18 -14.32 32.62
C SER C 337 12.02 -15.23 33.84
N LYS C 338 12.26 -16.52 33.64
CA LYS C 338 12.24 -17.51 34.71
C LYS C 338 13.48 -18.39 34.60
N GLY C 339 14.04 -18.77 35.75
CA GLY C 339 15.27 -19.52 35.80
C GLY C 339 15.08 -20.98 36.15
N TYR C 340 16.19 -21.71 36.09
CA TYR C 340 16.27 -23.13 36.38
C TYR C 340 17.03 -23.36 37.69
N GLY C 341 17.30 -24.62 37.97
CA GLY C 341 18.05 -24.97 39.16
C GLY C 341 17.96 -26.46 39.41
N ILE C 342 18.75 -26.89 40.39
CA ILE C 342 18.75 -28.28 40.83
C ILE C 342 18.38 -28.31 42.31
N ALA C 343 17.45 -29.18 42.66
CA ALA C 343 16.90 -29.20 44.00
C ALA C 343 17.90 -29.77 44.99
N THR C 344 18.07 -29.08 46.11
CA THR C 344 18.98 -29.47 47.18
C THR C 344 18.24 -29.50 48.50
N PRO C 345 18.63 -30.38 49.42
CA PRO C 345 17.98 -30.39 50.74
C PRO C 345 18.28 -29.13 51.54
N LYS C 346 17.35 -28.78 52.42
CA LYS C 346 17.47 -27.54 53.18
C LYS C 346 18.58 -27.61 54.23
N GLY C 347 18.81 -28.79 54.81
CA GLY C 347 19.77 -28.92 55.87
C GLY C 347 20.86 -29.95 55.64
N SER C 348 21.31 -30.08 54.41
CA SER C 348 22.36 -31.03 54.05
C SER C 348 23.67 -30.30 53.80
N ALA C 349 24.76 -31.08 53.76
CA ALA C 349 26.09 -30.55 53.48
C ALA C 349 26.40 -30.47 51.99
N LEU C 350 25.47 -30.87 51.13
CA LEU C 350 25.63 -30.82 49.68
C LEU C 350 24.86 -29.66 49.07
N ARG C 351 24.86 -28.51 49.75
CA ARG C 351 24.07 -27.35 49.34
C ARG C 351 24.92 -26.24 48.75
N ASN C 352 25.94 -25.78 49.47
CA ASN C 352 26.78 -24.68 49.02
C ASN C 352 27.84 -25.06 47.98
N PRO C 353 28.60 -26.16 48.15
CA PRO C 353 29.59 -26.50 47.10
C PRO C 353 28.97 -26.77 45.74
N VAL C 354 27.79 -27.37 45.67
CA VAL C 354 27.17 -27.60 44.37
C VAL C 354 26.69 -26.27 43.77
N ASN C 355 26.27 -25.33 44.62
CA ASN C 355 25.93 -23.99 44.12
C ASN C 355 27.15 -23.29 43.54
N LEU C 356 28.29 -23.38 44.24
CA LEU C 356 29.53 -22.80 43.71
C LEU C 356 29.94 -23.48 42.41
N ALA C 357 29.77 -24.80 42.33
CA ALA C 357 30.15 -25.53 41.12
C ALA C 357 29.27 -25.13 39.93
N VAL C 358 27.95 -25.05 40.13
CA VAL C 358 27.08 -24.72 39.01
C VAL C 358 27.28 -23.27 38.60
N LEU C 359 27.54 -22.36 39.55
CA LEU C 359 27.80 -20.97 39.17
C LEU C 359 29.13 -20.85 38.44
N LYS C 360 30.14 -21.61 38.85
CA LYS C 360 31.42 -21.61 38.16
C LYS C 360 31.29 -22.13 36.74
N LEU C 361 30.51 -23.20 36.56
CA LEU C 361 30.30 -23.73 35.21
C LEU C 361 29.44 -22.79 34.36
N ASN C 362 28.54 -22.02 34.98
CA ASN C 362 27.77 -21.04 34.25
C ASN C 362 28.65 -19.90 33.77
N GLU C 363 29.54 -19.40 34.63
CA GLU C 363 30.39 -18.27 34.24
C GLU C 363 31.53 -18.71 33.32
N GLN C 364 31.97 -19.97 33.42
CA GLN C 364 33.10 -20.43 32.61
C GLN C 364 32.71 -20.55 31.14
N GLY C 365 31.51 -21.02 30.86
CA GLY C 365 31.05 -21.23 29.50
C GLY C 365 31.06 -22.67 29.03
N LEU C 366 31.61 -23.59 29.83
CA LEU C 366 31.56 -25.01 29.47
C LEU C 366 30.14 -25.55 29.52
N LEU C 367 29.30 -24.99 30.38
CA LEU C 367 27.88 -25.32 30.38
C LEU C 367 27.23 -24.89 29.06
N ASP C 368 27.55 -23.69 28.59
CA ASP C 368 27.10 -23.27 27.27
C ASP C 368 27.70 -24.14 26.16
N LYS C 369 28.94 -24.60 26.34
CA LYS C 369 29.54 -25.51 25.36
C LYS C 369 28.76 -26.81 25.28
N LEU C 370 28.37 -27.36 26.43
CA LEU C 370 27.59 -28.59 26.44
C LEU C 370 26.20 -28.37 25.84
N LYS C 371 25.58 -27.22 26.13
CA LYS C 371 24.29 -26.90 25.55
C LYS C 371 24.37 -26.83 24.03
N ASN C 372 25.38 -26.11 23.52
CA ASN C 372 25.55 -25.99 22.07
C ASN C 372 25.87 -27.33 21.43
N LYS C 373 26.70 -28.14 22.09
CA LYS C 373 27.07 -29.45 21.54
C LYS C 373 25.85 -30.37 21.46
N TRP C 374 25.03 -30.40 22.50
CA TRP C 374 23.87 -31.28 22.47
C TRP C 374 22.70 -30.71 21.68
N TRP C 375 22.68 -29.41 21.40
CA TRP C 375 21.51 -28.80 20.78
C TRP C 375 21.77 -28.26 19.37
N TYR C 376 22.99 -28.37 18.85
CA TYR C 376 23.28 -27.83 17.53
C TYR C 376 23.94 -28.86 16.61
N ASP C 377 24.79 -29.72 17.17
CA ASP C 377 25.51 -30.68 16.35
C ASP C 377 24.63 -31.83 15.92
N LYS C 378 24.03 -32.54 16.88
CA LYS C 378 23.18 -33.69 16.58
C LYS C 378 21.73 -33.27 16.34
N GLY C 379 21.54 -32.31 15.43
CA GLY C 379 20.21 -31.88 15.04
C GLY C 379 19.97 -32.06 13.55
N GLU C 380 18.89 -32.75 13.20
CA GLU C 380 18.58 -33.08 11.81
C GLU C 380 17.81 -31.92 11.16
N CYS C 381 18.50 -30.80 11.01
CA CYS C 381 17.95 -29.69 10.24
C CYS C 381 19.11 -28.81 9.81
N GLY C 382 18.85 -27.94 8.84
CA GLY C 382 19.91 -27.13 8.29
C GLY C 382 19.69 -25.62 8.42
N SER C 383 18.92 -25.22 9.41
CA SER C 383 18.66 -23.79 9.61
C SER C 383 19.88 -23.05 10.15
N GLY C 384 20.56 -23.63 11.14
CA GLY C 384 21.70 -22.98 11.79
C GLY C 384 23.04 -23.52 11.33
N GLY C 385 23.08 -24.70 10.72
CA GLY C 385 24.33 -25.29 10.26
C GLY C 385 24.67 -24.91 8.83
N GLY C 386 23.84 -24.10 8.18
CA GLY C 386 24.10 -23.69 6.80
C GLY C 386 23.55 -22.28 6.62
N ASP C 387 23.99 -21.64 5.53
CA ASP C 387 23.52 -20.30 5.23
C ASP C 387 22.05 -20.27 4.87
N SER C 388 21.39 -19.17 5.24
CA SER C 388 19.97 -19.01 4.98
C SER C 388 19.78 -18.31 3.64
N LYS C 389 18.55 -17.88 3.35
CA LYS C 389 18.22 -17.18 2.12
C LYS C 389 18.20 -15.69 2.39
N ASP C 390 19.01 -14.94 1.63
CA ASP C 390 19.10 -13.49 1.79
C ASP C 390 17.97 -12.83 1.02
N LYS C 391 17.18 -12.01 1.69
CA LYS C 391 16.05 -11.33 1.07
C LYS C 391 16.56 -10.11 0.33
N THR C 392 16.74 -10.24 -0.98
CA THR C 392 17.15 -9.13 -1.83
C THR C 392 15.97 -8.52 -2.58
N SER C 393 14.74 -8.90 -2.19
CA SER C 393 13.49 -8.42 -2.81
C SER C 393 13.47 -8.73 -4.30
N ALA C 394 12.65 -7.96 -5.04
CA ALA C 394 12.62 -7.96 -6.50
C ALA C 394 12.28 -9.36 -7.03
N LEU C 395 12.74 -9.69 -8.23
CA LEU C 395 12.48 -10.99 -8.83
C LEU C 395 13.61 -11.96 -8.53
N SER C 396 13.42 -13.22 -8.95
CA SER C 396 14.41 -14.25 -8.72
C SER C 396 14.51 -15.22 -9.90
N LEU C 397 14.25 -14.72 -11.12
CA LEU C 397 14.26 -15.55 -12.34
C LEU C 397 13.29 -16.73 -12.21
N SER C 398 12.16 -16.47 -11.56
CA SER C 398 11.13 -17.48 -11.37
C SER C 398 9.81 -17.11 -12.04
N ASN C 399 9.32 -15.89 -11.82
CA ASN C 399 8.06 -15.47 -12.41
C ASN C 399 8.19 -15.12 -13.88
N VAL C 400 9.42 -14.96 -14.38
CA VAL C 400 9.68 -14.59 -15.77
C VAL C 400 10.39 -15.70 -16.53
N ALA C 401 10.45 -16.91 -15.97
CA ALA C 401 11.07 -18.02 -16.68
C ALA C 401 10.23 -18.49 -17.86
N GLY C 402 8.91 -18.52 -17.67
CA GLY C 402 8.02 -18.91 -18.76
C GLY C 402 8.05 -17.94 -19.93
N VAL C 403 8.43 -16.69 -19.67
CA VAL C 403 8.59 -15.68 -20.70
C VAL C 403 9.65 -16.11 -21.71
N PHE C 404 10.88 -16.30 -21.23
CA PHE C 404 11.94 -16.76 -22.13
C PHE C 404 11.70 -18.18 -22.62
N TYR C 405 10.95 -18.98 -21.86
CA TYR C 405 10.58 -20.32 -22.31
C TYR C 405 9.74 -20.28 -23.58
N ILE C 406 8.64 -19.53 -23.54
CA ILE C 406 7.79 -19.39 -24.74
C ILE C 406 8.53 -18.60 -25.82
N LEU C 407 9.47 -17.75 -25.40
CA LEU C 407 10.32 -17.07 -26.38
C LEU C 407 11.10 -18.07 -27.22
N ILE C 408 11.86 -18.95 -26.57
CA ILE C 408 12.70 -19.86 -27.33
C ILE C 408 11.86 -20.91 -28.04
N GLY C 409 10.67 -21.21 -27.51
CA GLY C 409 9.75 -22.06 -28.25
C GLY C 409 9.30 -21.45 -29.56
N GLY C 410 8.92 -20.16 -29.53
CA GLY C 410 8.56 -19.47 -30.76
C GLY C 410 9.74 -19.34 -31.71
N LEU C 411 10.94 -19.13 -31.16
CA LEU C 411 12.16 -19.09 -31.96
C LEU C 411 12.38 -20.38 -32.73
N GLY C 412 12.28 -21.52 -32.04
CA GLY C 412 12.44 -22.80 -32.70
C GLY C 412 11.34 -23.07 -33.71
N LEU C 413 10.10 -22.69 -33.39
CA LEU C 413 9.00 -22.86 -34.33
C LEU C 413 9.23 -22.05 -35.60
N ALA C 414 9.71 -20.81 -35.45
CA ALA C 414 9.99 -19.96 -36.61
C ALA C 414 11.13 -20.54 -37.45
N MET C 415 12.17 -21.05 -36.81
CA MET C 415 13.27 -21.65 -37.55
C MET C 415 12.80 -22.87 -38.33
N LEU C 416 11.97 -23.71 -37.71
CA LEU C 416 11.53 -24.92 -38.38
C LEU C 416 10.53 -24.63 -39.49
N VAL C 417 9.72 -23.58 -39.34
CA VAL C 417 8.84 -23.24 -40.46
C VAL C 417 9.61 -22.58 -41.59
N ALA C 418 10.72 -21.88 -41.28
CA ALA C 418 11.62 -21.44 -42.35
C ALA C 418 12.19 -22.63 -43.10
N LEU C 419 12.56 -23.68 -42.38
CA LEU C 419 13.10 -24.85 -43.07
C LEU C 419 12.06 -25.66 -43.83
N ILE C 420 10.79 -25.68 -43.40
CA ILE C 420 9.80 -26.37 -44.24
C ILE C 420 9.48 -25.52 -45.47
N GLU C 421 9.55 -24.18 -45.33
CA GLU C 421 9.46 -23.32 -46.52
C GLU C 421 10.60 -23.62 -47.50
N PHE C 422 11.82 -23.81 -46.98
CA PHE C 422 12.92 -24.19 -47.84
C PHE C 422 12.77 -25.61 -48.40
N CYS C 423 12.08 -26.49 -47.67
CA CYS C 423 11.76 -27.81 -48.19
C CYS C 423 10.78 -27.72 -49.35
N TYR C 424 9.81 -26.81 -49.25
CA TYR C 424 8.96 -26.49 -50.39
C TYR C 424 9.77 -25.96 -51.56
N LYS C 425 10.79 -25.14 -51.27
CA LYS C 425 11.69 -24.69 -52.33
C LYS C 425 12.42 -25.85 -52.99
N SER C 426 12.87 -26.83 -52.19
CA SER C 426 13.64 -27.94 -52.72
C SER C 426 12.77 -29.02 -53.36
N ARG C 427 11.46 -29.02 -53.13
CA ARG C 427 10.59 -30.03 -53.70
C ARG C 427 9.78 -29.48 -54.86
N VAL D 1 -35.77 -9.75 47.42
CA VAL D 1 -36.58 -9.01 46.46
C VAL D 1 -36.75 -9.85 45.18
N VAL D 2 -37.93 -9.76 44.57
CA VAL D 2 -38.25 -10.49 43.35
C VAL D 2 -38.46 -9.49 42.22
N VAL D 3 -37.85 -9.76 41.07
CA VAL D 3 -37.96 -8.90 39.89
C VAL D 3 -38.43 -9.74 38.72
N THR D 4 -39.32 -9.18 37.91
CA THR D 4 -39.86 -9.86 36.74
C THR D 4 -39.23 -9.29 35.48
N THR D 5 -38.99 -10.16 34.49
CA THR D 5 -38.28 -9.78 33.28
C THR D 5 -38.92 -10.47 32.08
N ILE D 6 -39.03 -9.72 30.97
CA ILE D 6 -39.58 -10.28 29.74
C ILE D 6 -38.48 -11.03 28.98
N MET D 7 -38.85 -12.10 28.32
CA MET D 7 -37.92 -12.88 27.51
C MET D 7 -37.57 -12.09 26.26
N GLU D 8 -36.48 -11.34 26.32
CA GLU D 8 -36.01 -10.51 25.22
C GLU D 8 -34.54 -10.83 24.96
N SER D 9 -34.14 -10.69 23.70
CA SER D 9 -32.81 -11.15 23.27
C SER D 9 -31.63 -10.51 23.99
N PRO D 10 -31.51 -9.18 24.12
CA PRO D 10 -30.26 -8.63 24.65
C PRO D 10 -30.18 -8.49 26.16
N TYR D 11 -31.17 -8.99 26.90
CA TYR D 11 -31.21 -8.77 28.35
C TYR D 11 -31.15 -10.07 29.15
N VAL D 12 -32.02 -11.04 28.86
CA VAL D 12 -31.99 -12.32 29.53
C VAL D 12 -32.12 -13.43 28.50
N MET D 13 -31.68 -14.63 28.88
CA MET D 13 -31.74 -15.77 27.97
C MET D 13 -31.77 -17.06 28.77
N TYR D 14 -32.47 -18.06 28.24
CA TYR D 14 -32.45 -19.39 28.80
C TYR D 14 -31.09 -20.03 28.54
N LYS D 15 -30.38 -20.39 29.59
CA LYS D 15 -29.04 -20.93 29.47
C LYS D 15 -29.07 -22.32 28.83
N LYS D 16 -27.97 -22.67 28.17
CA LYS D 16 -27.86 -23.99 27.56
C LYS D 16 -27.90 -25.09 28.61
N ASN D 17 -27.24 -24.87 29.76
CA ASN D 17 -27.32 -25.80 30.88
C ASN D 17 -28.58 -25.49 31.67
N HIS D 18 -29.72 -25.92 31.11
CA HIS D 18 -31.01 -25.67 31.74
C HIS D 18 -31.17 -26.46 33.04
N GLU D 19 -30.50 -27.61 33.14
CA GLU D 19 -30.57 -28.44 34.34
C GLU D 19 -29.48 -28.13 35.35
N MET D 20 -28.66 -27.11 35.10
CA MET D 20 -27.61 -26.75 36.05
C MET D 20 -28.21 -26.22 37.35
N PHE D 21 -29.13 -25.26 37.25
CA PHE D 21 -29.80 -24.71 38.43
C PHE D 21 -31.10 -24.07 37.99
N GLU D 22 -32.14 -24.26 38.79
CA GLU D 22 -33.45 -23.66 38.55
C GLU D 22 -33.71 -22.61 39.62
N GLY D 23 -33.97 -21.38 39.18
CA GLY D 23 -34.20 -20.29 40.12
C GLY D 23 -33.46 -19.03 39.76
N ASN D 24 -32.58 -18.58 40.67
CA ASN D 24 -31.86 -17.32 40.46
C ASN D 24 -30.73 -17.48 39.45
N ASP D 25 -29.83 -18.43 39.71
CA ASP D 25 -28.65 -18.63 38.87
C ASP D 25 -29.01 -19.48 37.65
N LYS D 26 -29.79 -18.87 36.75
CA LYS D 26 -30.17 -19.53 35.51
C LYS D 26 -30.17 -18.60 34.30
N TYR D 27 -29.75 -17.35 34.45
CA TYR D 27 -29.77 -16.38 33.36
C TYR D 27 -28.46 -15.61 33.34
N GLU D 28 -27.95 -15.38 32.12
CA GLU D 28 -26.72 -14.62 31.92
C GLU D 28 -26.97 -13.57 30.85
N GLY D 29 -26.58 -12.33 31.12
CA GLY D 29 -26.78 -11.27 30.17
C GLY D 29 -26.65 -9.91 30.83
N TYR D 30 -27.05 -8.88 30.06
CA TYR D 30 -26.94 -7.50 30.52
C TYR D 30 -27.82 -7.23 31.74
N CYS D 31 -29.07 -7.72 31.71
CA CYS D 31 -30.05 -7.34 32.71
C CYS D 31 -29.73 -7.96 34.07
N VAL D 32 -29.39 -9.25 34.09
CA VAL D 32 -29.13 -9.92 35.35
C VAL D 32 -27.84 -9.40 35.99
N ASP D 33 -26.83 -9.10 35.16
CA ASP D 33 -25.59 -8.54 35.68
C ASP D 33 -25.82 -7.13 36.24
N LEU D 34 -26.64 -6.32 35.56
CA LEU D 34 -26.97 -5.00 36.09
C LEU D 34 -27.73 -5.10 37.41
N ALA D 35 -28.66 -6.06 37.51
CA ALA D 35 -29.40 -6.27 38.75
C ALA D 35 -28.47 -6.71 39.87
N SER D 36 -27.53 -7.61 39.57
CA SER D 36 -26.56 -8.05 40.56
C SER D 36 -25.68 -6.89 41.02
N GLU D 37 -25.27 -6.02 40.09
CA GLU D 37 -24.44 -4.88 40.46
C GLU D 37 -25.19 -3.91 41.37
N ILE D 38 -26.44 -3.59 41.03
CA ILE D 38 -27.18 -2.66 41.89
C ILE D 38 -27.52 -3.30 43.23
N ALA D 39 -27.77 -4.63 43.26
CA ALA D 39 -28.04 -5.30 44.51
C ALA D 39 -26.80 -5.34 45.41
N LYS D 40 -25.62 -5.50 44.82
CA LYS D 40 -24.39 -5.38 45.59
C LYS D 40 -24.15 -3.95 46.04
N HIS D 41 -24.60 -2.97 45.26
CA HIS D 41 -24.42 -1.57 45.64
C HIS D 41 -25.28 -1.21 46.85
N ILE D 42 -26.56 -1.57 46.84
CA ILE D 42 -27.44 -1.16 47.93
C ILE D 42 -27.49 -2.20 49.04
N GLY D 43 -27.48 -3.49 48.70
CA GLY D 43 -27.55 -4.54 49.69
C GLY D 43 -28.94 -5.12 49.81
N ILE D 44 -29.18 -6.25 49.16
CA ILE D 44 -30.50 -6.88 49.15
C ILE D 44 -30.34 -8.30 48.62
N LYS D 45 -31.27 -9.18 48.99
CA LYS D 45 -31.33 -10.52 48.44
C LYS D 45 -32.22 -10.50 47.21
N TYR D 46 -31.64 -10.77 46.04
CA TYR D 46 -32.34 -10.60 44.78
C TYR D 46 -32.53 -11.94 44.09
N LYS D 47 -33.65 -12.04 43.36
CA LYS D 47 -33.97 -13.22 42.55
C LYS D 47 -34.26 -12.79 41.12
N ILE D 48 -34.77 -13.71 40.31
CA ILE D 48 -35.14 -13.40 38.93
C ILE D 48 -36.43 -14.15 38.59
N ALA D 49 -37.27 -13.53 37.77
CA ALA D 49 -38.54 -14.12 37.39
C ALA D 49 -38.93 -13.65 36.00
N ILE D 50 -39.82 -14.40 35.36
CA ILE D 50 -40.29 -14.11 34.01
C ILE D 50 -41.72 -13.61 34.10
N VAL D 51 -42.08 -12.71 33.18
CA VAL D 51 -43.44 -12.16 33.15
C VAL D 51 -44.43 -13.26 32.83
N PRO D 52 -45.53 -13.40 33.57
CA PRO D 52 -46.57 -14.36 33.18
C PRO D 52 -47.41 -13.89 32.01
N ASP D 53 -47.40 -12.60 31.70
CA ASP D 53 -48.23 -12.06 30.62
C ASP D 53 -47.50 -12.02 29.28
N GLY D 54 -46.19 -11.80 29.29
CA GLY D 54 -45.41 -11.77 28.07
C GLY D 54 -45.38 -10.44 27.36
N LYS D 55 -46.03 -9.41 27.90
CA LYS D 55 -46.05 -8.09 27.26
C LYS D 55 -44.93 -7.22 27.80
N TYR D 56 -44.49 -6.27 26.96
CA TYR D 56 -43.41 -5.38 27.35
C TYR D 56 -43.87 -4.30 28.33
N GLY D 57 -45.17 -4.03 28.40
CA GLY D 57 -45.69 -3.03 29.30
C GLY D 57 -46.28 -1.82 28.61
N ALA D 58 -47.61 -1.79 28.51
CA ALA D 58 -48.33 -0.68 27.88
C ALA D 58 -49.76 -0.70 28.39
N ARG D 59 -50.46 0.41 28.17
CA ARG D 59 -51.85 0.54 28.58
C ARG D 59 -52.77 0.25 27.39
N ASP D 60 -53.78 -0.58 27.62
CA ASP D 60 -54.76 -0.88 26.59
C ASP D 60 -55.71 0.29 26.35
N ALA D 61 -55.78 1.23 27.28
CA ALA D 61 -56.52 2.49 27.18
C ALA D 61 -58.03 2.32 27.09
N ASP D 62 -58.54 1.11 27.30
CA ASP D 62 -59.98 0.91 27.33
C ASP D 62 -60.46 0.17 28.57
N THR D 63 -59.66 -0.77 29.07
CA THR D 63 -59.99 -1.52 30.28
C THR D 63 -59.43 -0.87 31.54
N LYS D 64 -58.81 0.30 31.43
CA LYS D 64 -58.25 1.07 32.55
C LYS D 64 -57.18 0.29 33.30
N ILE D 65 -56.51 -0.64 32.61
CA ILE D 65 -55.40 -1.40 33.17
C ILE D 65 -54.23 -1.32 32.21
N TRP D 66 -53.04 -1.61 32.74
CA TRP D 66 -51.82 -1.69 31.94
C TRP D 66 -51.48 -3.15 31.68
N ASN D 67 -50.97 -3.42 30.48
CA ASN D 67 -50.70 -4.79 30.04
C ASN D 67 -49.20 -5.05 30.15
N GLY D 68 -48.78 -5.58 31.30
CA GLY D 68 -47.40 -5.98 31.45
C GLY D 68 -46.76 -5.68 32.79
N MET D 69 -45.50 -5.23 32.73
CA MET D 69 -44.71 -5.02 33.95
C MET D 69 -45.30 -3.92 34.80
N VAL D 70 -45.59 -2.76 34.20
CA VAL D 70 -46.19 -1.67 34.96
C VAL D 70 -47.59 -2.04 35.43
N GLY D 71 -48.29 -2.88 34.67
CA GLY D 71 -49.61 -3.34 35.10
C GLY D 71 -49.56 -4.19 36.35
N GLU D 72 -48.60 -5.12 36.41
CA GLU D 72 -48.47 -5.93 37.62
C GLU D 72 -47.79 -5.18 38.76
N LEU D 73 -47.02 -4.13 38.48
CA LEU D 73 -46.46 -3.33 39.56
C LEU D 73 -47.52 -2.43 40.21
N VAL D 74 -48.40 -1.82 39.40
CA VAL D 74 -49.45 -0.98 39.97
C VAL D 74 -50.45 -1.83 40.76
N TYR D 75 -50.84 -2.98 40.22
CA TYR D 75 -51.83 -3.85 40.84
C TYR D 75 -51.22 -4.84 41.84
N GLY D 76 -50.00 -4.59 42.29
CA GLY D 76 -49.43 -5.34 43.39
C GLY D 76 -49.01 -6.77 43.08
N LYS D 77 -48.01 -6.93 42.21
CA LYS D 77 -47.42 -8.23 41.95
C LYS D 77 -45.90 -8.25 42.00
N ALA D 78 -45.24 -7.09 41.88
CA ALA D 78 -43.80 -7.01 41.99
C ALA D 78 -43.43 -5.63 42.50
N GLU D 79 -42.22 -5.52 43.05
CA GLU D 79 -41.78 -4.28 43.68
C GLU D 79 -40.58 -3.64 43.00
N ILE D 80 -40.05 -4.24 41.94
CA ILE D 80 -38.93 -3.65 41.20
C ILE D 80 -38.93 -4.27 39.81
N ALA D 81 -38.43 -3.49 38.83
CA ALA D 81 -38.34 -3.95 37.43
C ALA D 81 -37.00 -3.47 36.88
N ILE D 82 -35.97 -4.32 37.01
CA ILE D 82 -34.65 -4.00 36.47
C ILE D 82 -34.59 -4.21 34.96
N ALA D 83 -35.59 -4.86 34.38
CA ALA D 83 -35.66 -4.97 32.93
C ALA D 83 -35.83 -3.59 32.32
N PRO D 84 -35.23 -3.32 31.15
CA PRO D 84 -35.28 -1.97 30.58
C PRO D 84 -36.69 -1.56 30.18
N LEU D 85 -36.93 -0.25 30.28
CA LEU D 85 -38.24 0.31 29.97
C LEU D 85 -38.03 1.74 29.49
N THR D 86 -38.38 2.01 28.24
CA THR D 86 -38.28 3.38 27.72
C THR D 86 -39.32 4.26 28.40
N ILE D 87 -38.93 5.50 28.67
CA ILE D 87 -39.74 6.43 29.45
C ILE D 87 -40.57 7.28 28.51
N THR D 88 -41.89 7.25 28.69
CA THR D 88 -42.84 8.02 27.90
C THR D 88 -43.82 8.71 28.85
N LEU D 89 -44.69 9.54 28.26
CA LEU D 89 -45.58 10.39 29.05
C LEU D 89 -46.56 9.57 29.87
N VAL D 90 -47.11 8.50 29.28
CA VAL D 90 -48.17 7.75 29.96
C VAL D 90 -47.63 6.98 31.15
N ARG D 91 -46.37 6.53 31.09
CA ARG D 91 -45.76 5.80 32.19
C ARG D 91 -44.98 6.71 33.13
N GLU D 92 -45.61 7.79 33.59
CA GLU D 92 -44.99 8.65 34.59
C GLU D 92 -45.96 8.95 35.73
N GLU D 93 -47.26 9.00 35.43
CA GLU D 93 -48.26 9.27 36.45
C GLU D 93 -48.63 8.04 37.26
N VAL D 94 -48.21 6.85 36.82
CA VAL D 94 -48.47 5.62 37.56
C VAL D 94 -47.20 4.92 38.03
N ILE D 95 -46.04 5.24 37.45
CA ILE D 95 -44.78 4.63 37.84
C ILE D 95 -43.71 5.71 37.94
N ASP D 96 -42.63 5.39 38.64
CA ASP D 96 -41.52 6.30 38.81
C ASP D 96 -40.29 5.79 38.06
N PHE D 97 -39.52 6.72 37.49
CA PHE D 97 -38.35 6.39 36.70
C PHE D 97 -37.14 7.15 37.24
N SER D 98 -35.99 6.49 37.22
CA SER D 98 -34.74 7.08 37.67
C SER D 98 -34.03 7.74 36.50
N LYS D 99 -32.77 8.11 36.70
CA LYS D 99 -31.97 8.72 35.65
C LYS D 99 -31.70 7.70 34.54
N PRO D 100 -31.60 8.16 33.29
CA PRO D 100 -31.34 7.22 32.18
C PRO D 100 -29.93 6.66 32.26
N PHE D 101 -29.85 5.33 32.36
CA PHE D 101 -28.57 4.64 32.39
C PHE D 101 -28.04 4.30 31.00
N MET D 102 -28.85 4.51 29.96
CA MET D 102 -28.43 4.24 28.60
C MET D 102 -29.20 5.16 27.66
N SER D 103 -28.53 5.58 26.59
CA SER D 103 -29.11 6.48 25.60
C SER D 103 -29.38 5.71 24.32
N LEU D 104 -30.59 5.83 23.79
CA LEU D 104 -30.99 5.15 22.57
C LEU D 104 -31.86 6.07 21.73
N GLY D 105 -31.94 5.76 20.44
CA GLY D 105 -32.74 6.56 19.53
C GLY D 105 -32.94 5.83 18.22
N ILE D 106 -33.66 6.48 17.32
CA ILE D 106 -33.95 5.92 16.01
C ILE D 106 -32.74 6.14 15.11
N SER D 107 -32.18 5.05 14.59
CA SER D 107 -30.99 5.11 13.75
C SER D 107 -31.25 4.29 12.48
N ILE D 108 -30.54 4.67 11.41
CA ILE D 108 -30.70 4.01 10.13
C ILE D 108 -29.88 2.72 10.11
N MET D 109 -30.28 1.83 9.20
CA MET D 109 -29.60 0.54 9.03
C MET D 109 -29.81 0.09 7.60
N ILE D 110 -28.71 -0.07 6.86
CA ILE D 110 -28.74 -0.45 5.47
C ILE D 110 -28.02 -1.79 5.28
N LYS D 111 -27.99 -2.29 4.06
CA LYS D 111 -27.37 -3.58 3.78
C LYS D 111 -25.85 -3.42 3.64
N LYS D 112 -25.18 -4.52 3.31
CA LYS D 112 -23.72 -4.52 3.21
C LYS D 112 -23.28 -3.81 1.94
N PRO D 113 -22.39 -2.81 2.03
CA PRO D 113 -21.87 -2.15 0.83
C PRO D 113 -20.73 -2.95 0.23
N GLN D 114 -20.94 -3.46 -0.98
CA GLN D 114 -19.95 -4.25 -1.68
C GLN D 114 -19.47 -3.51 -2.92
N LYS D 115 -18.40 -4.02 -3.51
CA LYS D 115 -17.84 -3.42 -4.71
C LYS D 115 -18.79 -3.62 -5.88
N SER D 116 -19.00 -2.56 -6.65
CA SER D 116 -19.90 -2.62 -7.79
C SER D 116 -19.26 -3.42 -8.93
N LYS D 117 -20.10 -3.93 -9.82
CA LYS D 117 -19.68 -4.69 -10.99
C LYS D 117 -20.32 -4.06 -12.22
N PRO D 118 -19.82 -2.90 -12.65
CA PRO D 118 -20.47 -2.19 -13.76
C PRO D 118 -20.03 -2.71 -15.11
N GLY D 119 -20.84 -2.40 -16.12
CA GLY D 119 -20.54 -2.82 -17.47
C GLY D 119 -19.74 -1.81 -18.26
N VAL D 120 -20.23 -0.58 -18.34
CA VAL D 120 -19.57 0.47 -19.13
C VAL D 120 -18.79 1.37 -18.18
N PHE D 121 -19.32 1.56 -16.97
CA PHE D 121 -18.68 2.41 -15.99
C PHE D 121 -17.34 1.84 -15.52
N SER D 122 -17.15 0.53 -15.63
CA SER D 122 -15.86 -0.05 -15.28
C SER D 122 -14.75 0.38 -16.24
N PHE D 123 -15.09 0.64 -17.49
CA PHE D 123 -14.11 1.12 -18.46
C PHE D 123 -13.60 2.50 -18.09
N LEU D 124 -14.46 3.35 -17.55
CA LEU D 124 -14.15 4.76 -17.29
C LEU D 124 -14.10 5.10 -15.81
N ASP D 125 -14.02 4.09 -14.94
CA ASP D 125 -13.92 4.35 -13.50
C ASP D 125 -12.73 5.23 -13.10
N PRO D 126 -11.51 5.05 -13.62
CA PRO D 126 -10.48 6.07 -13.39
C PRO D 126 -10.81 7.34 -14.17
N LEU D 127 -10.26 8.45 -13.68
CA LEU D 127 -10.49 9.80 -14.22
C LEU D 127 -11.99 10.10 -14.08
N ALA D 128 -12.57 10.84 -15.03
CA ALA D 128 -13.97 11.24 -14.92
C ALA D 128 -14.55 11.49 -16.30
N TYR D 129 -15.86 11.74 -16.33
CA TYR D 129 -16.53 12.07 -17.59
C TYR D 129 -16.05 13.40 -18.15
N GLU D 130 -15.88 14.40 -17.28
CA GLU D 130 -15.57 15.76 -17.72
C GLU D 130 -14.23 15.81 -18.44
N ILE D 131 -13.22 15.16 -17.87
CA ILE D 131 -11.90 15.16 -18.49
C ILE D 131 -11.92 14.43 -19.82
N TRP D 132 -12.80 13.45 -19.99
CA TRP D 132 -12.81 12.75 -21.27
C TRP D 132 -13.63 13.45 -22.34
N MET D 133 -14.71 14.16 -21.99
CA MET D 133 -15.27 15.04 -23.02
C MET D 133 -14.31 16.19 -23.34
N CYS D 134 -13.53 16.65 -22.36
CA CYS D 134 -12.53 17.67 -22.65
C CYS D 134 -11.44 17.12 -23.57
N ILE D 135 -11.03 15.87 -23.38
CA ILE D 135 -10.00 15.28 -24.23
C ILE D 135 -10.53 15.01 -25.63
N VAL D 136 -11.80 14.65 -25.79
CA VAL D 136 -12.27 14.46 -27.16
C VAL D 136 -12.45 15.81 -27.86
N PHE D 137 -12.85 16.86 -27.12
CA PHE D 137 -12.87 18.20 -27.70
C PHE D 137 -11.47 18.64 -28.12
N ALA D 138 -10.48 18.38 -27.26
CA ALA D 138 -9.10 18.74 -27.59
C ALA D 138 -8.59 17.94 -28.78
N TYR D 139 -8.98 16.66 -28.88
CA TYR D 139 -8.60 15.85 -30.03
C TYR D 139 -9.17 16.43 -31.32
N ILE D 140 -10.44 16.80 -31.31
CA ILE D 140 -11.06 17.39 -32.49
C ILE D 140 -10.38 18.71 -32.86
N GLY D 141 -10.11 19.55 -31.86
CA GLY D 141 -9.45 20.82 -32.12
C GLY D 141 -8.03 20.67 -32.66
N VAL D 142 -7.26 19.75 -32.08
CA VAL D 142 -5.90 19.52 -32.53
C VAL D 142 -5.89 18.95 -33.94
N SER D 143 -6.80 18.01 -34.23
CA SER D 143 -6.86 17.45 -35.57
C SER D 143 -7.22 18.51 -36.60
N VAL D 144 -8.21 19.37 -36.31
CA VAL D 144 -8.60 20.37 -37.29
C VAL D 144 -7.52 21.43 -37.44
N VAL D 145 -6.82 21.78 -36.36
CA VAL D 145 -5.79 22.82 -36.50
C VAL D 145 -4.57 22.27 -37.24
N LEU D 146 -4.21 21.00 -37.06
CA LEU D 146 -3.06 20.48 -37.80
C LEU D 146 -3.45 20.17 -39.24
N PHE D 147 -4.74 19.94 -39.51
CA PHE D 147 -5.20 19.86 -40.89
C PHE D 147 -5.11 21.21 -41.57
N LEU D 148 -5.51 22.28 -40.89
CA LEU D 148 -5.51 23.60 -41.52
C LEU D 148 -4.11 24.20 -41.62
N VAL D 149 -3.21 23.87 -40.68
CA VAL D 149 -1.87 24.46 -40.72
C VAL D 149 -1.05 23.89 -41.88
N SER D 150 -1.40 22.72 -42.38
CA SER D 150 -0.69 22.13 -43.51
C SER D 150 -1.20 22.62 -44.86
N ARG D 151 -2.27 23.40 -44.87
CA ARG D 151 -2.82 23.93 -46.12
C ARG D 151 -2.59 25.43 -46.22
N GLU D 176 -0.17 17.15 -47.17
CA GLU D 176 -0.71 15.85 -47.53
C GLU D 176 -1.75 15.39 -46.51
N PHE D 177 -1.88 16.15 -45.43
CA PHE D 177 -2.83 15.82 -44.36
C PHE D 177 -4.17 16.43 -44.72
N GLY D 178 -5.06 15.61 -45.27
CA GLY D 178 -6.42 16.02 -45.56
C GLY D 178 -7.35 15.73 -44.40
N ILE D 179 -8.65 15.81 -44.67
CA ILE D 179 -9.67 15.67 -43.62
C ILE D 179 -9.81 14.27 -43.08
N PHE D 180 -9.04 13.31 -43.60
CA PHE D 180 -9.00 11.98 -43.01
C PHE D 180 -7.57 11.60 -42.67
N ASN D 181 -6.61 12.11 -43.45
CA ASN D 181 -5.20 11.85 -43.14
C ASN D 181 -4.79 12.50 -41.82
N SER D 182 -5.25 13.73 -41.57
CA SER D 182 -4.97 14.40 -40.30
C SER D 182 -5.64 13.68 -39.13
N LEU D 183 -6.88 13.23 -39.33
CA LEU D 183 -7.57 12.48 -38.28
C LEU D 183 -6.85 11.17 -37.98
N TRP D 184 -6.35 10.49 -39.01
CA TRP D 184 -5.63 9.24 -38.78
C TRP D 184 -4.29 9.48 -38.09
N PHE D 185 -3.60 10.58 -38.45
CA PHE D 185 -2.37 10.94 -37.76
C PHE D 185 -2.63 11.19 -36.27
N SER D 186 -3.68 11.96 -35.98
CA SER D 186 -4.02 12.23 -34.59
C SER D 186 -4.44 10.96 -33.86
N LEU D 187 -5.19 10.08 -34.54
CA LEU D 187 -5.64 8.84 -33.93
C LEU D 187 -4.47 7.91 -33.63
N GLY D 188 -3.51 7.82 -34.56
CA GLY D 188 -2.33 7.01 -34.31
C GLY D 188 -1.45 7.58 -33.21
N ALA D 189 -1.38 8.90 -33.10
CA ALA D 189 -0.65 9.51 -32.00
C ALA D 189 -1.40 9.36 -30.67
N PHE D 190 -2.71 9.17 -30.70
CA PHE D 190 -3.51 9.15 -29.47
C PHE D 190 -3.40 7.85 -28.69
N MET D 191 -2.98 6.75 -29.32
CA MET D 191 -2.75 5.50 -28.59
C MET D 191 -1.31 5.03 -28.70
N GLN D 192 -0.39 6.00 -28.83
CA GLN D 192 1.06 5.76 -28.76
C GLN D 192 1.51 4.81 -29.89
N GLN D 193 1.34 5.29 -31.12
CA GLN D 193 1.84 4.62 -32.32
C GLN D 193 2.49 5.67 -33.22
N GLY D 194 2.91 5.24 -34.40
CA GLY D 194 3.52 6.12 -35.36
C GLY D 194 2.64 6.38 -36.56
N CYS D 195 3.26 6.90 -37.63
CA CYS D 195 2.55 7.20 -38.86
C CYS D 195 3.50 7.07 -40.04
N ASP D 196 2.92 6.87 -41.21
CA ASP D 196 3.73 6.72 -42.43
C ASP D 196 4.28 8.05 -42.91
N ILE D 197 3.47 9.11 -42.85
CA ILE D 197 3.84 10.42 -43.39
C ILE D 197 4.04 11.39 -42.23
N SER D 198 5.16 12.10 -42.23
CA SER D 198 5.46 13.11 -41.24
C SER D 198 5.57 14.48 -41.91
N PRO D 199 5.04 15.54 -41.29
CA PRO D 199 5.11 16.87 -41.89
C PRO D 199 6.51 17.45 -41.79
N ARG D 200 6.70 18.57 -42.48
CA ARG D 200 7.99 19.26 -42.54
C ARG D 200 7.95 20.69 -42.04
N SER D 201 6.82 21.15 -41.50
CA SER D 201 6.70 22.52 -41.01
C SER D 201 7.08 22.59 -39.53
N LEU D 202 7.57 23.76 -39.12
CA LEU D 202 7.93 23.96 -37.72
C LEU D 202 6.69 23.98 -36.83
N SER D 203 5.61 24.58 -37.31
CA SER D 203 4.35 24.54 -36.56
C SER D 203 3.84 23.11 -36.44
N GLY D 204 3.96 22.33 -37.52
CA GLY D 204 3.61 20.93 -37.46
C GLY D 204 4.45 20.15 -36.46
N ARG D 205 5.75 20.45 -36.42
CA ARG D 205 6.63 19.80 -35.46
C ARG D 205 6.22 20.13 -34.03
N ILE D 206 5.92 21.41 -33.77
CA ILE D 206 5.51 21.83 -32.43
C ILE D 206 4.21 21.14 -32.02
N VAL D 207 3.23 21.12 -32.92
CA VAL D 207 1.93 20.55 -32.55
C VAL D 207 2.06 19.03 -32.38
N GLY D 208 2.85 18.36 -33.23
CA GLY D 208 3.03 16.93 -33.07
C GLY D 208 3.74 16.58 -31.78
N GLY D 209 4.80 17.31 -31.43
CA GLY D 209 5.50 17.05 -30.19
C GLY D 209 4.63 17.28 -28.96
N VAL D 210 3.88 18.39 -28.96
CA VAL D 210 3.06 18.69 -27.79
C VAL D 210 1.91 17.70 -27.65
N TRP D 211 1.32 17.26 -28.78
CA TRP D 211 0.26 16.27 -28.70
C TRP D 211 0.79 14.92 -28.24
N TRP D 212 1.97 14.53 -28.73
CA TRP D 212 2.59 13.28 -28.29
C TRP D 212 2.88 13.32 -26.79
N PHE D 213 3.44 14.43 -26.31
CA PHE D 213 3.77 14.56 -24.90
C PHE D 213 2.53 14.53 -24.03
N PHE D 214 1.47 15.22 -24.46
CA PHE D 214 0.21 15.21 -23.72
C PHE D 214 -0.40 13.80 -23.69
N THR D 215 -0.37 13.10 -24.82
CA THR D 215 -0.91 11.73 -24.85
C THR D 215 -0.15 10.82 -23.89
N LEU D 216 1.18 10.90 -23.92
CA LEU D 216 1.98 10.05 -23.05
C LEU D 216 1.73 10.36 -21.58
N ILE D 217 1.66 11.66 -21.23
CA ILE D 217 1.46 12.01 -19.84
C ILE D 217 0.08 11.60 -19.36
N ILE D 218 -0.94 11.67 -20.21
CA ILE D 218 -2.26 11.31 -19.70
C ILE D 218 -2.42 9.78 -19.65
N ILE D 219 -1.75 9.03 -20.52
CA ILE D 219 -1.77 7.58 -20.37
C ILE D 219 -1.03 7.15 -19.10
N SER D 220 0.09 7.82 -18.79
CA SER D 220 0.79 7.52 -17.54
C SER D 220 -0.08 7.85 -16.33
N SER D 221 -0.78 9.00 -16.37
CA SER D 221 -1.68 9.36 -15.28
C SER D 221 -2.81 8.34 -15.11
N TYR D 222 -3.40 7.91 -16.23
CA TYR D 222 -4.47 6.93 -16.18
C TYR D 222 -4.00 5.61 -15.59
N THR D 223 -2.83 5.12 -16.02
CA THR D 223 -2.38 3.83 -15.53
C THR D 223 -1.97 3.92 -14.05
N ALA D 224 -1.43 5.06 -13.63
CA ALA D 224 -1.15 5.24 -12.20
C ALA D 224 -2.44 5.24 -11.38
N ASN D 225 -3.47 5.94 -11.87
CA ASN D 225 -4.74 5.99 -11.16
C ASN D 225 -5.36 4.60 -11.07
N LEU D 226 -5.33 3.85 -12.17
CA LEU D 226 -5.90 2.50 -12.18
C LEU D 226 -5.14 1.57 -11.26
N ALA D 227 -3.80 1.67 -11.25
CA ALA D 227 -3.01 0.84 -10.35
C ALA D 227 -3.31 1.15 -8.90
N ALA D 228 -3.42 2.43 -8.55
CA ALA D 228 -3.73 2.81 -7.17
C ALA D 228 -5.11 2.31 -6.77
N PHE D 229 -6.11 2.49 -7.65
CA PHE D 229 -7.46 2.03 -7.36
C PHE D 229 -7.51 0.52 -7.16
N LEU D 230 -6.83 -0.24 -8.02
CA LEU D 230 -6.88 -1.69 -7.93
C LEU D 230 -6.07 -2.23 -6.75
N THR D 231 -4.99 -1.55 -6.35
CA THR D 231 -4.24 -2.03 -5.20
C THR D 231 -4.86 -1.59 -3.88
N VAL D 232 -5.76 -0.61 -3.89
CA VAL D 232 -6.35 -0.21 -2.62
C VAL D 232 -7.72 -0.86 -2.41
N GLU D 233 -8.50 -1.04 -3.50
CA GLU D 233 -9.87 -1.58 -3.50
C GLU D 233 -10.71 -1.13 -2.30
N ARG D 234 -10.60 0.15 -1.94
CA ARG D 234 -11.24 0.66 -0.74
C ARG D 234 -12.72 0.91 -0.99
N MET D 235 -13.56 0.39 -0.10
CA MET D 235 -15.00 0.58 -0.21
C MET D 235 -15.40 1.95 0.33
N VAL D 236 -16.50 2.47 -0.22
CA VAL D 236 -17.05 3.76 0.16
C VAL D 236 -18.47 3.56 0.63
N SER D 237 -18.85 4.28 1.69
CA SER D 237 -20.19 4.18 2.23
C SER D 237 -21.21 4.64 1.18
N PRO D 238 -22.38 4.00 1.11
CA PRO D 238 -23.36 4.34 0.08
C PRO D 238 -24.00 5.71 0.29
N ILE D 239 -24.98 6.04 -0.57
CA ILE D 239 -25.64 7.34 -0.50
C ILE D 239 -26.40 7.48 0.81
N GLU D 240 -26.97 6.39 1.33
CA GLU D 240 -27.72 6.41 2.58
C GLU D 240 -26.74 6.54 3.75
N SER D 241 -26.32 7.78 4.01
CA SER D 241 -25.43 8.07 5.12
C SER D 241 -25.91 9.21 6.01
N ALA D 242 -26.99 9.90 5.65
CA ALA D 242 -27.54 10.98 6.45
C ALA D 242 -29.03 11.06 6.19
N GLU D 243 -29.74 11.83 7.02
CA GLU D 243 -31.19 11.94 6.88
C GLU D 243 -31.56 12.64 5.58
N ASP D 244 -30.86 13.72 5.23
CA ASP D 244 -31.17 14.44 4.00
C ASP D 244 -30.85 13.59 2.77
N LEU D 245 -29.74 12.85 2.82
CA LEU D 245 -29.42 11.95 1.71
C LEU D 245 -30.41 10.79 1.63
N ALA D 246 -30.93 10.32 2.77
CA ALA D 246 -31.97 9.31 2.76
C ALA D 246 -33.24 9.84 2.11
N LYS D 247 -33.59 11.09 2.41
CA LYS D 247 -34.75 11.71 1.78
C LYS D 247 -34.54 11.95 0.29
N GLN D 248 -33.31 12.21 -0.15
CA GLN D 248 -33.02 12.48 -1.55
C GLN D 248 -32.68 11.22 -2.35
N THR D 249 -32.54 10.07 -1.69
CA THR D 249 -32.20 8.83 -2.36
C THR D 249 -33.46 8.05 -2.70
N GLU D 250 -33.47 7.42 -3.88
CA GLU D 250 -34.61 6.68 -4.38
C GLU D 250 -34.76 5.30 -3.76
N ILE D 251 -33.82 4.87 -2.91
CA ILE D 251 -33.89 3.54 -2.32
C ILE D 251 -35.07 3.45 -1.36
N ALA D 252 -35.66 2.26 -1.26
CA ALA D 252 -36.84 2.06 -0.44
C ALA D 252 -36.48 2.12 1.05
N TYR D 253 -37.50 2.38 1.87
CA TYR D 253 -37.32 2.52 3.31
C TYR D 253 -38.53 1.93 4.01
N GLY D 254 -38.29 0.94 4.88
CA GLY D 254 -39.38 0.28 5.57
C GLY D 254 -39.13 0.26 7.07
N THR D 255 -40.23 0.07 7.80
CA THR D 255 -40.19 0.04 9.26
C THR D 255 -41.31 -0.86 9.75
N LEU D 256 -41.49 -0.92 11.07
CA LEU D 256 -42.49 -1.78 11.68
C LEU D 256 -43.89 -1.23 11.44
N ASP D 257 -44.90 -2.06 11.73
CA ASP D 257 -46.28 -1.64 11.56
C ASP D 257 -46.68 -0.61 12.60
N SER D 258 -46.62 -0.98 13.88
CA SER D 258 -46.97 -0.08 14.98
C SER D 258 -45.93 -0.23 16.08
N GLY D 259 -45.79 0.84 16.85
CA GLY D 259 -44.83 0.85 17.95
C GLY D 259 -44.36 2.27 18.21
N SER D 260 -43.20 2.35 18.88
CA SER D 260 -42.62 3.65 19.20
C SER D 260 -42.24 4.41 17.94
N THR D 261 -41.67 3.72 16.96
CA THR D 261 -41.29 4.37 15.70
C THR D 261 -42.52 4.92 14.97
N LYS D 262 -43.59 4.12 14.90
CA LYS D 262 -44.82 4.57 14.26
C LYS D 262 -45.45 5.74 15.00
N GLU D 263 -45.42 5.69 16.34
CA GLU D 263 -45.99 6.78 17.13
C GLU D 263 -45.19 8.07 16.95
N PHE D 264 -43.86 7.96 16.85
CA PHE D 264 -43.04 9.14 16.59
C PHE D 264 -43.27 9.68 15.19
N PHE D 265 -43.41 8.80 14.21
CA PHE D 265 -43.60 9.24 12.84
C PHE D 265 -45.00 9.79 12.58
N ARG D 266 -45.97 9.44 13.42
CA ARG D 266 -47.33 9.94 13.23
C ARG D 266 -47.40 11.45 13.43
N ARG D 267 -46.70 11.99 14.42
CA ARG D 267 -46.72 13.41 14.72
C ARG D 267 -45.30 13.95 14.72
N SER D 268 -45.05 14.99 13.92
CA SER D 268 -43.72 15.54 13.75
C SER D 268 -43.80 17.06 13.66
N LYS D 269 -42.65 17.70 13.88
CA LYS D 269 -42.55 19.16 13.76
C LYS D 269 -41.23 19.59 13.11
N ILE D 270 -40.57 18.70 12.38
CA ILE D 270 -39.23 18.96 11.84
C ILE D 270 -39.35 19.34 10.38
N ALA D 271 -40.40 18.84 9.72
CA ALA D 271 -40.77 19.02 8.31
C ALA D 271 -39.83 18.29 7.35
N VAL D 272 -38.87 17.52 7.85
CA VAL D 272 -38.12 16.58 7.02
C VAL D 272 -38.68 15.20 7.31
N TYR D 273 -39.06 14.97 8.57
CA TYR D 273 -39.78 13.76 8.93
C TYR D 273 -41.17 13.75 8.31
N GLU D 274 -41.77 14.92 8.07
CA GLU D 274 -42.99 14.98 7.27
C GLU D 274 -42.75 14.53 5.84
N LYS D 275 -41.61 14.90 5.25
CA LYS D 275 -41.27 14.41 3.92
C LYS D 275 -41.09 12.90 3.92
N MET D 276 -40.44 12.37 4.97
CA MET D 276 -40.31 10.92 5.10
C MET D 276 -41.67 10.24 5.26
N TRP D 277 -42.57 10.84 6.03
CA TRP D 277 -43.92 10.29 6.21
C TRP D 277 -44.67 10.28 4.88
N THR D 278 -44.57 11.35 4.10
CA THR D 278 -45.22 11.40 2.80
C THR D 278 -44.61 10.40 1.83
N TYR D 279 -43.29 10.20 1.89
CA TYR D 279 -42.65 9.16 1.08
C TYR D 279 -43.19 7.78 1.44
N MET D 280 -43.30 7.49 2.72
CA MET D 280 -43.82 6.19 3.15
C MET D 280 -45.28 6.02 2.73
N ARG D 281 -46.07 7.09 2.82
CA ARG D 281 -47.48 7.00 2.45
C ARG D 281 -47.67 6.84 0.94
N SER D 282 -46.84 7.50 0.13
CA SER D 282 -46.96 7.44 -1.31
C SER D 282 -46.19 6.29 -1.94
N ALA D 283 -45.39 5.56 -1.17
CA ALA D 283 -44.70 4.40 -1.69
C ALA D 283 -45.63 3.19 -1.66
N GLU D 284 -45.09 2.02 -1.97
CA GLU D 284 -45.87 0.79 -1.96
C GLU D 284 -46.24 0.42 -0.52
N PRO D 285 -47.36 -0.28 -0.33
CA PRO D 285 -47.74 -0.72 1.02
C PRO D 285 -46.90 -1.86 1.59
N SER D 286 -45.86 -2.29 0.87
CA SER D 286 -44.97 -3.34 1.36
C SER D 286 -43.97 -2.84 2.39
N VAL D 287 -43.91 -1.53 2.63
CA VAL D 287 -42.95 -0.98 3.58
C VAL D 287 -43.25 -1.34 5.02
N PHE D 288 -44.44 -1.89 5.30
CA PHE D 288 -44.82 -2.30 6.64
C PHE D 288 -44.52 -3.79 6.82
N THR D 289 -43.73 -4.10 7.86
CA THR D 289 -43.36 -5.48 8.17
C THR D 289 -43.83 -5.83 9.57
N ARG D 290 -44.24 -7.09 9.75
CA ARG D 290 -44.83 -7.51 11.01
C ARG D 290 -43.79 -7.63 12.11
N THR D 291 -42.76 -8.46 11.89
CA THR D 291 -41.76 -8.76 12.89
C THR D 291 -40.38 -8.33 12.41
N THR D 292 -39.49 -8.09 13.37
CA THR D 292 -38.13 -7.69 13.04
C THR D 292 -37.35 -8.83 12.39
N ALA D 293 -37.67 -10.08 12.73
CA ALA D 293 -37.04 -11.21 12.06
C ALA D 293 -37.44 -11.27 10.59
N GLU D 294 -38.72 -11.07 10.30
CA GLU D 294 -39.16 -10.99 8.91
C GLU D 294 -38.53 -9.80 8.20
N GLY D 295 -38.39 -8.68 8.90
CA GLY D 295 -37.76 -7.52 8.28
C GLY D 295 -36.30 -7.74 7.93
N VAL D 296 -35.55 -8.35 8.84
CA VAL D 296 -34.13 -8.60 8.54
C VAL D 296 -34.00 -9.67 7.45
N ALA D 297 -34.90 -10.67 7.43
CA ALA D 297 -34.87 -11.63 6.35
C ALA D 297 -35.20 -10.99 5.01
N ARG D 298 -36.11 -10.01 5.01
CA ARG D 298 -36.44 -9.30 3.78
C ARG D 298 -35.27 -8.45 3.30
N VAL D 299 -34.61 -7.73 4.20
CA VAL D 299 -33.53 -6.86 3.76
C VAL D 299 -32.28 -7.67 3.42
N ARG D 300 -32.17 -8.90 3.92
CA ARG D 300 -30.99 -9.72 3.67
C ARG D 300 -30.89 -10.22 2.24
N LYS D 301 -32.01 -10.32 1.52
CA LYS D 301 -32.02 -10.91 0.20
C LYS D 301 -31.48 -9.99 -0.89
N SER D 302 -31.33 -8.71 -0.62
CA SER D 302 -30.87 -7.76 -1.63
C SER D 302 -29.97 -6.71 -0.99
N LYS D 303 -29.07 -6.16 -1.79
CA LYS D 303 -28.21 -5.07 -1.31
C LYS D 303 -28.97 -3.76 -1.20
N GLY D 304 -30.04 -3.61 -1.96
CA GLY D 304 -30.87 -2.43 -1.89
C GLY D 304 -32.11 -2.66 -1.04
N LYS D 305 -33.25 -2.80 -1.70
CA LYS D 305 -34.56 -3.09 -1.08
C LYS D 305 -34.90 -1.97 -0.10
N PHE D 306 -35.55 -2.29 1.01
CA PHE D 306 -35.97 -1.31 2.00
C PHE D 306 -35.03 -1.39 3.21
N ALA D 307 -34.41 -0.27 3.54
CA ALA D 307 -33.59 -0.15 4.73
C ALA D 307 -34.45 0.29 5.91
N PHE D 308 -33.88 0.20 7.12
CA PHE D 308 -34.67 0.39 8.33
C PHE D 308 -34.26 1.65 9.08
N LEU D 309 -35.21 2.18 9.84
CA LEU D 309 -35.00 3.25 10.81
C LEU D 309 -35.50 2.70 12.14
N LEU D 310 -34.62 2.02 12.88
CA LEU D 310 -35.06 1.24 14.04
C LEU D 310 -34.26 1.65 15.28
N GLU D 311 -34.52 0.94 16.38
CA GLU D 311 -33.89 1.24 17.65
C GLU D 311 -32.39 0.95 17.60
N SER D 312 -31.62 1.82 18.26
CA SER D 312 -30.17 1.67 18.28
C SER D 312 -29.74 0.42 19.05
N THR D 313 -30.50 0.04 20.08
CA THR D 313 -30.17 -1.17 20.84
C THR D 313 -30.29 -2.41 19.97
N MET D 314 -31.40 -2.54 19.23
CA MET D 314 -31.55 -3.68 18.33
C MET D 314 -30.58 -3.60 17.16
N ASN D 315 -30.23 -2.40 16.71
CA ASN D 315 -29.21 -2.28 15.67
C ASN D 315 -27.87 -2.79 16.16
N GLU D 316 -27.46 -2.40 17.37
CA GLU D 316 -26.20 -2.87 17.95
C GLU D 316 -26.24 -4.37 18.19
N TYR D 317 -27.41 -4.90 18.53
CA TYR D 317 -27.58 -6.35 18.65
C TYR D 317 -27.36 -7.05 17.32
N THR D 318 -28.03 -6.59 16.27
CA THR D 318 -27.99 -7.27 14.98
C THR D 318 -26.66 -7.11 14.26
N GLU D 319 -25.90 -6.05 14.57
CA GLU D 319 -24.62 -5.87 13.88
C GLU D 319 -23.52 -6.80 14.38
N GLN D 320 -23.69 -7.43 15.54
CA GLN D 320 -22.68 -8.30 16.12
C GLN D 320 -23.26 -9.67 16.42
N ARG D 321 -23.97 -10.24 15.44
CA ARG D 321 -24.46 -11.60 15.50
C ARG D 321 -23.74 -12.44 14.44
N LYS D 322 -24.19 -13.68 14.26
CA LYS D 322 -23.48 -14.62 13.40
C LYS D 322 -23.35 -14.17 11.94
N PRO D 323 -24.42 -13.67 11.26
CA PRO D 323 -24.19 -13.18 9.88
C PRO D 323 -23.68 -11.75 9.84
N CYS D 324 -22.36 -11.59 9.95
CA CYS D 324 -21.74 -10.25 9.97
C CYS D 324 -21.61 -9.72 8.54
N ASP D 325 -22.74 -9.27 8.00
CA ASP D 325 -22.72 -8.53 6.73
C ASP D 325 -23.32 -7.14 6.87
N THR D 326 -24.50 -7.01 7.48
CA THR D 326 -25.11 -5.71 7.71
C THR D 326 -24.65 -5.18 9.07
N MET D 327 -23.75 -4.20 9.05
CA MET D 327 -23.13 -3.67 10.26
C MET D 327 -22.98 -2.16 10.17
N LYS D 328 -24.02 -1.47 9.73
CA LYS D 328 -23.96 -0.03 9.48
C LYS D 328 -24.90 0.71 10.42
N VAL D 329 -24.37 1.76 11.06
CA VAL D 329 -25.14 2.60 11.96
C VAL D 329 -25.54 3.90 11.27
N GLY D 330 -24.61 4.54 10.57
CA GLY D 330 -24.91 5.82 9.95
C GLY D 330 -25.07 6.92 10.98
N GLY D 331 -25.95 7.87 10.66
CA GLY D 331 -26.23 8.95 11.56
C GLY D 331 -27.16 8.54 12.70
N ASN D 332 -27.37 9.48 13.63
CA ASN D 332 -28.22 9.26 14.78
C ASN D 332 -29.36 10.27 14.78
N LEU D 333 -30.56 9.78 15.06
CA LEU D 333 -31.76 10.62 15.12
C LEU D 333 -32.51 10.32 16.41
N ASP D 334 -33.31 11.30 16.83
CA ASP D 334 -34.18 11.22 18.01
C ASP D 334 -33.39 11.07 19.31
N SER D 335 -34.06 11.14 20.45
CA SER D 335 -33.43 10.96 21.74
C SER D 335 -34.43 10.33 22.69
N LYS D 336 -34.04 9.21 23.30
CA LYS D 336 -34.92 8.51 24.23
C LYS D 336 -34.17 8.23 25.53
N GLY D 337 -34.79 7.49 26.44
CA GLY D 337 -34.16 7.18 27.71
C GLY D 337 -34.59 5.85 28.29
N TYR D 338 -33.62 5.04 28.70
CA TYR D 338 -33.87 3.74 29.31
C TYR D 338 -33.76 3.90 30.83
N GLY D 339 -34.81 3.52 31.55
CA GLY D 339 -34.85 3.72 32.98
C GLY D 339 -35.38 2.48 33.69
N VAL D 340 -35.14 2.46 35.00
CA VAL D 340 -35.58 1.37 35.86
C VAL D 340 -36.87 1.77 36.54
N ALA D 341 -37.87 0.90 36.46
CA ALA D 341 -39.18 1.18 37.04
C ALA D 341 -39.13 1.06 38.56
N THR D 342 -40.04 1.78 39.23
CA THR D 342 -40.13 1.78 40.68
C THR D 342 -41.57 2.13 41.05
N PRO D 343 -42.24 1.30 41.85
CA PRO D 343 -43.62 1.61 42.22
C PRO D 343 -43.72 2.82 43.13
N LYS D 344 -44.88 3.47 43.09
CA LYS D 344 -45.12 4.66 43.89
C LYS D 344 -45.20 4.30 45.37
N GLY D 345 -44.79 5.25 46.21
CA GLY D 345 -44.80 5.04 47.65
C GLY D 345 -43.82 4.00 48.13
N SER D 346 -42.65 3.92 47.52
CA SER D 346 -41.61 2.97 47.89
C SER D 346 -40.40 3.72 48.42
N SER D 347 -39.86 3.25 49.55
CA SER D 347 -38.73 3.90 50.19
C SER D 347 -37.41 3.67 49.46
N LEU D 348 -37.36 2.72 48.52
CA LEU D 348 -36.14 2.40 47.80
C LEU D 348 -35.98 3.16 46.49
N ARG D 349 -36.90 4.10 46.19
CA ARG D 349 -36.80 4.86 44.95
C ARG D 349 -35.55 5.73 44.92
N ILE D 350 -35.33 6.51 45.98
CA ILE D 350 -34.12 7.32 46.06
C ILE D 350 -32.87 6.47 46.11
N PRO D 351 -32.93 5.32 46.79
CA PRO D 351 -31.79 4.42 46.88
C PRO D 351 -31.40 3.89 45.51
N VAL D 352 -32.38 3.41 44.74
CA VAL D 352 -32.06 2.87 43.42
C VAL D 352 -31.64 3.99 42.47
N ASN D 353 -32.20 5.19 42.64
CA ASN D 353 -31.79 6.33 41.82
C ASN D 353 -30.32 6.67 42.06
N LEU D 354 -29.92 6.80 43.33
CA LEU D 354 -28.54 7.10 43.62
C LEU D 354 -27.62 5.94 43.24
N ALA D 355 -28.09 4.70 43.35
CA ALA D 355 -27.27 3.56 42.95
C ALA D 355 -26.99 3.57 41.45
N VAL D 356 -28.03 3.77 40.63
CA VAL D 356 -27.82 3.77 39.19
C VAL D 356 -27.02 5.01 38.77
N LEU D 357 -27.18 6.13 39.46
CA LEU D 357 -26.40 7.32 39.13
C LEU D 357 -24.92 7.12 39.46
N LYS D 358 -24.63 6.55 40.63
CA LYS D 358 -23.24 6.24 40.99
C LYS D 358 -22.64 5.24 40.02
N LEU D 359 -23.42 4.25 39.60
CA LEU D 359 -22.94 3.28 38.61
C LEU D 359 -22.57 3.98 37.30
N SER D 360 -23.51 4.77 36.75
CA SER D 360 -23.28 5.41 35.46
C SER D 360 -22.21 6.50 35.53
N GLU D 361 -21.94 7.03 36.73
CA GLU D 361 -20.90 8.04 36.87
C GLU D 361 -19.52 7.41 37.02
N ALA D 362 -19.36 6.54 38.03
CA ALA D 362 -18.05 5.93 38.27
C ALA D 362 -17.62 5.02 37.13
N GLY D 363 -18.53 4.17 36.66
CA GLY D 363 -18.25 3.35 35.50
C GLY D 363 -18.03 1.89 35.85
N VAL D 364 -19.13 1.13 35.80
CA VAL D 364 -19.09 -0.32 35.61
C VAL D 364 -20.18 -0.81 34.68
N LEU D 365 -21.29 -0.08 34.55
CA LEU D 365 -22.30 -0.42 33.57
C LEU D 365 -21.82 -0.15 32.15
N ASP D 366 -21.04 0.92 31.96
CA ASP D 366 -20.40 1.14 30.65
C ASP D 366 -19.40 0.04 30.32
N LYS D 367 -18.62 -0.40 31.32
CA LYS D 367 -17.71 -1.53 31.13
C LYS D 367 -18.48 -2.79 30.78
N LEU D 368 -19.59 -3.04 31.47
CA LEU D 368 -20.42 -4.21 31.21
C LEU D 368 -21.03 -4.15 29.81
N LYS D 369 -21.48 -2.96 29.40
CA LYS D 369 -22.01 -2.78 28.05
C LYS D 369 -20.94 -3.04 27.00
N ASN D 370 -19.72 -2.54 27.23
CA ASN D 370 -18.63 -2.82 26.31
C ASN D 370 -18.35 -4.31 26.22
N LYS D 371 -18.18 -4.97 27.36
CA LYS D 371 -17.82 -6.38 27.38
C LYS D 371 -18.92 -7.29 26.87
N TRP D 372 -20.17 -6.84 26.90
CA TRP D 372 -21.27 -7.68 26.42
C TRP D 372 -21.73 -7.34 25.01
N TRP D 373 -21.39 -6.17 24.49
CA TRP D 373 -21.84 -5.76 23.16
C TRP D 373 -20.74 -5.73 22.11
N TYR D 374 -19.52 -5.32 22.47
CA TYR D 374 -18.42 -5.27 21.52
C TYR D 374 -17.43 -6.42 21.72
N ASP D 375 -17.03 -6.69 22.97
CA ASP D 375 -16.18 -7.83 23.24
C ASP D 375 -16.90 -9.14 22.98
N LYS D 376 -18.18 -9.23 23.36
CA LYS D 376 -18.99 -10.43 23.12
C LYS D 376 -19.56 -10.32 21.72
N GLY D 377 -18.80 -10.80 20.74
CA GLY D 377 -19.24 -10.80 19.36
C GLY D 377 -18.66 -11.98 18.62
N GLU D 378 -19.41 -12.46 17.63
CA GLU D 378 -18.96 -13.61 16.85
C GLU D 378 -17.85 -13.22 15.88
N CYS D 379 -17.90 -12.01 15.33
CA CYS D 379 -16.89 -11.53 14.39
C CYS D 379 -16.16 -10.34 14.99
N GLY D 380 -14.84 -10.35 14.86
CA GLY D 380 -14.00 -9.24 15.31
C GLY D 380 -13.50 -8.33 14.21
N PRO D 381 -13.91 -8.57 12.96
CA PRO D 381 -13.43 -7.74 11.85
C PRO D 381 -14.05 -6.36 11.84
N LYS D 382 -15.15 -6.15 12.56
CA LYS D 382 -15.77 -4.84 12.61
C LYS D 382 -14.93 -3.86 13.43
N ASP D 383 -14.25 -4.34 14.47
CA ASP D 383 -13.45 -3.46 15.31
C ASP D 383 -12.23 -2.94 14.58
N SER D 384 -11.49 -3.83 13.92
CA SER D 384 -10.28 -3.47 13.19
C SER D 384 -10.37 -3.98 11.76
N GLY D 385 -10.10 -3.10 10.80
CA GLY D 385 -10.14 -3.49 9.41
C GLY D 385 -8.98 -4.39 9.03
N SER D 386 -9.18 -5.16 7.97
CA SER D 386 -8.19 -6.10 7.47
C SER D 386 -8.02 -5.89 5.97
N LYS D 387 -7.18 -6.72 5.36
CA LYS D 387 -6.92 -6.68 3.93
C LYS D 387 -7.50 -7.93 3.27
N ASP D 388 -7.47 -7.93 1.94
CA ASP D 388 -7.96 -9.05 1.16
C ASP D 388 -7.05 -9.26 -0.04
N LYS D 389 -7.02 -10.49 -0.54
CA LYS D 389 -6.22 -10.82 -1.71
C LYS D 389 -6.81 -10.16 -2.95
N THR D 390 -5.93 -9.61 -3.79
CA THR D 390 -6.37 -8.99 -5.03
C THR D 390 -6.91 -10.02 -6.01
N SER D 391 -6.39 -11.26 -5.96
CA SER D 391 -6.82 -12.37 -6.81
C SER D 391 -6.67 -12.05 -8.29
N ALA D 392 -7.33 -12.83 -9.14
CA ALA D 392 -7.32 -12.55 -10.56
C ALA D 392 -8.15 -11.32 -10.87
N LEU D 393 -7.86 -10.69 -12.01
CA LEU D 393 -8.62 -9.53 -12.47
C LEU D 393 -10.04 -9.89 -12.87
N SER D 394 -10.32 -11.19 -13.09
CA SER D 394 -11.61 -11.69 -13.55
C SER D 394 -12.02 -11.02 -14.86
N LEU D 395 -13.31 -11.00 -15.16
CA LEU D 395 -13.79 -10.41 -16.39
C LEU D 395 -14.85 -9.34 -16.14
N SER D 396 -15.29 -9.14 -14.90
CA SER D 396 -16.24 -8.07 -14.61
C SER D 396 -15.63 -6.70 -14.90
N ASN D 397 -14.36 -6.50 -14.56
CA ASN D 397 -13.70 -5.23 -14.80
C ASN D 397 -13.19 -5.07 -16.22
N VAL D 398 -13.29 -6.11 -17.05
CA VAL D 398 -12.74 -6.08 -18.40
C VAL D 398 -13.82 -6.20 -19.47
N ALA D 399 -15.02 -6.66 -19.12
CA ALA D 399 -16.07 -6.89 -20.12
C ALA D 399 -16.46 -5.62 -20.85
N GLY D 400 -16.32 -4.46 -20.19
CA GLY D 400 -16.52 -3.20 -20.87
C GLY D 400 -15.56 -2.96 -22.01
N VAL D 401 -14.32 -3.43 -21.87
CA VAL D 401 -13.35 -3.33 -22.96
C VAL D 401 -13.84 -4.09 -24.18
N PHE D 402 -14.29 -5.33 -23.99
CA PHE D 402 -14.74 -6.09 -25.15
C PHE D 402 -16.09 -5.61 -25.66
N TYR D 403 -16.90 -5.00 -24.79
CA TYR D 403 -18.13 -4.36 -25.26
C TYR D 403 -17.84 -3.18 -26.17
N ILE D 404 -16.88 -2.31 -25.79
CA ILE D 404 -16.55 -1.20 -26.68
C ILE D 404 -15.82 -1.71 -27.92
N LEU D 405 -15.08 -2.82 -27.79
CA LEU D 405 -14.47 -3.45 -28.96
C LEU D 405 -15.51 -3.91 -29.97
N VAL D 406 -16.52 -4.65 -29.51
CA VAL D 406 -17.53 -5.14 -30.42
C VAL D 406 -18.40 -3.99 -30.94
N GLY D 407 -18.61 -2.95 -30.13
CA GLY D 407 -19.32 -1.78 -30.62
C GLY D 407 -18.57 -1.10 -31.75
N GLY D 408 -17.26 -0.92 -31.58
CA GLY D 408 -16.46 -0.34 -32.65
C GLY D 408 -16.41 -1.20 -33.89
N LEU D 409 -16.28 -2.53 -33.72
CA LEU D 409 -16.25 -3.41 -34.88
C LEU D 409 -17.60 -3.44 -35.60
N GLY D 410 -18.70 -3.43 -34.84
CA GLY D 410 -20.02 -3.38 -35.48
C GLY D 410 -20.26 -2.08 -36.20
N LEU D 411 -19.83 -0.95 -35.61
CA LEU D 411 -19.94 0.33 -36.29
C LEU D 411 -19.09 0.35 -37.55
N ALA D 412 -17.89 -0.23 -37.49
CA ALA D 412 -17.03 -0.29 -38.67
C ALA D 412 -17.64 -1.15 -39.77
N MET D 413 -18.23 -2.29 -39.41
CA MET D 413 -18.85 -3.13 -40.43
C MET D 413 -20.11 -2.47 -41.00
N LEU D 414 -20.87 -1.77 -40.17
CA LEU D 414 -22.04 -1.05 -40.65
C LEU D 414 -21.63 0.06 -41.62
N VAL D 415 -20.58 0.82 -41.29
CA VAL D 415 -20.19 1.90 -42.19
C VAL D 415 -19.53 1.32 -43.44
N ALA D 416 -18.87 0.16 -43.35
CA ALA D 416 -18.35 -0.48 -44.56
C ALA D 416 -19.47 -0.93 -45.48
N LEU D 417 -20.54 -1.51 -44.90
CA LEU D 417 -21.68 -1.93 -45.71
C LEU D 417 -22.37 -0.73 -46.35
N ILE D 418 -22.58 0.35 -45.60
CA ILE D 418 -23.20 1.53 -46.19
C ILE D 418 -22.27 2.26 -47.14
N GLU D 419 -20.95 2.10 -47.02
CA GLU D 419 -20.03 2.66 -48.00
C GLU D 419 -20.04 1.86 -49.29
N PHE D 420 -20.18 0.53 -49.18
CA PHE D 420 -20.36 -0.29 -50.37
C PHE D 420 -21.66 0.06 -51.08
N CYS D 421 -22.72 0.31 -50.31
CA CYS D 421 -23.97 0.77 -50.92
C CYS D 421 -23.86 2.19 -51.46
N TYR D 422 -23.01 3.02 -50.86
CA TYR D 422 -22.85 4.42 -51.23
C TYR D 422 -22.07 4.57 -52.53
N LYS D 423 -21.02 3.77 -52.71
CA LYS D 423 -20.17 3.84 -53.89
C LYS D 423 -19.57 2.49 -54.23
N UNK E 1 13.37 -26.95 -10.09
CA UNK E 1 14.11 -25.75 -9.69
C UNK E 1 14.51 -24.92 -10.90
N UNK E 2 13.71 -23.90 -11.21
CA UNK E 2 13.99 -23.03 -12.34
C UNK E 2 15.12 -22.08 -11.98
N UNK E 3 16.18 -22.09 -12.79
CA UNK E 3 17.34 -21.25 -12.56
C UNK E 3 17.96 -20.90 -13.91
N UNK E 4 19.18 -20.37 -13.88
CA UNK E 4 19.87 -20.03 -15.12
C UNK E 4 20.32 -21.26 -15.90
N UNK E 5 20.43 -22.42 -15.25
CA UNK E 5 20.90 -23.62 -15.92
C UNK E 5 19.94 -24.08 -17.00
N UNK E 6 18.64 -24.07 -16.70
CA UNK E 6 17.64 -24.54 -17.68
C UNK E 6 17.55 -23.59 -18.87
N UNK E 7 17.54 -22.29 -18.62
CA UNK E 7 17.50 -21.32 -19.71
C UNK E 7 18.77 -21.38 -20.56
N UNK E 8 19.93 -21.55 -19.91
CA UNK E 8 21.18 -21.69 -20.64
C UNK E 8 21.18 -22.96 -21.49
N UNK E 9 20.64 -24.06 -20.96
CA UNK E 9 20.57 -25.30 -21.73
C UNK E 9 19.63 -25.16 -22.93
N UNK E 10 18.48 -24.49 -22.74
CA UNK E 10 17.55 -24.28 -23.84
C UNK E 10 18.16 -23.39 -24.93
N UNK E 11 18.82 -22.30 -24.51
CA UNK E 11 19.47 -21.43 -25.47
C UNK E 11 20.60 -22.14 -26.20
N UNK E 12 21.36 -22.98 -25.48
CA UNK E 12 22.42 -23.75 -26.11
C UNK E 12 21.86 -24.76 -27.10
N UNK E 13 20.73 -25.38 -26.79
CA UNK E 13 20.10 -26.31 -27.72
C UNK E 13 19.62 -25.60 -28.97
N UNK E 14 19.04 -24.41 -28.82
CA UNK E 14 18.60 -23.63 -29.98
C UNK E 14 19.79 -23.21 -30.84
N UNK E 15 20.88 -22.77 -30.19
CA UNK E 15 22.08 -22.39 -30.92
C UNK E 15 22.70 -23.60 -31.61
N UNK E 16 22.66 -24.77 -30.98
CA UNK E 16 23.17 -25.99 -31.60
C UNK E 16 22.34 -26.38 -32.81
N UNK E 17 21.01 -26.22 -32.73
CA UNK E 17 20.17 -26.51 -33.88
C UNK E 17 20.46 -25.54 -35.04
N UNK E 18 20.62 -24.25 -34.72
CA UNK E 18 20.96 -23.27 -35.75
C UNK E 18 22.32 -23.57 -36.37
N UNK E 19 23.30 -23.94 -35.54
CA UNK E 19 24.62 -24.28 -36.04
C UNK E 19 24.60 -25.56 -36.87
N UNK E 20 23.74 -26.52 -36.51
CA UNK E 20 23.60 -27.74 -37.30
C UNK E 20 23.01 -27.42 -38.67
N UNK E 21 22.00 -26.54 -38.72
CA UNK E 21 21.44 -26.13 -40.00
C UNK E 21 22.48 -25.40 -40.84
N UNK E 22 23.25 -24.51 -40.22
CA UNK E 22 24.31 -23.79 -40.95
C UNK E 22 25.39 -24.74 -41.45
N UNK E 23 25.73 -25.74 -40.64
CA UNK E 23 26.74 -26.72 -41.04
C UNK E 23 26.23 -27.59 -42.19
N UNK E 24 24.93 -27.92 -42.17
CA UNK E 24 24.34 -28.67 -43.28
C UNK E 24 24.37 -27.84 -44.56
N UNK E 25 24.05 -26.55 -44.45
CA UNK E 25 24.11 -25.67 -45.63
C UNK E 25 25.54 -25.55 -46.15
N UNK E 26 26.52 -25.42 -45.23
CA UNK E 26 27.91 -25.33 -45.65
C UNK E 26 28.40 -26.62 -46.28
N UNK E 27 27.95 -27.77 -45.76
CA UNK E 27 28.32 -29.06 -46.34
C UNK E 27 27.72 -29.21 -47.73
N UNK E 28 26.48 -28.75 -47.92
CA UNK E 28 25.87 -28.79 -49.24
C UNK E 28 26.63 -27.90 -50.22
N UNK E 29 27.03 -26.71 -49.76
CA UNK E 29 27.79 -25.80 -50.61
C UNK E 29 29.15 -26.38 -50.97
N UNK E 30 29.80 -27.05 -50.00
CA UNK E 30 31.09 -27.66 -50.27
C UNK E 30 30.97 -28.84 -51.23
N UNK E 31 29.92 -29.65 -51.08
CA UNK E 31 29.70 -30.78 -51.97
C UNK E 31 29.24 -30.33 -53.35
N UNK E 32 28.72 -29.11 -53.47
CA UNK E 32 28.39 -28.56 -54.79
C UNK E 32 29.65 -28.39 -55.64
N UNK E 33 30.73 -27.93 -55.03
CA UNK E 33 32.00 -27.74 -55.73
C UNK E 33 32.68 -29.09 -55.98
N UNK E 34 31.95 -17.20 -55.43
CA UNK E 34 31.94 -16.01 -54.58
C UNK E 34 30.69 -15.96 -53.73
N UNK E 35 29.55 -16.34 -54.32
CA UNK E 35 28.29 -16.36 -53.57
C UNK E 35 28.34 -17.40 -52.46
N UNK E 36 28.91 -18.58 -52.74
CA UNK E 36 29.08 -19.60 -51.71
C UNK E 36 30.03 -19.11 -50.63
N UNK E 37 31.12 -18.45 -51.04
CA UNK E 37 32.07 -17.89 -50.08
C UNK E 37 31.42 -16.79 -49.25
N UNK E 38 30.60 -15.94 -49.87
CA UNK E 38 29.92 -14.88 -49.14
C UNK E 38 28.93 -15.46 -48.14
N UNK E 39 28.17 -16.48 -48.53
CA UNK E 39 27.24 -17.12 -47.61
C UNK E 39 27.98 -17.80 -46.46
N UNK E 40 29.11 -18.45 -46.77
CA UNK E 40 29.92 -19.09 -45.73
C UNK E 40 30.47 -18.06 -44.75
N UNK E 41 30.92 -16.92 -45.26
CA UNK E 41 31.43 -15.87 -44.37
C UNK E 41 30.32 -15.28 -43.52
N UNK E 42 29.14 -15.07 -44.10
CA UNK E 42 28.01 -14.53 -43.33
C UNK E 42 27.57 -15.51 -42.25
N UNK E 43 27.57 -16.81 -42.55
CA UNK E 43 27.22 -17.80 -41.54
C UNK E 43 28.31 -17.92 -40.48
N UNK E 44 29.57 -17.82 -40.88
CA UNK E 44 30.68 -18.00 -39.95
C UNK E 44 30.75 -16.83 -38.97
N UNK E 45 30.52 -15.60 -39.45
CA UNK E 45 30.45 -14.46 -38.55
C UNK E 45 29.34 -14.64 -37.52
N UNK E 46 28.12 -15.03 -37.89
CA UNK E 46 27.15 -15.43 -36.86
C UNK E 46 27.62 -16.60 -36.03
N UNK E 47 28.30 -17.59 -36.65
CA UNK E 47 28.79 -18.73 -35.89
C UNK E 47 29.91 -18.34 -34.94
N UNK E 48 30.83 -17.48 -35.39
CA UNK E 48 31.90 -17.01 -34.51
C UNK E 48 31.34 -16.16 -33.37
N UNK E 49 30.34 -15.33 -33.65
CA UNK E 49 29.70 -14.53 -32.60
C UNK E 49 29.01 -15.42 -31.58
N UNK E 50 28.30 -16.45 -32.05
CA UNK E 50 27.62 -17.37 -31.14
C UNK E 50 28.63 -18.14 -30.29
N UNK E 51 29.73 -18.59 -30.91
CA UNK E 51 30.76 -19.33 -30.17
C UNK E 51 31.42 -18.44 -29.12
N UNK E 52 31.72 -17.19 -29.48
CA UNK E 52 32.31 -16.27 -28.52
C UNK E 52 31.36 -15.95 -27.37
N UNK E 53 30.08 -15.75 -27.68
CA UNK E 53 29.10 -15.48 -26.64
C UNK E 53 28.95 -16.68 -25.71
N UNK E 54 28.92 -17.89 -26.28
CA UNK E 54 28.83 -19.09 -25.44
C UNK E 54 30.06 -19.25 -24.56
N UNK E 55 31.25 -18.99 -25.11
CA UNK E 55 32.47 -19.13 -24.32
C UNK E 55 32.55 -18.08 -23.22
N UNK E 56 32.06 -16.87 -23.49
CA UNK E 56 32.15 -15.79 -22.52
C UNK E 56 30.97 -15.72 -21.55
N UNK E 57 29.90 -16.47 -21.79
CA UNK E 57 28.73 -16.41 -20.92
C UNK E 57 28.35 -17.73 -20.26
N UNK E 58 28.76 -18.88 -20.82
CA UNK E 58 28.38 -20.17 -20.25
C UNK E 58 28.99 -20.36 -18.87
N UNK E 59 30.33 -20.43 -18.82
CA UNK E 59 31.10 -20.63 -17.58
C UNK E 59 30.60 -21.84 -16.80
N UNK E 60 29.90 -21.59 -15.69
CA UNK E 60 29.29 -22.62 -14.85
C UNK E 60 30.34 -23.63 -14.34
N UNK E 61 31.54 -23.12 -14.04
CA UNK E 61 32.64 -23.88 -13.43
C UNK E 61 33.13 -25.03 -14.31
N UNK E 62 34.19 -25.71 -13.85
CA UNK E 62 34.79 -26.80 -14.62
C UNK E 62 34.04 -28.10 -14.41
N UNK E 63 32.72 -28.06 -14.57
CA UNK E 63 31.88 -29.26 -14.66
C UNK E 63 31.15 -29.31 -15.98
N UNK E 64 30.52 -28.20 -16.38
CA UNK E 64 30.04 -28.02 -17.74
C UNK E 64 31.01 -27.22 -18.59
N UNK E 65 31.99 -26.55 -17.97
CA UNK E 65 32.97 -25.77 -18.73
C UNK E 65 33.84 -26.69 -19.57
N UNK E 66 34.02 -27.95 -19.16
CA UNK E 66 34.79 -28.90 -19.96
C UNK E 66 34.14 -29.13 -21.31
N UNK E 67 32.84 -29.44 -21.32
CA UNK E 67 32.12 -29.62 -22.57
C UNK E 67 32.00 -28.31 -23.33
N UNK E 68 31.80 -27.20 -22.61
CA UNK E 68 31.70 -25.90 -23.26
C UNK E 68 32.98 -25.49 -23.98
N UNK E 69 34.13 -25.86 -23.44
CA UNK E 69 35.41 -25.57 -24.07
C UNK E 69 35.79 -26.62 -25.11
N UNK E 70 35.31 -27.86 -24.95
CA UNK E 70 35.50 -28.85 -26.00
C UNK E 70 34.76 -28.44 -27.27
N UNK E 71 33.53 -27.95 -27.13
CA UNK E 71 32.87 -27.29 -28.25
C UNK E 71 33.60 -26.03 -28.67
N UNK E 72 34.01 -25.14 -27.74
CA UNK E 72 34.70 -23.91 -28.17
C UNK E 72 36.06 -24.15 -28.80
N UNK E 73 36.73 -25.25 -28.50
CA UNK E 73 38.02 -25.54 -29.14
C UNK E 73 37.84 -25.72 -30.65
N UNK E 74 36.92 -26.60 -31.05
CA UNK E 74 36.63 -26.78 -32.46
C UNK E 74 35.99 -25.54 -33.07
N UNK E 75 35.17 -24.83 -32.29
CA UNK E 75 34.56 -23.59 -32.79
C UNK E 75 35.61 -22.55 -33.13
N UNK E 76 36.60 -22.36 -32.25
CA UNK E 76 37.66 -21.41 -32.51
C UNK E 76 38.60 -21.90 -33.61
N UNK E 77 38.82 -23.21 -33.70
CA UNK E 77 39.63 -23.75 -34.79
C UNK E 77 38.99 -23.48 -36.15
N UNK E 78 37.67 -23.61 -36.23
CA UNK E 78 36.97 -23.27 -37.47
C UNK E 78 36.93 -21.76 -37.70
N UNK E 79 36.77 -20.99 -36.62
CA UNK E 79 36.62 -19.54 -36.75
C UNK E 79 37.93 -18.88 -37.19
N UNK E 80 39.07 -19.40 -36.74
CA UNK E 80 40.35 -18.85 -37.18
C UNK E 80 40.54 -19.05 -38.67
N UNK E 81 40.21 -20.24 -39.18
CA UNK E 81 40.32 -20.50 -40.61
C UNK E 81 39.31 -19.67 -41.41
N UNK E 82 38.12 -19.47 -40.85
CA UNK E 82 37.13 -18.63 -41.52
C UNK E 82 37.59 -17.18 -41.59
N UNK E 83 38.19 -16.66 -40.51
CA UNK E 83 38.67 -15.29 -40.50
C UNK E 83 39.87 -15.12 -41.43
N UNK E 84 40.76 -16.12 -41.47
CA UNK E 84 41.88 -16.06 -42.41
C UNK E 84 41.41 -16.05 -43.85
N UNK E 85 40.49 -16.91 -44.29
CA UNK E 85 39.97 -16.81 -45.66
C UNK E 85 39.23 -15.51 -45.93
N UNK E 86 38.57 -14.94 -44.94
CA UNK E 86 37.83 -13.69 -45.12
C UNK E 86 38.75 -12.49 -44.90
N UNK E 87 37.93 -30.31 -48.38
CA UNK E 87 38.40 -29.56 -47.21
C UNK E 87 37.22 -29.04 -46.40
N UNK E 88 36.37 -28.24 -47.04
CA UNK E 88 35.21 -27.68 -46.35
C UNK E 88 34.16 -28.75 -46.06
N UNK E 89 34.06 -29.79 -46.89
CA UNK E 89 33.06 -30.83 -46.67
C UNK E 89 33.39 -31.68 -45.45
N UNK E 90 34.65 -32.11 -45.33
CA UNK E 90 35.06 -32.90 -44.17
C UNK E 90 34.98 -32.09 -42.89
N UNK E 91 35.39 -30.81 -42.95
CA UNK E 91 35.29 -29.94 -41.79
C UNK E 91 33.84 -29.73 -41.39
N UNK E 92 32.95 -29.57 -42.37
CA UNK E 92 31.52 -29.41 -42.08
C UNK E 92 30.93 -30.68 -41.48
N UNK E 93 31.35 -31.85 -41.97
CA UNK E 93 30.89 -33.10 -41.38
C UNK E 93 31.37 -33.26 -39.94
N UNK E 94 32.63 -32.92 -39.68
CA UNK E 94 33.16 -32.99 -38.31
C UNK E 94 32.44 -32.00 -37.41
N UNK E 95 32.15 -30.80 -37.91
CA UNK E 95 31.41 -29.81 -37.13
C UNK E 95 29.99 -30.27 -36.86
N UNK E 96 29.35 -30.94 -37.82
CA UNK E 96 28.01 -31.47 -37.61
C UNK E 96 28.02 -32.58 -36.56
N UNK E 97 29.04 -33.45 -36.60
CA UNK E 97 29.16 -34.49 -35.58
C UNK E 97 29.40 -33.88 -34.20
N UNK E 98 30.23 -32.84 -34.12
CA UNK E 98 30.47 -32.16 -32.86
C UNK E 98 29.22 -31.46 -32.35
N UNK E 99 28.43 -30.88 -33.26
CA UNK E 99 27.18 -30.23 -32.86
C UNK E 99 26.15 -31.25 -32.36
N UNK E 100 26.09 -32.41 -33.01
CA UNK E 100 25.20 -33.47 -32.54
C UNK E 100 25.63 -33.97 -31.17
N UNK E 101 26.94 -34.12 -30.96
CA UNK E 101 27.44 -34.53 -29.65
C UNK E 101 27.14 -33.47 -28.59
N UNK E 102 27.27 -32.19 -28.95
CA UNK E 102 26.98 -31.12 -28.01
C UNK E 102 25.48 -31.07 -27.67
N UNK E 103 24.62 -31.30 -28.66
CA UNK E 103 23.19 -31.35 -28.40
C UNK E 103 22.82 -32.52 -27.50
N UNK E 104 23.44 -33.69 -27.74
CA UNK E 104 23.22 -34.84 -26.87
C UNK E 104 23.71 -34.57 -25.45
N UNK E 105 24.85 -33.91 -25.32
CA UNK E 105 25.38 -33.56 -24.00
C UNK E 105 24.48 -32.55 -23.30
N UNK E 106 23.94 -31.59 -24.03
CA UNK E 106 23.00 -30.62 -23.44
C UNK E 106 21.72 -31.31 -22.99
N UNK E 107 21.21 -32.25 -23.78
CA UNK E 107 20.03 -33.01 -23.37
C UNK E 107 20.31 -33.85 -22.13
N UNK E 108 21.49 -34.47 -22.07
CA UNK E 108 21.86 -35.26 -20.90
C UNK E 108 22.02 -34.38 -19.67
N UNK E 109 22.60 -33.19 -19.83
CA UNK E 109 22.73 -32.26 -18.71
C UNK E 109 21.37 -31.78 -18.24
N UNK E 110 20.44 -31.54 -19.17
CA UNK E 110 19.08 -31.17 -18.80
C UNK E 110 18.40 -32.29 -18.01
N UNK E 111 18.51 -33.52 -18.50
CA UNK E 111 17.91 -34.67 -17.82
C UNK E 111 18.60 -34.96 -16.49
N UNK E 112 19.84 -34.53 -16.31
CA UNK E 112 20.54 -34.75 -15.05
C UNK E 112 20.35 -33.62 -14.05
N UNK E 113 19.97 -32.42 -14.50
CA UNK E 113 19.82 -31.27 -13.61
C UNK E 113 18.37 -30.86 -13.42
N UNK E 114 17.65 -30.55 -14.50
CA UNK E 114 16.28 -30.05 -14.36
C UNK E 114 15.31 -31.18 -14.05
N UNK E 115 15.51 -32.36 -14.67
CA UNK E 115 14.65 -33.49 -14.38
C UNK E 115 14.89 -34.00 -12.96
N UNK E 116 16.12 -33.91 -12.47
CA UNK E 116 16.44 -34.31 -11.10
C UNK E 116 16.13 -33.20 -10.09
N UNK E 117 15.72 -32.03 -10.54
CA UNK E 117 15.37 -30.93 -9.65
C UNK E 117 13.94 -31.08 -9.14
N ASP F 1 24.60 34.94 -47.09
CA ASP F 1 24.36 35.27 -45.69
C ASP F 1 25.17 34.39 -44.77
N ARG F 2 26.47 34.69 -44.64
CA ARG F 2 27.36 33.89 -43.82
C ARG F 2 28.21 34.75 -42.88
N GLY F 3 28.48 36.00 -43.27
CA GLY F 3 29.31 36.86 -42.44
C GLY F 3 28.69 37.17 -41.10
N VAL F 4 27.38 37.44 -41.09
CA VAL F 4 26.67 37.61 -39.83
C VAL F 4 26.68 36.31 -39.03
N GLN F 5 26.76 35.16 -39.71
CA GLN F 5 26.82 33.89 -38.99
C GLN F 5 28.17 33.70 -38.31
N MET F 6 29.28 34.04 -38.99
CA MET F 6 30.57 34.01 -38.30
C MET F 6 30.61 35.02 -37.16
N LEU F 7 29.97 36.18 -37.34
CA LEU F 7 29.89 37.14 -36.23
C LEU F 7 29.11 36.55 -35.05
N LEU F 8 28.02 35.84 -35.33
CA LEU F 8 27.23 35.24 -34.25
C LEU F 8 28.01 34.14 -33.55
N THR F 9 28.73 33.31 -34.30
CA THR F 9 29.55 32.28 -33.67
C THR F 9 30.65 32.89 -32.82
N THR F 10 31.29 33.96 -33.31
CA THR F 10 32.34 34.63 -32.55
C THR F 10 31.80 35.21 -31.26
N VAL F 11 30.65 35.89 -31.33
CA VAL F 11 30.11 36.50 -30.12
C VAL F 11 29.58 35.42 -29.16
N GLY F 12 29.06 34.31 -29.68
CA GLY F 12 28.61 33.24 -28.81
C GLY F 12 29.76 32.55 -28.10
N ALA F 13 30.87 32.30 -28.81
CA ALA F 13 32.02 31.69 -28.18
C ALA F 13 32.69 32.64 -27.18
N PHE F 14 32.72 33.94 -27.48
CA PHE F 14 33.24 34.89 -26.49
C PHE F 14 32.31 34.98 -25.27
N ALA F 15 31.00 34.87 -25.48
CA ALA F 15 30.07 34.80 -24.35
C ALA F 15 30.32 33.54 -23.52
N ALA F 16 30.60 32.42 -24.18
CA ALA F 16 30.93 31.19 -23.46
C ALA F 16 32.22 31.34 -22.67
N PHE F 17 33.22 32.02 -23.25
CA PHE F 17 34.47 32.27 -22.53
C PHE F 17 34.24 33.17 -21.32
N SER F 18 33.43 34.21 -21.47
CA SER F 18 33.13 35.09 -20.34
C SER F 18 32.35 34.37 -19.27
N LEU F 19 31.44 33.47 -19.67
CA LEU F 19 30.72 32.66 -18.69
C LEU F 19 31.65 31.70 -17.98
N MET F 20 32.64 31.16 -18.68
CA MET F 20 33.64 30.32 -18.03
C MET F 20 34.45 31.11 -17.01
N THR F 21 34.82 32.35 -17.37
CA THR F 21 35.56 33.20 -16.43
C THR F 21 34.73 33.55 -15.21
N ILE F 22 33.45 33.89 -15.40
CA ILE F 22 32.61 34.24 -14.26
C ILE F 22 32.23 33.01 -13.45
N ALA F 23 32.31 31.82 -14.04
CA ALA F 23 32.03 30.59 -13.31
C ALA F 23 33.23 30.14 -12.50
N VAL F 24 34.44 30.33 -13.01
CA VAL F 24 35.63 29.90 -12.30
C VAL F 24 36.07 30.93 -11.28
N GLY F 25 36.15 32.21 -11.67
CA GLY F 25 36.65 33.22 -10.76
C GLY F 25 35.72 33.51 -9.58
N THR F 26 34.42 33.56 -9.83
CA THR F 26 33.44 33.93 -8.82
C THR F 26 32.68 32.70 -8.34
N ASP F 27 31.80 32.93 -7.37
CA ASP F 27 31.17 31.85 -6.62
C ASP F 27 29.68 32.11 -6.41
N TYR F 28 29.00 32.55 -7.46
CA TYR F 28 27.56 32.80 -7.41
C TYR F 28 26.74 31.57 -7.80
N TRP F 29 27.31 30.37 -7.65
CA TRP F 29 26.69 29.12 -8.10
C TRP F 29 25.31 28.85 -7.51
N LEU F 30 25.22 28.65 -6.20
CA LEU F 30 23.96 28.28 -5.57
C LEU F 30 23.73 29.14 -4.34
N TYR F 31 22.47 29.39 -4.05
CA TYR F 31 22.08 30.17 -2.87
C TYR F 31 21.68 29.22 -1.73
N SER F 32 22.67 28.47 -1.28
CA SER F 32 22.45 27.42 -0.30
C SER F 32 22.27 28.01 1.09
N ARG F 33 21.35 27.41 1.86
CA ARG F 33 21.14 27.78 3.25
C ARG F 33 22.07 26.95 4.14
N GLY F 34 23.35 27.31 4.09
CA GLY F 34 24.38 26.62 4.84
C GLY F 34 24.60 27.22 6.21
N VAL F 35 25.71 26.81 6.82
CA VAL F 35 26.07 27.26 8.17
C VAL F 35 27.20 28.28 8.06
N CYS F 36 27.02 29.42 8.71
CA CYS F 36 28.06 30.46 8.77
C CYS F 36 28.05 31.11 10.15
N GLU F 51 21.93 25.78 11.47
CA GLU F 51 21.94 27.15 10.97
C GLU F 51 21.69 27.18 9.46
N GLU F 52 20.78 28.05 9.03
CA GLU F 52 20.44 28.22 7.62
C GLU F 52 20.63 29.68 7.24
N VAL F 53 21.64 29.95 6.42
CA VAL F 53 21.93 31.30 5.96
C VAL F 53 22.55 31.19 4.58
N MET F 54 22.35 32.22 3.76
CA MET F 54 22.80 32.16 2.36
C MET F 54 24.33 32.11 2.28
N THR F 55 24.84 31.20 1.46
CA THR F 55 26.26 31.02 1.24
C THR F 55 26.58 31.15 -0.24
N HIS F 56 27.76 31.68 -0.54
CA HIS F 56 28.23 31.73 -1.92
C HIS F 56 29.28 30.62 -2.02
N SER F 57 28.81 29.41 -2.30
CA SER F 57 29.67 28.24 -2.38
C SER F 57 30.06 28.03 -3.84
N GLY F 58 31.36 28.15 -4.12
CA GLY F 58 31.86 28.06 -5.48
C GLY F 58 32.35 26.67 -5.83
N LEU F 59 32.72 26.52 -7.10
CA LEU F 59 33.44 25.34 -7.55
C LEU F 59 34.91 25.44 -7.22
N TRP F 60 35.42 26.66 -7.05
CA TRP F 60 36.80 26.92 -6.68
C TRP F 60 36.95 27.62 -5.34
N ARG F 61 35.89 28.26 -4.83
CA ARG F 61 36.02 29.11 -3.65
C ARG F 61 34.66 29.21 -2.96
N THR F 62 34.55 28.65 -1.76
CA THR F 62 33.33 28.73 -0.97
C THR F 62 33.48 29.76 0.15
N CYS F 63 32.55 30.70 0.21
CA CYS F 63 32.58 31.72 1.26
C CYS F 63 31.15 32.02 1.72
N CYS F 64 31.05 32.80 2.78
CA CYS F 64 29.78 33.19 3.38
C CYS F 64 29.54 34.68 3.19
N LEU F 65 28.41 35.14 3.70
CA LEU F 65 28.08 36.56 3.75
C LEU F 65 27.65 37.03 5.13
N GLU F 66 27.14 36.15 5.99
CA GLU F 66 26.77 36.48 7.35
C GLU F 66 27.46 35.53 8.33
N GLY F 67 27.07 35.59 9.60
CA GLY F 67 27.61 34.69 10.61
C GLY F 67 28.61 35.38 11.51
N ASN F 68 29.09 34.61 12.49
CA ASN F 68 30.02 35.10 13.48
C ASN F 68 31.47 35.02 13.04
N PHE F 69 31.76 34.35 11.93
CA PHE F 69 33.13 34.28 11.39
C PHE F 69 33.19 34.76 9.94
N LYS F 70 32.25 35.61 9.53
CA LYS F 70 32.24 36.15 8.18
C LYS F 70 33.50 36.97 7.92
N GLY F 71 34.12 36.74 6.76
CA GLY F 71 35.38 37.38 6.40
C GLY F 71 36.49 36.38 6.09
N LEU F 72 36.46 35.23 6.75
CA LEU F 72 37.44 34.17 6.54
C LEU F 72 36.76 32.96 5.90
N CYS F 73 37.37 32.45 4.83
CA CYS F 73 36.82 31.30 4.11
C CYS F 73 37.96 30.62 3.36
N LYS F 74 37.73 29.37 2.99
CA LYS F 74 38.77 28.54 2.38
C LYS F 74 38.19 27.78 1.18
N GLN F 75 39.02 26.91 0.61
CA GLN F 75 38.65 26.12 -0.56
C GLN F 75 37.79 24.93 -0.15
N ILE F 76 37.19 24.28 -1.16
CA ILE F 76 36.28 23.17 -0.91
C ILE F 76 37.06 21.93 -0.45
N ASP F 77 37.90 21.40 -1.33
CA ASP F 77 38.58 20.14 -1.07
C ASP F 77 39.81 19.99 -1.95
N THR F 89 33.31 0.12 -6.00
CA THR F 89 34.25 0.15 -7.11
C THR F 89 33.74 1.03 -8.24
N ALA F 90 32.68 1.80 -7.95
CA ALA F 90 32.12 2.70 -8.95
C ALA F 90 31.74 4.05 -8.35
N GLU F 91 32.31 4.41 -7.19
CA GLU F 91 31.99 5.67 -6.53
C GLU F 91 33.20 6.51 -6.17
N TYR F 92 34.40 5.93 -6.09
CA TYR F 92 35.58 6.71 -5.72
C TYR F 92 35.98 7.67 -6.83
N PHE F 93 35.83 7.26 -8.09
CA PHE F 93 36.25 8.11 -9.21
C PHE F 93 35.46 9.41 -9.25
N LEU F 94 34.14 9.33 -9.05
CA LEU F 94 33.32 10.54 -9.12
C LEU F 94 33.49 11.42 -7.89
N ARG F 95 33.78 10.82 -6.72
CA ARG F 95 34.13 11.63 -5.56
C ARG F 95 35.44 12.37 -5.81
N ALA F 96 36.41 11.71 -6.44
CA ALA F 96 37.65 12.41 -6.81
C ALA F 96 37.36 13.53 -7.81
N VAL F 97 36.43 13.30 -8.73
CA VAL F 97 36.04 14.36 -9.67
C VAL F 97 35.43 15.53 -8.93
N ARG F 98 34.52 15.27 -8.00
CA ARG F 98 33.87 16.37 -7.28
C ARG F 98 34.87 17.14 -6.43
N ALA F 99 35.83 16.43 -5.82
CA ALA F 99 36.89 17.09 -5.08
C ALA F 99 37.76 17.94 -5.99
N SER F 100 38.12 17.42 -7.17
CA SER F 100 39.05 18.09 -8.07
C SER F 100 38.37 18.94 -9.13
N SER F 101 37.05 18.78 -9.32
CA SER F 101 36.29 19.50 -10.36
C SER F 101 36.89 19.28 -11.75
N ILE F 102 37.29 18.03 -12.02
CA ILE F 102 38.20 17.78 -13.14
C ILE F 102 37.51 17.87 -14.50
N PHE F 103 36.23 17.46 -14.62
CA PHE F 103 35.52 17.67 -15.87
C PHE F 103 35.18 19.13 -16.16
N PRO F 104 34.79 19.96 -15.19
CA PRO F 104 34.74 21.41 -15.48
C PRO F 104 36.09 22.01 -15.88
N ILE F 105 37.20 21.56 -15.29
CA ILE F 105 38.51 22.04 -15.71
C ILE F 105 38.81 21.62 -17.14
N LEU F 106 38.49 20.37 -17.48
CA LEU F 106 38.66 19.91 -18.85
C LEU F 106 37.78 20.70 -19.81
N SER F 107 36.55 21.02 -19.39
CA SER F 107 35.62 21.78 -20.22
C SER F 107 36.17 23.17 -20.50
N VAL F 108 36.63 23.87 -19.46
CA VAL F 108 37.13 25.23 -19.69
C VAL F 108 38.46 25.20 -20.44
N ILE F 109 39.27 24.15 -20.27
CA ILE F 109 40.53 24.05 -20.98
C ILE F 109 40.30 23.85 -22.47
N LEU F 110 39.42 22.90 -22.83
CA LEU F 110 39.14 22.71 -24.25
C LEU F 110 38.25 23.81 -24.82
N LEU F 111 37.54 24.57 -23.96
CA LEU F 111 36.85 25.76 -24.44
C LEU F 111 37.84 26.86 -24.80
N PHE F 112 38.89 27.02 -24.00
CA PHE F 112 39.97 27.95 -24.36
C PHE F 112 40.67 27.48 -25.63
N MET F 113 40.86 26.17 -25.77
CA MET F 113 41.42 25.63 -27.01
C MET F 113 40.51 25.90 -28.20
N GLY F 114 39.19 25.79 -27.99
CA GLY F 114 38.26 26.11 -29.06
C GLY F 114 38.27 27.58 -29.42
N GLY F 115 38.40 28.45 -28.43
CA GLY F 115 38.57 29.87 -28.71
C GLY F 115 39.83 30.15 -29.51
N LEU F 116 40.93 29.50 -29.14
CA LEU F 116 42.17 29.65 -29.90
C LEU F 116 42.03 29.16 -31.33
N CYS F 117 41.37 28.01 -31.52
CA CYS F 117 41.27 27.47 -32.88
C CYS F 117 40.26 28.25 -33.73
N ILE F 118 39.22 28.82 -33.14
CA ILE F 118 38.34 29.65 -33.95
C ILE F 118 38.99 31.01 -34.23
N ALA F 119 39.86 31.49 -33.34
CA ALA F 119 40.67 32.66 -33.67
C ALA F 119 41.59 32.36 -34.84
N ALA F 120 42.19 31.16 -34.85
CA ALA F 120 43.00 30.74 -36.00
C ALA F 120 42.16 30.64 -37.27
N SER F 121 40.94 30.10 -37.15
CA SER F 121 40.08 29.95 -38.32
C SER F 121 39.66 31.30 -38.88
N GLU F 122 39.34 32.26 -38.01
CA GLU F 122 39.04 33.61 -38.47
C GLU F 122 40.29 34.33 -38.95
N PHE F 123 41.48 33.85 -38.59
CA PHE F 123 42.72 34.35 -39.15
C PHE F 123 43.15 33.57 -40.39
N TYR F 124 43.00 32.25 -40.36
CA TYR F 124 43.37 31.38 -41.48
C TYR F 124 42.09 30.75 -42.03
N LYS F 125 41.62 31.26 -43.16
CA LYS F 125 40.40 30.76 -43.79
C LYS F 125 40.65 29.65 -44.78
N THR F 126 41.92 29.32 -45.08
CA THR F 126 42.21 28.30 -46.08
C THR F 126 41.93 26.89 -45.55
N ARG F 127 42.34 26.62 -44.32
CA ARG F 127 42.23 25.27 -43.77
C ARG F 127 40.77 24.95 -43.44
N HIS F 128 40.48 23.64 -43.41
CA HIS F 128 39.13 23.15 -43.24
C HIS F 128 38.94 22.27 -42.00
N ASN F 129 39.93 21.44 -41.66
CA ASN F 129 39.80 20.56 -40.50
C ASN F 129 39.92 21.31 -39.17
N ILE F 130 40.36 22.58 -39.20
CA ILE F 130 40.41 23.38 -37.98
C ILE F 130 39.01 23.57 -37.42
N ILE F 131 38.02 23.79 -38.29
CA ILE F 131 36.65 23.91 -37.79
C ILE F 131 36.05 22.55 -37.46
N LEU F 132 36.57 21.45 -38.01
CA LEU F 132 36.20 20.13 -37.51
C LEU F 132 36.62 19.98 -36.05
N SER F 133 37.87 20.34 -35.76
CA SER F 133 38.35 20.36 -34.38
C SER F 133 37.51 21.31 -33.53
N ALA F 134 37.18 22.49 -34.08
CA ALA F 134 36.37 23.45 -33.33
C ALA F 134 35.02 22.88 -32.94
N GLY F 135 34.36 22.20 -33.89
CA GLY F 135 33.09 21.57 -33.59
C GLY F 135 33.21 20.47 -32.54
N ILE F 136 34.28 19.67 -32.61
CA ILE F 136 34.41 18.65 -31.58
C ILE F 136 34.74 19.28 -30.23
N PHE F 137 35.42 20.43 -30.18
CA PHE F 137 35.55 21.08 -28.86
C PHE F 137 34.23 21.66 -28.37
N PHE F 138 33.37 22.22 -29.25
CA PHE F 138 32.10 22.69 -28.71
C PHE F 138 31.24 21.53 -28.19
N VAL F 139 31.19 20.41 -28.91
CA VAL F 139 30.35 19.32 -28.42
C VAL F 139 30.97 18.66 -27.18
N SER F 140 32.30 18.56 -27.11
CA SER F 140 32.91 18.01 -25.91
C SER F 140 32.78 18.97 -24.74
N ALA F 141 32.76 20.28 -25.00
CA ALA F 141 32.47 21.25 -23.95
C ALA F 141 31.06 21.07 -23.42
N GLY F 142 30.10 20.83 -24.32
CA GLY F 142 28.75 20.55 -23.87
C GLY F 142 28.66 19.31 -23.00
N LEU F 143 29.27 18.21 -23.46
CA LEU F 143 29.26 16.97 -22.69
C LEU F 143 29.99 17.11 -21.36
N SER F 144 31.15 17.76 -21.34
CA SER F 144 31.90 17.90 -20.10
C SER F 144 31.18 18.83 -19.12
N ASN F 145 30.51 19.88 -19.62
CA ASN F 145 29.72 20.74 -18.76
C ASN F 145 28.55 19.97 -18.16
N ILE F 146 27.88 19.13 -18.96
CA ILE F 146 26.81 18.30 -18.41
C ILE F 146 27.34 17.32 -17.38
N ILE F 147 28.47 16.67 -17.65
CA ILE F 147 29.04 15.73 -16.70
C ILE F 147 29.39 16.43 -15.38
N GLY F 148 30.01 17.61 -15.48
CA GLY F 148 30.34 18.36 -14.29
C GLY F 148 29.13 18.81 -13.50
N ILE F 149 28.10 19.31 -14.19
CA ILE F 149 26.93 19.79 -13.47
C ILE F 149 26.13 18.64 -12.87
N ILE F 150 26.14 17.47 -13.51
CA ILE F 150 25.44 16.32 -12.94
C ILE F 150 26.20 15.75 -11.75
N VAL F 151 27.54 15.69 -11.79
CA VAL F 151 28.23 15.23 -10.59
C VAL F 151 28.12 16.27 -9.48
N TYR F 152 28.07 17.56 -9.84
CA TYR F 152 27.87 18.62 -8.85
C TYR F 152 26.50 18.49 -8.18
N ILE F 153 25.46 18.21 -8.97
CA ILE F 153 24.11 18.09 -8.43
C ILE F 153 23.86 16.73 -7.78
N SER F 154 24.68 15.72 -8.08
CA SER F 154 24.61 14.44 -7.41
C SER F 154 25.51 14.38 -6.18
N ALA F 155 26.34 15.40 -5.97
CA ALA F 155 26.95 15.63 -4.68
C ALA F 155 26.23 16.73 -3.89
N ASN F 156 25.35 17.47 -4.54
CA ASN F 156 24.56 18.53 -3.93
C ASN F 156 23.17 18.05 -3.49
N ALA F 157 22.44 17.42 -4.40
CA ALA F 157 21.19 16.76 -4.07
C ALA F 157 21.36 15.28 -3.78
N GLY F 158 22.59 14.76 -3.88
CA GLY F 158 22.88 13.38 -3.60
C GLY F 158 23.20 13.07 -2.15
N ASP F 159 23.11 14.06 -1.27
CA ASP F 159 23.21 13.81 0.16
C ASP F 159 21.85 13.81 0.87
N PRO F 160 21.37 12.65 1.33
CA PRO F 160 20.04 12.61 1.96
C PRO F 160 19.91 13.40 3.24
N SER F 161 21.04 13.72 3.91
CA SER F 161 20.98 14.52 5.13
C SER F 161 20.47 15.93 4.83
N LYS F 162 20.91 16.53 3.73
CA LYS F 162 20.48 17.86 3.35
C LYS F 162 19.28 17.81 2.41
N LYS F 166 18.20 21.56 7.59
CA LYS F 166 17.91 21.46 6.17
C LYS F 166 16.45 21.80 5.88
N LYS F 167 15.89 22.73 6.67
CA LYS F 167 14.52 23.15 6.47
C LYS F 167 14.35 23.88 5.13
N ASN F 168 15.31 24.74 4.79
CA ASN F 168 15.29 25.47 3.53
C ASN F 168 16.45 25.01 2.66
N SER F 169 16.14 24.61 1.44
CA SER F 169 17.14 24.14 0.49
C SER F 169 16.66 24.48 -0.92
N TYR F 170 17.29 23.87 -1.91
CA TYR F 170 17.01 24.04 -3.35
C TYR F 170 17.25 25.52 -3.69
N SER F 171 16.49 26.05 -4.66
CA SER F 171 16.58 27.44 -5.10
C SER F 171 18.01 27.81 -5.51
N TYR F 172 18.45 27.16 -6.59
CA TYR F 172 19.82 27.31 -7.05
C TYR F 172 20.09 28.73 -7.53
N GLY F 173 21.32 29.18 -7.31
CA GLY F 173 21.68 30.57 -7.51
C GLY F 173 21.83 30.92 -8.97
N TRP F 174 22.37 32.13 -9.18
CA TRP F 174 22.39 32.72 -10.52
C TRP F 174 23.45 32.11 -11.43
N SER F 175 24.61 31.70 -10.89
CA SER F 175 25.60 31.09 -11.77
C SER F 175 25.30 29.64 -12.12
N PHE F 176 24.43 28.97 -11.37
CA PHE F 176 23.92 27.69 -11.88
C PHE F 176 23.14 27.91 -13.16
N TYR F 177 22.28 28.94 -13.20
CA TYR F 177 21.61 29.30 -14.43
C TYR F 177 22.57 29.91 -15.44
N PHE F 178 23.70 30.48 -15.00
CA PHE F 178 24.71 30.93 -15.96
C PHE F 178 25.42 29.76 -16.62
N GLY F 179 25.65 28.68 -15.87
CA GLY F 179 26.15 27.46 -16.48
C GLY F 179 25.14 26.84 -17.43
N ALA F 180 23.85 26.90 -17.07
CA ALA F 180 22.81 26.47 -18.00
C ALA F 180 22.79 27.35 -19.25
N LEU F 181 23.00 28.65 -19.08
CA LEU F 181 23.11 29.57 -20.22
C LEU F 181 24.34 29.25 -21.06
N SER F 182 25.45 28.87 -20.41
CA SER F 182 26.63 28.44 -21.13
C SER F 182 26.33 27.19 -21.95
N PHE F 183 25.58 26.25 -21.39
CA PHE F 183 25.17 25.07 -22.16
C PHE F 183 24.28 25.45 -23.34
N ILE F 184 23.33 26.37 -23.14
CA ILE F 184 22.41 26.66 -24.23
C ILE F 184 23.11 27.46 -25.34
N ILE F 185 24.06 28.33 -24.98
CA ILE F 185 24.80 29.00 -26.05
C ILE F 185 25.83 28.07 -26.66
N ALA F 186 26.30 27.06 -25.91
CA ALA F 186 27.14 26.03 -26.50
C ALA F 186 26.34 25.20 -27.50
N GLU F 187 25.07 24.95 -27.20
CA GLU F 187 24.19 24.27 -28.16
C GLU F 187 23.92 25.16 -29.37
N MET F 188 23.75 26.46 -29.15
CA MET F 188 23.55 27.38 -30.27
C MET F 188 24.76 27.41 -31.19
N VAL F 189 25.97 27.47 -30.62
CA VAL F 189 27.15 27.49 -31.47
C VAL F 189 27.43 26.10 -32.04
N GLY F 190 27.02 25.03 -31.34
CA GLY F 190 27.11 23.70 -31.92
C GLY F 190 26.07 23.43 -32.98
N VAL F 191 25.07 24.28 -33.09
CA VAL F 191 24.20 24.26 -34.26
C VAL F 191 24.82 25.06 -35.39
N LEU F 192 25.22 26.30 -35.11
CA LEU F 192 25.59 27.21 -36.20
C LEU F 192 27.00 26.90 -36.74
N ALA F 193 27.95 26.51 -35.89
CA ALA F 193 29.28 26.16 -36.38
C ALA F 193 29.28 24.82 -37.09
N VAL F 194 28.47 23.86 -36.61
CA VAL F 194 28.31 22.64 -37.38
C VAL F 194 27.62 22.94 -38.70
N HIS F 195 26.74 23.96 -38.74
CA HIS F 195 26.19 24.40 -40.02
C HIS F 195 27.25 25.07 -40.89
N MET F 196 28.24 25.75 -40.29
CA MET F 196 29.41 26.18 -41.06
C MET F 196 30.11 24.98 -41.69
N PHE F 197 30.28 23.90 -40.93
CA PHE F 197 30.86 22.70 -41.52
C PHE F 197 30.00 22.15 -42.65
N ILE F 198 28.68 22.17 -42.50
CA ILE F 198 27.81 21.61 -43.54
C ILE F 198 27.89 22.43 -44.82
N ASP F 199 27.75 23.75 -44.73
CA ASP F 199 27.75 24.53 -45.97
C ASP F 199 29.16 24.71 -46.54
N ARG F 200 30.21 24.66 -45.70
CA ARG F 200 31.56 24.65 -46.22
C ARG F 200 31.92 23.30 -46.84
N HIS F 201 31.35 22.21 -46.33
CA HIS F 201 31.63 20.88 -46.87
C HIS F 201 30.93 20.66 -48.20
N LYS F 202 29.68 21.13 -48.33
CA LYS F 202 29.06 21.14 -49.66
C LYS F 202 29.74 22.17 -50.56
N GLN F 203 30.29 23.24 -49.99
CA GLN F 203 31.18 24.11 -50.73
C GLN F 203 32.47 23.37 -51.09
N LEU F 204 32.96 22.52 -50.20
CA LEU F 204 34.15 21.72 -50.46
C LEU F 204 33.86 20.62 -51.47
N UNK G 1 -11.08 28.97 -9.11
CA UNK G 1 -12.19 28.19 -9.65
C UNK G 1 -11.84 27.63 -11.03
N UNK G 2 -11.00 26.59 -11.03
CA UNK G 2 -10.62 25.94 -12.29
C UNK G 2 -11.80 25.19 -12.88
N UNK G 3 -11.97 25.32 -14.20
CA UNK G 3 -13.08 24.68 -14.90
C UNK G 3 -12.67 24.48 -16.35
N UNK G 4 -13.45 23.63 -17.04
CA UNK G 4 -13.21 23.38 -18.46
C UNK G 4 -13.65 24.54 -19.34
N UNK G 5 -14.36 25.52 -18.78
CA UNK G 5 -14.80 26.66 -19.57
C UNK G 5 -13.62 27.48 -20.07
N UNK G 6 -12.57 27.64 -19.25
CA UNK G 6 -11.40 28.41 -19.67
C UNK G 6 -10.66 27.70 -20.80
N UNK G 7 -10.47 26.39 -20.69
CA UNK G 7 -9.79 25.65 -21.76
C UNK G 7 -10.63 25.64 -23.04
N UNK G 8 -11.95 25.50 -22.90
CA UNK G 8 -12.83 25.55 -24.06
C UNK G 8 -12.78 26.92 -24.73
N UNK G 9 -12.73 27.99 -23.92
CA UNK G 9 -12.64 29.34 -24.47
C UNK G 9 -11.31 29.56 -25.17
N UNK G 10 -10.21 29.03 -24.62
CA UNK G 10 -8.92 29.15 -25.28
C UNK G 10 -8.89 28.40 -26.61
N UNK G 11 -9.45 27.19 -26.63
CA UNK G 11 -9.52 26.43 -27.88
C UNK G 11 -10.41 27.14 -28.90
N UNK G 12 -11.53 27.71 -28.45
CA UNK G 12 -12.41 28.44 -29.34
C UNK G 12 -11.75 29.70 -29.87
N UNK G 13 -10.93 30.36 -29.04
CA UNK G 13 -10.20 31.54 -29.49
C UNK G 13 -9.15 31.16 -30.55
N UNK G 14 -8.46 30.04 -30.35
CA UNK G 14 -7.49 29.59 -31.36
C UNK G 14 -8.20 29.24 -32.65
N UNK G 15 -9.34 28.54 -32.56
CA UNK G 15 -10.10 28.19 -33.75
C UNK G 15 -10.66 29.44 -34.45
N UNK G 16 -11.05 30.45 -33.66
CA UNK G 16 -11.55 31.69 -34.23
C UNK G 16 -10.45 32.46 -34.93
N UNK G 17 -9.23 32.44 -34.37
CA UNK G 17 -8.09 33.06 -35.04
C UNK G 17 -7.79 32.36 -36.37
N UNK G 18 -7.81 31.02 -36.36
CA UNK G 18 -7.60 30.28 -37.60
C UNK G 18 -8.69 30.57 -38.62
N UNK G 19 -9.95 30.65 -38.18
CA UNK G 19 -11.05 30.98 -39.07
C UNK G 19 -10.96 32.40 -39.60
N UNK G 20 -10.47 33.33 -38.78
CA UNK G 20 -10.29 34.71 -39.23
C UNK G 20 -9.19 34.79 -40.28
N UNK G 21 -8.11 34.02 -40.09
CA UNK G 21 -7.06 33.96 -41.11
C UNK G 21 -7.59 33.36 -42.40
N UNK G 22 -8.40 32.30 -42.30
CA UNK G 22 -9.00 31.69 -43.50
C UNK G 22 -9.95 32.66 -44.19
N UNK G 23 -10.72 33.43 -43.42
CA UNK G 23 -11.65 34.39 -43.99
C UNK G 23 -10.89 35.53 -44.66
N UNK G 24 -9.78 35.95 -44.08
CA UNK G 24 -8.94 36.98 -44.70
C UNK G 24 -8.36 36.47 -46.01
N UNK G 25 -7.91 35.22 -46.03
CA UNK G 25 -7.40 34.62 -47.28
C UNK G 25 -8.51 34.54 -48.34
N UNK G 26 -9.72 34.15 -47.92
CA UNK G 26 -10.84 34.08 -48.86
C UNK G 26 -11.21 35.46 -49.38
N UNK G 27 -11.16 36.48 -48.54
CA UNK G 27 -11.46 37.83 -48.97
C UNK G 27 -10.40 38.34 -49.94
N UNK G 28 -9.14 38.00 -49.69
CA UNK G 28 -8.07 38.40 -50.60
C UNK G 28 -8.21 37.68 -51.94
N UNK G 29 -8.63 36.42 -51.91
CA UNK G 29 -8.85 35.69 -53.16
C UNK G 29 -10.04 36.24 -53.94
N UNK G 30 -11.11 36.62 -53.23
CA UNK G 30 -12.31 37.12 -53.91
C UNK G 30 -12.09 38.53 -54.46
N UNK G 31 -11.38 39.37 -53.72
CA UNK G 31 -11.14 40.73 -54.18
C UNK G 31 -10.18 40.76 -55.36
N UNK G 32 -9.19 39.86 -55.37
CA UNK G 32 -8.23 39.80 -56.45
C UNK G 32 -8.57 38.67 -57.42
N UNK G 33 -8.32 27.77 -59.48
CA UNK G 33 -7.76 27.34 -58.20
C UNK G 33 -8.44 28.06 -57.04
N UNK G 34 -9.18 29.12 -57.37
CA UNK G 34 -9.90 29.87 -56.34
C UNK G 34 -11.01 29.02 -55.73
N UNK G 35 -11.77 28.30 -56.58
CA UNK G 35 -12.84 27.45 -56.07
C UNK G 35 -12.29 26.26 -55.29
N UNK G 36 -11.20 25.66 -55.77
CA UNK G 36 -10.61 24.52 -55.07
C UNK G 36 -10.05 24.92 -53.71
N UNK G 37 -9.33 26.05 -53.66
CA UNK G 37 -8.81 26.54 -52.39
C UNK G 37 -9.94 26.96 -51.46
N UNK G 38 -11.00 27.54 -52.02
CA UNK G 38 -12.16 27.91 -51.22
C UNK G 38 -12.83 26.69 -50.61
N UNK G 39 -12.95 25.61 -51.39
CA UNK G 39 -13.53 24.37 -50.85
C UNK G 39 -12.63 23.74 -49.81
N UNK G 40 -11.31 23.77 -50.03
CA UNK G 40 -10.38 23.20 -49.06
C UNK G 40 -10.40 23.98 -47.75
N UNK G 41 -10.51 25.30 -47.82
CA UNK G 41 -10.59 26.11 -46.61
C UNK G 41 -11.95 25.95 -45.94
N UNK G 42 -13.02 25.84 -46.74
CA UNK G 42 -14.36 25.69 -46.19
C UNK G 42 -14.53 24.34 -45.51
N UNK G 43 -13.82 23.31 -45.96
CA UNK G 43 -13.77 22.06 -45.19
C UNK G 43 -13.24 22.32 -43.78
N UNK G 44 -12.10 22.98 -43.60
CA UNK G 44 -11.71 23.38 -42.23
C UNK G 44 -12.67 24.38 -41.61
N UNK G 45 -13.10 25.39 -42.36
CA UNK G 45 -13.95 26.43 -41.81
C UNK G 45 -15.30 25.89 -41.36
N UNK G 46 -16.00 25.18 -42.26
CA UNK G 46 -17.31 24.65 -41.89
C UNK G 46 -17.20 23.48 -40.93
N UNK G 47 -16.12 22.69 -41.01
CA UNK G 47 -15.91 21.61 -40.04
C UNK G 47 -15.74 22.18 -38.64
N UNK G 48 -14.92 23.23 -38.50
CA UNK G 48 -14.71 23.86 -37.21
C UNK G 48 -15.99 24.56 -36.74
N UNK G 49 -16.76 25.16 -37.67
CA UNK G 49 -18.01 25.80 -37.29
C UNK G 49 -19.01 24.78 -36.76
N UNK G 50 -19.13 23.62 -37.43
CA UNK G 50 -20.01 22.58 -36.94
C UNK G 50 -19.56 21.99 -35.62
N UNK G 51 -18.25 21.80 -35.46
CA UNK G 51 -17.71 21.30 -34.20
C UNK G 51 -17.96 22.28 -33.07
N UNK G 52 -17.78 23.58 -33.33
CA UNK G 52 -18.04 24.59 -32.31
C UNK G 52 -19.52 24.69 -31.98
N UNK G 53 -20.38 24.55 -32.98
CA UNK G 53 -21.82 24.54 -32.72
C UNK G 53 -22.23 23.34 -31.87
N UNK G 54 -21.65 22.17 -32.17
CA UNK G 54 -21.93 20.98 -31.35
C UNK G 54 -21.40 21.14 -29.94
N UNK G 55 -20.21 21.74 -29.78
CA UNK G 55 -19.65 21.96 -28.46
C UNK G 55 -20.49 22.96 -27.66
N UNK G 56 -20.98 24.01 -28.31
CA UNK G 56 -21.87 24.97 -27.65
C UNK G 56 -23.18 24.31 -27.26
N UNK G 57 -23.69 23.41 -28.12
CA UNK G 57 -24.85 22.61 -27.74
C UNK G 57 -24.52 21.66 -26.59
N UNK G 58 -23.27 21.20 -26.52
CA UNK G 58 -22.81 20.40 -25.39
C UNK G 58 -22.34 21.24 -24.22
N UNK G 59 -22.31 22.57 -24.37
CA UNK G 59 -21.92 23.46 -23.30
C UNK G 59 -23.14 23.79 -22.42
N UNK G 60 -23.00 24.77 -21.55
CA UNK G 60 -24.05 25.16 -20.63
C UNK G 60 -24.41 26.62 -20.81
N UNK G 61 -25.60 26.98 -20.32
CA UNK G 61 -26.14 28.34 -20.33
C UNK G 61 -26.26 28.89 -21.75
N UNK G 62 -26.35 30.21 -21.87
CA UNK G 62 -26.48 30.90 -23.15
C UNK G 62 -25.48 32.06 -23.17
N UNK G 63 -24.26 31.77 -23.61
CA UNK G 63 -23.21 32.79 -23.71
C UNK G 63 -23.33 33.51 -25.04
N UNK G 64 -22.61 34.63 -25.17
CA UNK G 64 -22.58 35.35 -26.45
C UNK G 64 -21.98 34.50 -27.56
N UNK G 65 -21.11 33.56 -27.21
CA UNK G 65 -20.63 32.59 -28.19
C UNK G 65 -21.77 31.72 -28.69
N UNK G 66 -22.71 31.35 -27.81
CA UNK G 66 -23.89 30.63 -28.24
C UNK G 66 -24.76 31.44 -29.16
N UNK G 67 -24.84 32.76 -28.92
CA UNK G 67 -25.62 33.62 -29.81
C UNK G 67 -24.95 33.75 -31.18
N UNK G 68 -23.62 33.87 -31.21
CA UNK G 68 -22.90 33.94 -32.47
C UNK G 68 -22.85 32.59 -33.18
N UNK G 69 -23.11 31.50 -32.45
CA UNK G 69 -23.17 30.18 -33.09
C UNK G 69 -24.25 30.12 -34.18
N UNK G 70 -25.41 30.79 -34.03
CA UNK G 70 -26.43 30.71 -35.08
C UNK G 70 -25.99 31.33 -36.40
N UNK G 71 -25.38 32.52 -36.33
CA UNK G 71 -24.90 33.17 -37.55
C UNK G 71 -23.77 32.38 -38.20
N UNK G 72 -22.85 31.84 -37.40
CA UNK G 72 -21.77 31.03 -37.93
C UNK G 72 -22.31 29.75 -38.56
N UNK G 73 -23.32 29.14 -37.93
CA UNK G 73 -23.92 27.95 -38.50
C UNK G 73 -24.65 28.25 -39.80
N UNK G 74 -25.33 29.40 -39.88
CA UNK G 74 -25.98 29.79 -41.13
C UNK G 74 -24.95 30.04 -42.24
N UNK G 75 -23.83 30.69 -41.89
CA UNK G 75 -22.78 30.91 -42.88
C UNK G 75 -22.16 29.59 -43.34
N UNK G 76 -21.94 28.65 -42.42
CA UNK G 76 -21.41 27.35 -42.79
C UNK G 76 -22.38 26.57 -43.66
N UNK G 77 -23.68 26.66 -43.36
CA UNK G 77 -24.69 26.00 -44.19
C UNK G 77 -24.74 26.61 -45.59
N UNK G 78 -24.63 27.93 -45.69
CA UNK G 78 -24.59 28.59 -47.00
C UNK G 78 -23.35 28.17 -47.78
N UNK G 79 -22.20 28.08 -47.10
CA UNK G 79 -20.98 27.64 -47.78
C UNK G 79 -21.07 26.20 -48.24
N UNK G 80 -21.69 25.33 -47.42
CA UNK G 80 -21.86 23.94 -47.82
C UNK G 80 -22.83 23.81 -48.99
N UNK G 81 -23.90 24.61 -49.00
CA UNK G 81 -24.83 24.60 -50.11
C UNK G 81 -24.20 25.16 -51.38
N UNK G 82 -23.26 26.09 -51.24
CA UNK G 82 -22.52 26.59 -52.40
C UNK G 82 -21.73 25.49 -53.10
N UNK G 83 -21.00 24.61 -52.40
CA UNK G 83 -20.24 23.53 -53.02
C UNK G 83 -21.13 22.40 -53.53
N UNK G 84 -20.02 39.89 -54.82
CA UNK G 84 -20.74 39.62 -53.58
C UNK G 84 -19.92 38.74 -52.66
N UNK G 85 -18.97 38.01 -53.24
CA UNK G 85 -18.11 37.13 -52.44
C UNK G 85 -17.20 37.92 -51.51
N UNK G 86 -16.65 39.04 -52.00
CA UNK G 86 -15.77 39.86 -51.18
C UNK G 86 -16.52 40.52 -50.03
N UNK G 87 -17.72 41.03 -50.29
CA UNK G 87 -18.52 41.64 -49.23
C UNK G 87 -18.94 40.60 -48.19
N UNK G 88 -19.32 39.41 -48.64
CA UNK G 88 -19.69 38.34 -47.71
C UNK G 88 -18.50 37.90 -46.87
N UNK G 89 -17.32 37.83 -47.49
CA UNK G 89 -16.12 37.46 -46.75
C UNK G 89 -15.75 38.53 -45.74
N UNK G 90 -15.90 39.80 -46.10
CA UNK G 90 -15.62 40.88 -45.15
C UNK G 90 -16.60 40.86 -43.99
N UNK G 91 -17.89 40.61 -44.28
CA UNK G 91 -18.88 40.50 -43.21
C UNK G 91 -18.59 39.32 -42.30
N UNK G 92 -18.16 38.19 -42.88
CA UNK G 92 -17.79 37.02 -42.08
C UNK G 92 -16.57 37.31 -41.21
N UNK G 93 -15.59 38.04 -41.75
CA UNK G 93 -14.41 38.42 -40.97
C UNK G 93 -14.79 39.35 -39.82
N UNK G 94 -15.69 40.30 -40.07
CA UNK G 94 -16.15 41.20 -39.00
C UNK G 94 -16.90 40.43 -37.92
N UNK G 95 -17.75 39.48 -38.34
CA UNK G 95 -18.48 38.67 -37.38
C UNK G 95 -17.53 37.79 -36.57
N UNK G 96 -16.50 37.25 -37.21
CA UNK G 96 -15.50 36.45 -36.51
C UNK G 96 -14.72 37.30 -35.50
N UNK G 97 -14.38 38.54 -35.88
CA UNK G 97 -13.70 39.43 -34.94
C UNK G 97 -14.59 39.77 -33.76
N UNK G 98 -15.88 40.02 -34.01
CA UNK G 98 -16.81 40.30 -32.91
C UNK G 98 -16.97 39.08 -32.00
N UNK G 99 -17.04 37.88 -32.58
CA UNK G 99 -17.14 36.67 -31.78
C UNK G 99 -15.87 36.43 -30.96
N UNK G 100 -14.71 36.72 -31.54
CA UNK G 100 -13.46 36.60 -30.81
C UNK G 100 -13.39 37.59 -29.65
N UNK G 101 -13.86 38.82 -29.87
CA UNK G 101 -13.90 39.81 -28.80
C UNK G 101 -14.85 39.37 -27.69
N UNK G 102 -16.02 38.83 -28.06
CA UNK G 102 -16.97 38.35 -27.06
C UNK G 102 -16.40 37.17 -26.28
N UNK G 103 -15.71 36.25 -26.96
CA UNK G 103 -15.09 35.13 -26.28
C UNK G 103 -13.98 35.58 -25.34
N UNK G 104 -13.19 36.57 -25.76
CA UNK G 104 -12.15 37.12 -24.89
C UNK G 104 -12.75 37.79 -23.67
N UNK G 105 -13.85 38.52 -23.85
CA UNK G 105 -14.53 39.14 -22.70
C UNK G 105 -15.08 38.09 -21.74
N UNK G 106 -15.67 37.03 -22.29
CA UNK G 106 -16.19 35.95 -21.45
C UNK G 106 -15.07 35.24 -20.69
N UNK G 107 -13.94 35.00 -21.36
CA UNK G 107 -12.80 34.37 -20.70
C UNK G 107 -12.22 35.27 -19.62
N UNK G 108 -12.18 36.57 -19.86
CA UNK G 108 -11.70 37.51 -18.85
C UNK G 108 -12.64 37.53 -17.66
N UNK G 109 -13.95 37.50 -17.90
CA UNK G 109 -14.91 37.47 -16.81
C UNK G 109 -14.80 36.19 -15.99
N UNK G 110 -14.60 35.05 -16.67
CA UNK G 110 -14.50 33.78 -15.97
C UNK G 110 -13.17 33.59 -15.27
N UNK G 111 -12.10 34.23 -15.75
CA UNK G 111 -10.76 34.01 -15.21
C UNK G 111 -10.41 35.00 -14.12
N UNK G 112 -10.71 36.28 -14.31
CA UNK G 112 -10.37 37.30 -13.32
C UNK G 112 -11.19 37.12 -12.05
N UNK G 113 -12.40 36.58 -12.17
CA UNK G 113 -13.21 36.32 -10.98
C UNK G 113 -12.62 35.21 -10.12
N UNK G 114 -11.95 34.24 -10.74
CA UNK G 114 -11.33 33.14 -10.01
C UNK G 114 -9.93 33.53 -9.53
N ARG H 2 -9.06 -25.01 -58.70
CA ARG H 2 -8.90 -24.68 -57.29
C ARG H 2 -9.99 -25.32 -56.45
N GLY H 3 -10.38 -26.55 -56.82
CA GLY H 3 -11.44 -27.26 -56.14
C GLY H 3 -11.13 -27.61 -54.69
N VAL H 4 -9.85 -27.61 -54.32
CA VAL H 4 -9.48 -27.85 -52.94
C VAL H 4 -10.05 -26.77 -52.03
N GLN H 5 -10.07 -25.52 -52.50
CA GLN H 5 -10.62 -24.44 -51.69
C GLN H 5 -12.12 -24.59 -51.49
N MET H 6 -12.85 -24.97 -52.55
CA MET H 6 -14.30 -25.14 -52.42
C MET H 6 -14.65 -26.35 -51.55
N LEU H 7 -13.87 -27.43 -51.65
CA LEU H 7 -14.15 -28.56 -50.75
C LEU H 7 -13.75 -28.22 -49.32
N LEU H 8 -12.75 -27.35 -49.12
CA LEU H 8 -12.44 -26.86 -47.79
C LEU H 8 -13.60 -26.05 -47.22
N THR H 9 -14.21 -25.19 -48.05
CA THR H 9 -15.40 -24.46 -47.61
C THR H 9 -16.53 -25.42 -47.26
N THR H 10 -16.73 -26.45 -48.07
CA THR H 10 -17.78 -27.44 -47.83
C THR H 10 -17.58 -28.16 -46.49
N VAL H 11 -16.38 -28.70 -46.26
CA VAL H 11 -16.13 -29.46 -45.04
C VAL H 11 -16.15 -28.54 -43.83
N GLY H 12 -15.64 -27.31 -43.97
CA GLY H 12 -15.67 -26.38 -42.86
C GLY H 12 -17.08 -25.97 -42.48
N ALA H 13 -17.94 -25.70 -43.48
CA ALA H 13 -19.32 -25.34 -43.19
C ALA H 13 -20.08 -26.48 -42.54
N PHE H 14 -19.92 -27.71 -43.05
CA PHE H 14 -20.63 -28.83 -42.45
C PHE H 14 -20.11 -29.14 -41.04
N ALA H 15 -18.79 -29.04 -40.83
CA ALA H 15 -18.24 -29.24 -39.49
C ALA H 15 -18.74 -28.18 -38.52
N ALA H 16 -18.82 -26.92 -38.99
CA ALA H 16 -19.34 -25.84 -38.16
C ALA H 16 -20.80 -26.09 -37.80
N PHE H 17 -21.60 -26.55 -38.76
CA PHE H 17 -23.00 -26.85 -38.48
C PHE H 17 -23.11 -27.98 -37.45
N SER H 18 -22.29 -29.03 -37.59
CA SER H 18 -22.34 -30.13 -36.65
C SER H 18 -21.95 -29.68 -35.24
N LEU H 19 -20.90 -28.88 -35.13
CA LEU H 19 -20.44 -28.48 -33.80
C LEU H 19 -21.40 -27.49 -33.14
N MET H 20 -22.01 -26.59 -33.93
CA MET H 20 -23.00 -25.70 -33.32
C MET H 20 -24.25 -26.47 -32.90
N THR H 21 -24.65 -27.49 -33.68
CA THR H 21 -25.78 -28.31 -33.28
C THR H 21 -25.49 -29.02 -31.97
N ILE H 22 -24.33 -29.67 -31.86
CA ILE H 22 -23.97 -30.35 -30.62
C ILE H 22 -23.78 -29.37 -29.47
N ALA H 23 -23.37 -28.13 -29.75
CA ALA H 23 -23.08 -27.17 -28.68
C ALA H 23 -24.36 -26.55 -28.12
N VAL H 24 -25.21 -26.00 -28.98
CA VAL H 24 -26.34 -25.21 -28.49
C VAL H 24 -27.60 -26.07 -28.42
N GLY H 25 -27.69 -27.10 -29.26
CA GLY H 25 -28.86 -27.96 -29.23
C GLY H 25 -28.87 -28.91 -28.04
N THR H 26 -27.70 -29.22 -27.50
CA THR H 26 -27.55 -30.11 -26.36
C THR H 26 -26.89 -29.37 -25.21
N ASP H 27 -27.43 -29.57 -24.00
CA ASP H 27 -26.89 -28.93 -22.80
C ASP H 27 -25.60 -29.63 -22.40
N TYR H 28 -24.46 -29.06 -22.83
CA TYR H 28 -23.15 -29.61 -22.49
C TYR H 28 -22.12 -28.52 -22.22
N TRP H 29 -22.55 -27.33 -21.79
CA TRP H 29 -21.69 -26.15 -21.87
C TRP H 29 -20.57 -26.20 -20.83
N LEU H 30 -20.92 -26.17 -19.54
CA LEU H 30 -19.92 -25.97 -18.50
C LEU H 30 -19.99 -27.06 -17.45
N TYR H 31 -18.85 -27.29 -16.82
CA TYR H 31 -18.76 -28.10 -15.60
C TYR H 31 -18.78 -27.16 -14.40
N SER H 32 -19.46 -27.58 -13.33
CA SER H 32 -19.60 -26.71 -12.17
C SER H 32 -19.81 -27.53 -10.91
N ARG H 33 -19.77 -26.84 -9.77
CA ARG H 33 -20.07 -27.40 -8.46
C ARG H 33 -21.28 -26.72 -7.86
N GLY H 34 -22.25 -26.39 -8.71
CA GLY H 34 -23.44 -25.68 -8.27
C GLY H 34 -24.39 -26.57 -7.49
N VAL H 35 -25.50 -25.98 -7.06
CA VAL H 35 -26.48 -26.66 -6.23
C VAL H 35 -27.68 -27.05 -7.09
N CYS H 36 -28.19 -28.26 -6.86
CA CYS H 36 -29.37 -28.75 -7.57
C CYS H 36 -30.45 -29.17 -6.58
N GLU H 51 -24.90 -27.91 -2.21
CA GLU H 51 -24.24 -29.11 -2.69
C GLU H 51 -23.31 -28.78 -3.85
N GLU H 52 -22.40 -29.70 -4.17
CA GLU H 52 -21.45 -29.54 -5.26
C GLU H 52 -21.72 -30.66 -6.28
N VAL H 53 -22.51 -30.34 -7.31
CA VAL H 53 -22.89 -31.30 -8.33
C VAL H 53 -22.59 -30.71 -9.69
N MET H 54 -22.12 -31.57 -10.62
CA MET H 54 -21.95 -31.13 -11.99
C MET H 54 -23.30 -30.93 -12.66
N THR H 55 -23.38 -29.91 -13.50
CA THR H 55 -24.61 -29.53 -14.18
C THR H 55 -24.37 -29.43 -15.67
N HIS H 56 -25.42 -29.68 -16.44
CA HIS H 56 -25.39 -29.56 -17.90
C HIS H 56 -26.41 -28.51 -18.29
N SER H 57 -25.94 -27.29 -18.56
CA SER H 57 -26.80 -26.16 -18.86
C SER H 57 -26.69 -25.79 -20.33
N GLY H 58 -27.83 -25.67 -20.98
CA GLY H 58 -27.86 -25.30 -22.39
C GLY H 58 -28.60 -24.00 -22.62
N LEU H 59 -29.68 -24.05 -23.40
CA LEU H 59 -30.50 -22.88 -23.67
C LEU H 59 -31.90 -22.99 -23.09
N TRP H 60 -32.48 -24.19 -23.07
CA TRP H 60 -33.85 -24.36 -22.59
C TRP H 60 -33.96 -25.18 -21.31
N ARG H 61 -33.02 -26.10 -21.05
CA ARG H 61 -33.24 -27.12 -20.03
C ARG H 61 -31.90 -27.52 -19.42
N THR H 62 -31.80 -27.45 -18.10
CA THR H 62 -30.58 -27.75 -17.37
C THR H 62 -30.73 -29.07 -16.63
N CYS H 63 -29.77 -29.97 -16.85
CA CYS H 63 -29.80 -31.31 -16.28
C CYS H 63 -28.86 -31.40 -15.08
N CYS H 64 -29.34 -32.00 -14.00
CA CYS H 64 -28.52 -32.35 -12.85
C CYS H 64 -28.20 -33.84 -12.88
N LEU H 65 -27.05 -34.20 -12.34
CA LEU H 65 -26.53 -35.55 -12.49
C LEU H 65 -26.37 -36.33 -11.18
N GLU H 66 -26.33 -35.67 -10.03
CA GLU H 66 -26.17 -36.34 -8.75
C GLU H 66 -27.06 -35.66 -7.73
N GLY H 67 -26.87 -36.00 -6.45
CA GLY H 67 -27.63 -35.41 -5.38
C GLY H 67 -28.93 -36.14 -5.09
N ASN H 68 -29.65 -35.63 -4.10
CA ASN H 68 -30.94 -36.19 -3.73
C ASN H 68 -32.02 -35.90 -4.77
N PHE H 69 -31.77 -34.99 -5.71
CA PHE H 69 -32.66 -34.71 -6.81
C PHE H 69 -32.25 -35.46 -8.08
N LYS H 70 -31.69 -36.65 -7.92
CA LYS H 70 -31.22 -37.44 -9.05
C LYS H 70 -32.38 -37.89 -9.92
N GLY H 71 -32.19 -37.78 -11.23
CA GLY H 71 -33.15 -38.27 -12.20
C GLY H 71 -34.02 -37.21 -12.85
N LEU H 72 -34.06 -35.99 -12.29
CA LEU H 72 -34.90 -34.93 -12.83
C LEU H 72 -34.03 -33.88 -13.53
N CYS H 73 -34.44 -33.49 -14.72
CA CYS H 73 -33.78 -32.43 -15.48
C CYS H 73 -34.77 -31.28 -15.63
N LYS H 74 -34.39 -30.10 -15.16
CA LYS H 74 -35.33 -29.01 -14.93
C LYS H 74 -35.28 -28.01 -16.07
N GLN H 75 -36.46 -27.62 -16.57
CA GLN H 75 -36.56 -26.52 -17.52
C GLN H 75 -36.10 -25.23 -16.87
N ILE H 76 -35.10 -24.58 -17.46
CA ILE H 76 -34.50 -23.38 -16.90
C ILE H 76 -35.03 -22.16 -17.65
N ASP H 77 -35.44 -21.15 -16.90
CA ASP H 77 -35.96 -19.92 -17.48
C ASP H 77 -34.80 -18.97 -17.77
N HIS H 78 -35.14 -17.73 -18.14
CA HIS H 78 -34.20 -16.64 -18.48
C HIS H 78 -33.03 -17.07 -19.36
N THR H 89 -28.52 2.00 -18.16
CA THR H 89 -29.17 1.89 -19.47
C THR H 89 -28.69 0.66 -20.21
N ALA H 90 -27.40 0.32 -20.03
CA ALA H 90 -26.81 -0.83 -20.69
C ALA H 90 -26.89 -2.11 -19.86
N GLU H 91 -27.10 -1.99 -18.54
CA GLU H 91 -27.16 -3.17 -17.70
C GLU H 91 -28.41 -4.00 -18.00
N TYR H 92 -29.53 -3.35 -18.29
CA TYR H 92 -30.74 -4.08 -18.70
C TYR H 92 -30.53 -4.78 -20.03
N PHE H 93 -29.87 -4.10 -20.98
CA PHE H 93 -29.61 -4.71 -22.28
C PHE H 93 -28.71 -5.92 -22.15
N LEU H 94 -27.63 -5.81 -21.36
CA LEU H 94 -26.73 -6.95 -21.22
C LEU H 94 -27.37 -8.09 -20.43
N ARG H 95 -28.23 -7.77 -19.45
CA ARG H 95 -28.96 -8.82 -18.74
C ARG H 95 -29.91 -9.56 -19.67
N ALA H 96 -30.62 -8.81 -20.53
CA ALA H 96 -31.51 -9.45 -21.49
C ALA H 96 -30.73 -10.29 -22.49
N VAL H 97 -29.57 -9.81 -22.92
CA VAL H 97 -28.73 -10.58 -23.84
C VAL H 97 -28.25 -11.86 -23.18
N ARG H 98 -27.81 -11.78 -21.92
CA ARG H 98 -27.32 -12.97 -21.22
C ARG H 98 -28.44 -13.97 -20.93
N ALA H 99 -29.65 -13.48 -20.64
CA ALA H 99 -30.75 -14.37 -20.31
C ALA H 99 -31.34 -15.01 -21.57
N SER H 100 -31.87 -14.18 -22.47
CA SER H 100 -32.55 -14.72 -23.66
C SER H 100 -31.59 -15.29 -24.68
N SER H 101 -30.28 -15.05 -24.54
CA SER H 101 -29.26 -15.49 -25.49
C SER H 101 -29.58 -15.02 -26.91
N ILE H 102 -29.99 -13.76 -27.02
CA ILE H 102 -30.41 -13.23 -28.31
C ILE H 102 -29.23 -13.07 -29.25
N PHE H 103 -28.04 -12.79 -28.73
CA PHE H 103 -26.88 -12.77 -29.62
C PHE H 103 -26.48 -14.18 -30.06
N PRO H 104 -26.47 -15.20 -29.18
CA PRO H 104 -26.34 -16.57 -29.70
C PRO H 104 -27.46 -16.99 -30.64
N ILE H 105 -28.70 -16.54 -30.39
CA ILE H 105 -29.82 -16.89 -31.26
C ILE H 105 -29.63 -16.27 -32.64
N LEU H 106 -29.26 -15.00 -32.68
CA LEU H 106 -28.95 -14.35 -33.95
C LEU H 106 -27.76 -15.00 -34.64
N SER H 107 -26.76 -15.43 -33.87
CA SER H 107 -25.60 -16.10 -34.46
C SER H 107 -26.00 -17.41 -35.13
N VAL H 108 -26.80 -18.23 -34.43
CA VAL H 108 -27.14 -19.55 -34.97
C VAL H 108 -28.10 -19.42 -36.15
N ILE H 109 -29.05 -18.49 -36.07
CA ILE H 109 -29.93 -18.24 -37.21
C ILE H 109 -29.12 -17.70 -38.39
N LEU H 110 -28.18 -16.81 -38.11
CA LEU H 110 -27.39 -16.14 -39.13
C LEU H 110 -26.51 -17.15 -39.86
N LEU H 111 -25.87 -18.06 -39.11
CA LEU H 111 -25.07 -19.09 -39.75
C LEU H 111 -25.93 -20.21 -40.33
N PHE H 112 -27.18 -20.35 -39.90
CA PHE H 112 -28.09 -21.24 -40.62
C PHE H 112 -28.38 -20.72 -42.01
N MET H 113 -28.63 -19.41 -42.13
CA MET H 113 -28.75 -18.79 -43.44
C MET H 113 -27.44 -18.90 -44.22
N GLY H 114 -26.31 -18.77 -43.52
CA GLY H 114 -25.02 -18.98 -44.15
C GLY H 114 -24.84 -20.37 -44.71
N GLY H 115 -25.23 -21.39 -43.94
CA GLY H 115 -25.16 -22.76 -44.43
C GLY H 115 -26.12 -23.02 -45.58
N LEU H 116 -27.28 -22.37 -45.57
CA LEU H 116 -28.20 -22.45 -46.69
C LEU H 116 -27.55 -21.92 -47.96
N CYS H 117 -26.88 -20.76 -47.87
CA CYS H 117 -26.24 -20.27 -49.08
C CYS H 117 -24.94 -20.99 -49.42
N ILE H 118 -24.31 -21.69 -48.47
CA ILE H 118 -23.24 -22.63 -48.83
C ILE H 118 -23.78 -23.79 -49.64
N ALA H 119 -24.94 -24.33 -49.24
CA ALA H 119 -25.58 -25.36 -50.05
C ALA H 119 -25.94 -24.83 -51.43
N ALA H 120 -26.42 -23.59 -51.50
CA ALA H 120 -26.73 -22.96 -52.79
C ALA H 120 -25.48 -22.81 -53.65
N SER H 121 -24.37 -22.35 -53.05
CA SER H 121 -23.14 -22.15 -53.80
C SER H 121 -22.54 -23.48 -54.25
N GLU H 122 -22.70 -24.54 -53.43
CA GLU H 122 -22.31 -25.87 -53.87
C GLU H 122 -23.15 -26.33 -55.05
N PHE H 123 -24.45 -26.01 -55.03
CA PHE H 123 -25.29 -26.31 -56.19
C PHE H 123 -25.07 -25.30 -57.31
N TYR H 124 -25.30 -24.01 -57.03
CA TYR H 124 -25.18 -22.95 -58.02
C TYR H 124 -23.77 -22.36 -57.93
N LYS H 125 -22.92 -22.69 -58.91
CA LYS H 125 -21.55 -22.19 -58.96
C LYS H 125 -21.42 -20.92 -59.80
N THR H 126 -22.51 -20.16 -59.95
CA THR H 126 -22.50 -18.94 -60.76
C THR H 126 -22.87 -17.69 -59.98
N ARG H 127 -23.74 -17.78 -58.98
CA ARG H 127 -24.14 -16.62 -58.20
C ARG H 127 -22.97 -16.10 -57.38
N HIS H 128 -22.80 -14.78 -57.36
CA HIS H 128 -21.66 -14.14 -56.71
C HIS H 128 -22.00 -13.52 -55.36
N ASN H 129 -23.16 -12.87 -55.23
CA ASN H 129 -23.45 -12.11 -54.03
C ASN H 129 -23.73 -13.01 -52.83
N ILE H 130 -24.30 -14.19 -53.06
CA ILE H 130 -24.69 -15.06 -51.95
C ILE H 130 -23.44 -15.57 -51.22
N ILE H 131 -22.38 -15.88 -51.94
CA ILE H 131 -21.21 -16.48 -51.31
C ILE H 131 -20.29 -15.43 -50.66
N LEU H 132 -20.14 -14.26 -51.27
CA LEU H 132 -19.43 -13.18 -50.57
C LEU H 132 -20.21 -12.74 -49.33
N SER H 133 -21.54 -12.61 -49.49
CA SER H 133 -22.39 -12.34 -48.34
C SER H 133 -22.22 -13.42 -47.29
N ALA H 134 -22.05 -14.68 -47.71
CA ALA H 134 -21.80 -15.77 -46.77
C ALA H 134 -20.50 -15.56 -46.02
N GLY H 135 -19.48 -15.03 -46.68
CA GLY H 135 -18.26 -14.65 -45.98
C GLY H 135 -18.52 -13.64 -44.87
N ILE H 136 -19.30 -12.60 -45.18
CA ILE H 136 -19.74 -11.69 -44.12
C ILE H 136 -20.57 -12.41 -43.05
N PHE H 137 -21.40 -13.39 -43.45
CA PHE H 137 -22.16 -14.13 -42.45
C PHE H 137 -21.25 -14.92 -41.51
N PHE H 138 -20.19 -15.55 -42.01
CA PHE H 138 -19.30 -16.27 -41.11
C PHE H 138 -18.57 -15.31 -40.18
N VAL H 139 -18.06 -14.19 -40.69
CA VAL H 139 -17.28 -13.32 -39.80
C VAL H 139 -18.18 -12.66 -38.75
N SER H 140 -19.39 -12.25 -39.15
CA SER H 140 -20.33 -11.66 -38.21
C SER H 140 -20.86 -12.69 -37.23
N ALA H 141 -21.04 -13.95 -37.66
CA ALA H 141 -21.48 -14.99 -36.76
C ALA H 141 -20.39 -15.37 -35.76
N GLY H 142 -19.13 -15.35 -36.19
CA GLY H 142 -18.04 -15.55 -35.25
C GLY H 142 -17.98 -14.44 -34.21
N LEU H 143 -18.14 -13.19 -34.64
CA LEU H 143 -18.19 -12.08 -33.69
C LEU H 143 -19.37 -12.22 -32.74
N SER H 144 -20.55 -12.60 -33.25
CA SER H 144 -21.73 -12.77 -32.41
C SER H 144 -21.55 -13.93 -31.44
N ASN H 145 -20.92 -15.02 -31.88
CA ASN H 145 -20.69 -16.16 -30.99
C ASN H 145 -19.70 -15.80 -29.89
N ILE H 146 -18.62 -15.07 -30.22
CA ILE H 146 -17.66 -14.73 -29.18
C ILE H 146 -18.25 -13.71 -28.20
N ILE H 147 -19.13 -12.81 -28.67
CA ILE H 147 -19.71 -11.90 -27.69
C ILE H 147 -20.81 -12.58 -26.90
N GLY H 148 -21.46 -13.59 -27.45
CA GLY H 148 -22.33 -14.42 -26.63
C GLY H 148 -21.56 -15.18 -25.57
N ILE H 149 -20.36 -15.65 -25.92
CA ILE H 149 -19.51 -16.32 -24.95
C ILE H 149 -19.13 -15.36 -23.82
N ILE H 150 -18.71 -14.13 -24.18
CA ILE H 150 -18.29 -13.21 -23.13
C ILE H 150 -19.49 -12.72 -22.32
N VAL H 151 -20.68 -12.59 -22.92
CA VAL H 151 -21.82 -12.14 -22.13
C VAL H 151 -22.31 -13.25 -21.20
N TYR H 152 -22.23 -14.53 -21.62
CA TYR H 152 -22.67 -15.58 -20.72
C TYR H 152 -21.64 -15.79 -19.61
N ILE H 153 -20.34 -15.64 -19.94
CA ILE H 153 -19.31 -15.72 -18.92
C ILE H 153 -19.22 -14.46 -18.08
N SER H 154 -19.92 -13.39 -18.47
CA SER H 154 -20.13 -12.27 -17.57
C SER H 154 -21.42 -12.41 -16.76
N ALA H 155 -22.36 -13.21 -17.24
CA ALA H 155 -23.45 -13.63 -16.36
C ALA H 155 -22.97 -14.63 -15.32
N ASN H 156 -21.89 -15.35 -15.62
CA ASN H 156 -21.30 -16.32 -14.68
C ASN H 156 -20.14 -15.75 -13.85
N ALA H 157 -19.38 -14.80 -14.39
CA ALA H 157 -18.15 -14.34 -13.76
C ALA H 157 -18.22 -12.85 -13.47
N GLY H 158 -18.85 -12.08 -14.36
CA GLY H 158 -19.19 -10.70 -14.02
C GLY H 158 -20.37 -10.59 -13.10
N ASP H 159 -21.10 -11.69 -12.91
CA ASP H 159 -22.14 -11.82 -11.88
C ASP H 159 -21.73 -13.07 -11.11
N PRO H 160 -20.77 -12.95 -10.19
CA PRO H 160 -20.14 -14.17 -9.63
C PRO H 160 -21.04 -14.96 -8.70
N SER H 161 -22.19 -14.40 -8.28
CA SER H 161 -22.89 -14.84 -7.08
C SER H 161 -21.90 -14.81 -5.91
N LYS H 162 -21.46 -15.96 -5.44
CA LYS H 162 -20.42 -16.00 -4.42
C LYS H 162 -19.04 -16.17 -5.06
N LYS H 167 -11.97 -21.02 -9.01
CA LYS H 167 -11.17 -22.22 -9.20
C LYS H 167 -11.64 -23.00 -10.42
N ASN H 168 -12.61 -23.89 -10.20
CA ASN H 168 -13.17 -24.72 -11.26
C ASN H 168 -14.53 -24.21 -11.73
N SER H 169 -14.93 -23.00 -11.31
CA SER H 169 -16.24 -22.48 -11.70
C SER H 169 -16.29 -22.14 -13.18
N TYR H 170 -15.19 -21.66 -13.75
CA TYR H 170 -15.13 -21.26 -15.16
C TYR H 170 -14.76 -22.42 -16.08
N SER H 171 -15.29 -23.60 -15.77
CA SER H 171 -14.87 -24.82 -16.45
C SER H 171 -15.67 -24.99 -17.73
N TYR H 172 -14.96 -25.12 -18.85
CA TYR H 172 -15.57 -25.33 -20.15
C TYR H 172 -15.70 -26.83 -20.40
N GLY H 173 -16.93 -27.32 -20.48
CA GLY H 173 -17.15 -28.74 -20.72
C GLY H 173 -17.13 -29.12 -22.18
N TRP H 174 -16.13 -28.62 -22.91
CA TRP H 174 -15.85 -28.86 -24.32
C TRP H 174 -16.91 -28.31 -25.26
N SER H 175 -17.98 -27.69 -24.76
CA SER H 175 -18.92 -26.99 -25.62
C SER H 175 -18.58 -25.51 -25.77
N PHE H 176 -17.98 -24.90 -24.73
CA PHE H 176 -17.32 -23.63 -24.95
C PHE H 176 -16.13 -23.78 -25.87
N TYR H 177 -15.48 -24.95 -25.86
CA TYR H 177 -14.46 -25.22 -26.87
C TYR H 177 -15.08 -25.44 -28.24
N PHE H 178 -16.30 -25.97 -28.31
CA PHE H 178 -16.99 -26.00 -29.59
C PHE H 178 -17.36 -24.60 -30.07
N GLY H 179 -17.69 -23.69 -29.15
CA GLY H 179 -17.83 -22.29 -29.53
C GLY H 179 -16.53 -21.66 -29.96
N ALA H 180 -15.42 -22.05 -29.31
CA ALA H 180 -14.11 -21.58 -29.72
C ALA H 180 -13.78 -22.06 -31.12
N LEU H 181 -14.14 -23.31 -31.44
CA LEU H 181 -14.01 -23.79 -32.82
C LEU H 181 -14.93 -23.01 -33.76
N SER H 182 -16.17 -22.75 -33.34
CA SER H 182 -17.11 -21.95 -34.13
C SER H 182 -16.59 -20.54 -34.36
N PHE H 183 -15.63 -20.10 -33.55
CA PHE H 183 -14.90 -18.88 -33.85
C PHE H 183 -13.72 -19.14 -34.80
N ILE H 184 -12.83 -20.05 -34.43
CA ILE H 184 -11.50 -20.09 -35.06
C ILE H 184 -11.53 -20.86 -36.39
N ILE H 185 -12.25 -21.97 -36.49
CA ILE H 185 -12.30 -22.66 -37.78
C ILE H 185 -13.28 -21.97 -38.72
N ALA H 186 -14.25 -21.22 -38.18
CA ALA H 186 -15.04 -20.33 -39.01
C ALA H 186 -14.17 -19.19 -39.55
N GLU H 187 -13.24 -18.70 -38.72
CA GLU H 187 -12.26 -17.74 -39.21
C GLU H 187 -11.40 -18.33 -40.30
N MET H 188 -10.98 -19.59 -40.14
CA MET H 188 -10.16 -20.25 -41.15
C MET H 188 -10.92 -20.43 -42.46
N VAL H 189 -12.17 -20.90 -42.39
CA VAL H 189 -12.93 -21.11 -43.61
C VAL H 189 -13.29 -19.76 -44.25
N GLY H 190 -13.53 -18.73 -43.43
CA GLY H 190 -13.80 -17.41 -43.99
C GLY H 190 -12.58 -16.80 -44.65
N VAL H 191 -11.40 -16.98 -44.05
CA VAL H 191 -10.20 -16.39 -44.64
C VAL H 191 -9.78 -17.16 -45.90
N LEU H 192 -10.01 -18.47 -45.95
CA LEU H 192 -9.72 -19.17 -47.21
C LEU H 192 -10.80 -18.87 -48.25
N ALA H 193 -12.03 -18.57 -47.82
CA ALA H 193 -13.04 -18.08 -48.74
C ALA H 193 -12.65 -16.73 -49.32
N VAL H 194 -12.09 -15.84 -48.50
CA VAL H 194 -11.61 -14.55 -48.97
C VAL H 194 -10.42 -14.73 -49.91
N HIS H 195 -9.53 -15.68 -49.59
CA HIS H 195 -8.46 -16.06 -50.50
C HIS H 195 -8.99 -16.52 -51.85
N MET H 196 -10.12 -17.25 -51.83
CA MET H 196 -10.84 -17.58 -53.05
C MET H 196 -11.53 -16.36 -53.66
N PHE H 197 -11.80 -15.33 -52.87
CA PHE H 197 -12.53 -14.15 -53.30
C PHE H 197 -11.64 -13.04 -53.82
N ILE H 198 -10.45 -12.88 -53.27
CA ILE H 198 -9.45 -12.03 -53.91
C ILE H 198 -8.97 -12.66 -55.21
N ASP H 199 -9.18 -13.97 -55.36
CA ASP H 199 -8.95 -14.65 -56.63
C ASP H 199 -10.20 -14.71 -57.51
N ARG H 200 -11.39 -14.66 -56.91
CA ARG H 200 -12.61 -14.55 -57.70
C ARG H 200 -12.79 -13.16 -58.29
N HIS H 201 -12.24 -12.15 -57.62
CA HIS H 201 -12.18 -10.81 -58.20
C HIS H 201 -11.30 -10.81 -59.45
N LYS H 202 -10.24 -11.61 -59.44
CA LYS H 202 -9.44 -11.82 -60.64
C LYS H 202 -10.19 -12.65 -61.67
N GLN H 203 -10.98 -13.63 -61.21
CA GLN H 203 -11.73 -14.50 -62.11
C GLN H 203 -12.79 -13.72 -62.88
N LEU H 204 -13.49 -12.80 -62.22
CA LEU H 204 -14.47 -11.96 -62.90
C LEU H 204 -13.88 -10.58 -63.20
OAA ZK1 I . -22.55 21.28 35.64
OAB ZK1 I . -20.09 21.64 36.66
OAC ZK1 I . -17.35 20.28 33.77
OAD ZK1 I . -15.53 22.02 34.19
OAE ZK1 I . -16.36 20.55 36.14
FAF ZK1 I . -21.63 23.65 28.96
FAG ZK1 I . -20.01 22.38 28.37
FAH ZK1 I . -19.67 24.48 28.71
CAI ZK1 I . -18.53 23.06 32.47
CAJ ZK1 I . -21.06 22.67 31.44
CAK ZK1 I . -15.77 23.32 28.94
CAL ZK1 I . -16.01 25.46 29.84
CAM ZK1 I . -16.77 22.75 29.92
CAN ZK1 I . -17.06 24.97 30.83
CAO ZK1 I . -17.96 22.53 35.22
NAP ZK1 I . -21.81 21.95 33.61
OAQ ZK1 I . -15.10 24.44 29.48
CAR ZK1 I . -18.77 23.32 31.13
CAS ZK1 I . -20.05 23.13 30.61
CAT ZK1 I . -21.65 21.68 34.92
CAU ZK1 I . -20.26 21.89 35.49
CAV ZK1 I . -20.81 22.41 32.78
CAW ZK1 I . -19.52 22.60 33.31
NAX ZK1 I . -17.73 23.79 30.28
NAY ZK1 I . -19.28 22.33 34.65
CAZ ZK1 I . -20.33 23.40 29.17
PBA ZK1 I . -16.67 21.20 34.79
OAA ZK1 J . 29.08 -6.49 39.20
OAB ZK1 J . 31.53 -5.71 38.44
OAC ZK1 J . 33.46 -3.79 34.15
OAD ZK1 J . 33.59 -5.87 35.62
OAE ZK1 J . 31.45 -5.40 34.27
FAF ZK1 J . 24.91 -2.89 34.74
FAG ZK1 J . 26.04 -2.30 33.02
FAH ZK1 J . 25.78 -0.94 34.67
CAI ZK1 J . 29.63 -2.87 35.23
CAJ ZK1 J . 27.12 -3.70 36.04
CAK ZK1 J . 29.56 -0.75 31.41
CAL ZK1 J . 28.79 0.93 32.86
CAM ZK1 J . 29.63 -1.74 32.56
CAN ZK1 J . 28.83 -0.03 34.05
CAO ZK1 J . 31.99 -3.89 36.46
NAP ZK1 J . 28.14 -5.13 37.66
OAQ ZK1 J . 29.74 0.58 31.88
CAR ZK1 J . 28.50 -2.35 34.61
CAS ZK1 J . 27.23 -2.77 35.02
CAT ZK1 J . 29.19 -5.68 38.32
CAU ZK1 J . 30.57 -5.23 37.87
CAV ZK1 J . 28.25 -4.21 36.65
CAW ZK1 J . 29.53 -3.80 36.25
NAX ZK1 J . 28.64 -1.40 33.56
NAY ZK1 J . 30.65 -4.32 36.88
CAZ ZK1 J . 26.00 -2.22 34.36
PBA ZK1 J . 32.69 -4.83 34.97
OAA ZK1 K . 8.54 -27.63 37.61
OAB ZK1 K . 6.06 -28.58 37.14
OAC ZK1 K . 4.70 -26.79 33.49
OAD ZK1 K . 3.02 -28.69 33.10
OAE ZK1 K . 3.17 -27.56 35.42
FAF ZK1 K . 10.75 -29.10 30.30
FAG ZK1 K . 11.25 -27.18 31.12
FAH ZK1 K . 9.71 -27.32 29.64
CAI ZK1 K . 7.04 -28.83 32.55
CAJ ZK1 K . 9.57 -27.86 33.10
CAK ZK1 K . 6.17 -28.43 28.26
CAL ZK1 K . 6.54 -30.68 28.73
CAM ZK1 K . 6.58 -28.01 29.66
CAN ZK1 K . 7.06 -30.35 30.12
CAO ZK1 K . 5.15 -29.23 34.64
NAP ZK1 K . 9.03 -27.75 35.41
OAQ ZK1 K . 5.62 -29.73 28.25
CAR ZK1 K . 7.93 -28.65 31.52
CAS ZK1 K . 9.22 -28.16 31.80
CAT ZK1 K . 8.21 -27.90 36.47
CAU ZK1 K . 6.82 -28.43 36.19
CAV ZK1 K . 8.67 -28.04 34.13
CAW ZK1 K . 7.39 -28.54 33.86
NAX ZK1 K . 7.54 -28.97 30.19
NAY ZK1 K . 6.49 -28.72 34.91
CAZ ZK1 K . 10.22 -27.93 30.71
PBA ZK1 K . 3.87 -27.93 34.12
OAA ZK1 L . -41.70 1.70 25.37
OAB ZK1 L . -43.65 0.34 24.12
OAC ZK1 L . -44.15 -1.98 19.92
OAD ZK1 L . -45.25 -0.35 21.55
OAE ZK1 L . -42.90 0.16 20.63
FAF ZK1 L . -35.89 -1.89 23.35
FAG ZK1 L . -36.23 -2.25 21.27
FAH ZK1 L . -36.48 -3.83 22.71
CAI ZK1 L . -40.45 -2.49 22.18
CAJ ZK1 L . -38.47 -1.07 23.48
CAK ZK1 L . -38.69 -4.87 18.93
CAL ZK1 L . -39.04 -6.33 20.72
CAM ZK1 L . -39.06 -3.67 19.78
CAN ZK1 L . -39.43 -5.18 21.63
CAO ZK1 L . -43.19 -1.79 22.47
NAP ZK1 L . -40.14 0.35 24.46
OAQ ZK1 L . -39.33 -6.04 19.37
CAR ZK1 L . -39.12 -2.85 22.01
CAS ZK1 L . -38.13 -2.13 22.67
CAT ZK1 L . -41.41 0.76 24.66
CAU ZK1 L . -42.50 -0.02 23.95
CAV ZK1 L . -39.80 -0.71 23.65
CAW ZK1 L . -40.80 -1.42 22.99
NAX ZK1 L . -38.79 -3.94 21.18
NAY ZK1 L . -42.14 -1.05 23.16
CAZ ZK1 L . -36.69 -2.54 22.49
PBA ZK1 L . -43.94 -0.90 20.99
#